data_1XE3
#
_entry.id   1XE3
#
_cell.length_a   63.861
_cell.length_b   128.257
_cell.length_c   223.565
_cell.angle_alpha   90.00
_cell.angle_beta   90.00
_cell.angle_gamma   90.00
#
_symmetry.space_group_name_H-M   'P 21 21 21'
#
loop_
_entity.id
_entity.type
_entity.pdbx_description
1 polymer 'purine nucleoside phosphorylase'
2 non-polymer 'CHLORIDE ION'
3 water water
#
_entity_poly.entity_id   1
_entity_poly.type   'polypeptide(L)'
_entity_poly.pdbx_seq_one_letter_code
;MGSSHHHHHHMSVHIEAKQGEIAESILLPGDPLRAKYIAETFLEDVTCYNNVRGMLGFTGTYKGKRVSVQGTGMGVPSIS
IYVNELIQSYGVKNLIRVGTCGAIQKDVKVRDVIIAMTACTDSNMNRLTFPGFDFAPAANFDLLKKAYDAGTEKGLHVRV
GNVLTADVFYRESMDMVKKLGDYGVLAVEMETTALYTLAAKYGVNALSVLTVSDHIFTGEETTSEERQTTFNEMIEIALD
AAIQQ
;
_entity_poly.pdbx_strand_id   A,B,C,D,E,F
#
loop_
_chem_comp.id
_chem_comp.type
_chem_comp.name
_chem_comp.formula
CL non-polymer 'CHLORIDE ION' 'Cl -1'
#
# COMPACT_ATOMS: atom_id res chain seq x y z
N HIS A 10 -23.59 -24.93 -23.91
CA HIS A 10 -22.62 -24.23 -23.02
C HIS A 10 -22.77 -24.60 -21.55
N MET A 11 -21.67 -25.04 -20.96
CA MET A 11 -21.53 -25.12 -19.51
C MET A 11 -20.30 -24.29 -19.13
N SER A 12 -20.25 -23.84 -17.88
CA SER A 12 -19.08 -23.17 -17.33
C SER A 12 -17.94 -24.18 -17.08
N VAL A 13 -16.76 -23.71 -16.73
CA VAL A 13 -15.65 -24.65 -16.55
C VAL A 13 -15.78 -25.54 -15.32
N HIS A 14 -16.46 -25.09 -14.27
CA HIS A 14 -16.48 -25.84 -13.01
C HIS A 14 -17.85 -26.44 -12.69
N ILE A 15 -18.83 -26.17 -13.56
CA ILE A 15 -20.20 -26.67 -13.40
C ILE A 15 -20.71 -27.27 -14.71
N GLU A 16 -21.16 -28.51 -14.65
CA GLU A 16 -21.53 -29.29 -15.84
C GLU A 16 -23.01 -29.23 -16.18
N ALA A 17 -23.72 -28.32 -15.52
CA ALA A 17 -25.16 -28.09 -15.72
C ALA A 17 -25.48 -27.66 -17.15
N LYS A 18 -26.60 -28.17 -17.64
CA LYS A 18 -27.18 -27.67 -18.90
C LYS A 18 -27.77 -26.31 -18.63
N GLN A 19 -27.78 -25.49 -19.67
CA GLN A 19 -28.44 -24.20 -19.65
C GLN A 19 -29.88 -24.42 -19.20
N GLY A 20 -30.36 -23.62 -18.26
CA GLY A 20 -31.73 -23.77 -17.73
C GLY A 20 -31.93 -24.70 -16.54
N GLU A 21 -30.98 -25.59 -16.28
CA GLU A 21 -31.06 -26.53 -15.13
C GLU A 21 -31.00 -25.87 -13.74
N ILE A 22 -30.36 -24.71 -13.67
CA ILE A 22 -30.17 -24.00 -12.41
C ILE A 22 -31.22 -22.89 -12.34
N ALA A 23 -32.00 -22.88 -11.27
CA ALA A 23 -32.97 -21.82 -11.01
C ALA A 23 -32.32 -20.43 -10.87
N GLU A 24 -33.11 -19.40 -11.06
CA GLU A 24 -32.64 -18.01 -10.92
C GLU A 24 -32.30 -17.66 -9.47
N SER A 25 -32.86 -18.43 -8.54
CA SER A 25 -32.65 -18.25 -7.13
C SER A 25 -31.84 -19.43 -6.61
N ILE A 26 -30.88 -19.15 -5.74
CA ILE A 26 -29.94 -20.17 -5.31
C ILE A 26 -29.48 -19.95 -3.87
N LEU A 27 -29.40 -21.04 -3.10
CA LEU A 27 -28.74 -21.02 -1.81
C LEU A 27 -27.31 -21.52 -1.95
N LEU A 28 -26.43 -20.96 -1.13
CA LEU A 28 -25.00 -21.25 -1.21
C LEU A 28 -24.56 -21.65 0.17
N PRO A 29 -24.80 -22.93 0.53
CA PRO A 29 -24.58 -23.35 1.91
C PRO A 29 -23.16 -23.76 2.23
N GLY A 30 -22.19 -23.48 1.37
CA GLY A 30 -20.79 -23.84 1.61
C GLY A 30 -20.42 -25.29 1.26
N ASP A 31 -20.34 -26.13 2.29
CA ASP A 31 -20.08 -27.59 2.17
C ASP A 31 -21.08 -28.27 1.20
N PRO A 32 -20.57 -29.01 0.17
CA PRO A 32 -21.45 -29.70 -0.78
C PRO A 32 -22.42 -30.69 -0.14
N LEU A 33 -22.03 -31.25 1.02
CA LEU A 33 -22.88 -32.15 1.78
C LEU A 33 -24.01 -31.41 2.54
N ARG A 34 -23.82 -30.11 2.78
CA ARG A 34 -24.92 -29.27 3.29
C ARG A 34 -25.91 -28.94 2.18
N ALA A 35 -25.41 -28.70 0.97
CA ALA A 35 -26.28 -28.58 -0.21
C ALA A 35 -27.16 -29.83 -0.38
N LYS A 36 -26.56 -31.01 -0.27
CA LYS A 36 -27.29 -32.28 -0.35
C LYS A 36 -28.34 -32.39 0.76
N TYR A 37 -27.95 -32.03 1.97
CA TYR A 37 -28.86 -32.07 3.09
C TYR A 37 -30.07 -31.19 2.83
N ILE A 38 -29.82 -30.00 2.30
CA ILE A 38 -30.87 -29.03 2.01
C ILE A 38 -31.84 -29.56 0.95
N ALA A 39 -31.29 -30.10 -0.14
CA ALA A 39 -32.07 -30.62 -1.25
C ALA A 39 -32.96 -31.79 -0.86
N GLU A 40 -32.39 -32.74 -0.14
CA GLU A 40 -33.11 -33.94 0.31
C GLU A 40 -34.16 -33.60 1.35
N THR A 41 -33.81 -32.72 2.28
CA THR A 41 -34.72 -32.40 3.38
C THR A 41 -35.83 -31.44 3.00
N PHE A 42 -35.54 -30.42 2.20
CA PHE A 42 -36.47 -29.31 1.99
C PHE A 42 -37.15 -29.31 0.63
N LEU A 43 -36.53 -29.92 -0.37
CA LEU A 43 -36.95 -29.77 -1.76
C LEU A 43 -37.64 -31.02 -2.30
N GLU A 44 -38.60 -30.81 -3.20
CA GLU A 44 -39.22 -31.90 -3.99
C GLU A 44 -38.64 -31.97 -5.40
N ASP A 45 -38.79 -33.13 -6.04
CA ASP A 45 -38.49 -33.31 -7.47
C ASP A 45 -37.07 -32.81 -7.76
N VAL A 46 -36.11 -33.29 -6.99
CA VAL A 46 -34.75 -32.78 -7.08
C VAL A 46 -33.90 -33.50 -8.12
N THR A 47 -33.11 -32.68 -8.81
CA THR A 47 -32.10 -33.12 -9.76
C THR A 47 -30.73 -32.67 -9.25
N CYS A 48 -29.72 -33.54 -9.39
CA CYS A 48 -28.35 -33.12 -9.16
C CYS A 48 -27.74 -32.75 -10.51
N TYR A 49 -27.46 -31.46 -10.68
CA TYR A 49 -27.02 -30.95 -11.97
C TYR A 49 -25.51 -30.84 -12.07
N ASN A 50 -24.81 -31.02 -10.95
CA ASN A 50 -23.35 -30.97 -10.97
C ASN A 50 -22.70 -31.91 -9.96
N ASN A 51 -21.65 -32.62 -10.39
CA ASN A 51 -20.73 -33.34 -9.49
C ASN A 51 -19.27 -33.04 -9.81
N VAL A 52 -18.98 -32.10 -10.71
CA VAL A 52 -17.57 -31.77 -10.95
C VAL A 52 -16.92 -31.26 -9.65
N ARG A 53 -15.76 -31.87 -9.37
CA ARG A 53 -14.98 -31.71 -8.13
C ARG A 53 -15.75 -32.10 -6.89
N GLY A 54 -16.76 -32.93 -7.07
CA GLY A 54 -17.71 -33.24 -5.98
C GLY A 54 -18.38 -32.02 -5.36
N MET A 55 -18.45 -30.91 -6.11
CA MET A 55 -19.10 -29.71 -5.61
C MET A 55 -20.57 -29.75 -6.00
N LEU A 56 -21.32 -30.54 -5.22
CA LEU A 56 -22.72 -30.87 -5.54
C LEU A 56 -23.60 -29.62 -5.69
N GLY A 57 -24.44 -29.66 -6.74
CA GLY A 57 -25.46 -28.64 -6.98
C GLY A 57 -26.77 -29.30 -7.37
N PHE A 58 -27.88 -28.84 -6.82
CA PHE A 58 -29.19 -29.44 -7.04
C PHE A 58 -30.19 -28.37 -7.42
N THR A 59 -31.18 -28.77 -8.21
CA THR A 59 -32.39 -27.96 -8.43
C THR A 59 -33.64 -28.79 -8.05
N GLY A 60 -34.52 -28.20 -7.25
CA GLY A 60 -35.75 -28.85 -6.85
C GLY A 60 -36.86 -27.85 -6.70
N THR A 61 -37.98 -28.27 -6.15
CA THR A 61 -39.09 -27.34 -5.98
C THR A 61 -39.50 -27.19 -4.52
N TYR A 62 -39.88 -25.96 -4.21
CA TYR A 62 -40.20 -25.53 -2.87
C TYR A 62 -41.37 -24.56 -2.97
N LYS A 63 -42.48 -24.90 -2.32
CA LYS A 63 -43.72 -24.13 -2.45
C LYS A 63 -44.01 -23.79 -3.93
N GLY A 64 -43.98 -24.81 -4.78
CA GLY A 64 -44.32 -24.65 -6.17
C GLY A 64 -43.39 -23.81 -7.01
N LYS A 65 -42.21 -23.50 -6.49
CA LYS A 65 -41.21 -22.72 -7.20
C LYS A 65 -39.92 -23.51 -7.35
N ARG A 66 -39.30 -23.42 -8.51
CA ARG A 66 -37.97 -23.99 -8.73
C ARG A 66 -36.90 -23.14 -8.03
N VAL A 67 -35.88 -23.82 -7.49
CA VAL A 67 -34.87 -23.19 -6.64
C VAL A 67 -33.69 -24.15 -6.55
N SER A 68 -32.49 -23.57 -6.47
CA SER A 68 -31.25 -24.30 -6.53
C SER A 68 -30.47 -24.18 -5.23
N VAL A 69 -29.59 -25.16 -5.01
CA VAL A 69 -28.67 -25.17 -3.89
C VAL A 69 -27.34 -25.68 -4.41
N GLN A 70 -26.30 -24.86 -4.26
CA GLN A 70 -25.00 -25.08 -4.89
C GLN A 70 -23.89 -24.97 -3.84
N GLY A 71 -23.18 -26.06 -3.61
CA GLY A 71 -21.97 -26.04 -2.82
C GLY A 71 -20.94 -25.14 -3.46
N THR A 72 -20.26 -24.36 -2.63
CA THR A 72 -19.07 -23.61 -3.01
C THR A 72 -17.94 -24.06 -2.05
N GLY A 73 -16.71 -23.73 -2.37
CA GLY A 73 -15.63 -24.11 -1.47
C GLY A 73 -15.45 -23.05 -0.42
N MET A 74 -14.30 -23.11 0.26
CA MET A 74 -13.93 -22.12 1.27
C MET A 74 -13.01 -21.02 0.72
N GLY A 75 -13.38 -19.77 0.98
CA GLY A 75 -12.58 -18.61 0.65
C GLY A 75 -13.05 -17.81 -0.56
N VAL A 76 -12.65 -16.54 -0.58
CA VAL A 76 -12.94 -15.62 -1.69
C VAL A 76 -12.66 -16.21 -3.10
N PRO A 77 -11.43 -16.72 -3.35
CA PRO A 77 -11.17 -17.28 -4.68
C PRO A 77 -12.09 -18.42 -5.10
N SER A 78 -12.39 -19.35 -4.20
CA SER A 78 -13.30 -20.46 -4.55
C SER A 78 -14.72 -20.00 -4.84
N ILE A 79 -15.32 -19.27 -3.90
CA ILE A 79 -16.67 -18.79 -4.12
C ILE A 79 -16.78 -17.83 -5.31
N SER A 80 -15.72 -17.07 -5.59
CA SER A 80 -15.72 -16.12 -6.74
C SER A 80 -15.86 -16.86 -8.07
N ILE A 81 -15.17 -17.99 -8.18
CA ILE A 81 -15.25 -18.85 -9.35
C ILE A 81 -16.69 -19.29 -9.60
N TYR A 82 -17.34 -19.84 -8.58
CA TYR A 82 -18.69 -20.40 -8.69
C TYR A 82 -19.73 -19.31 -8.90
N VAL A 83 -19.59 -18.21 -8.18
CA VAL A 83 -20.55 -17.12 -8.31
C VAL A 83 -20.48 -16.49 -9.70
N ASN A 84 -19.26 -16.18 -10.16
CA ASN A 84 -19.02 -15.72 -11.53
C ASN A 84 -19.73 -16.61 -12.56
N GLU A 85 -19.61 -17.93 -12.38
CA GLU A 85 -20.19 -18.87 -13.32
C GLU A 85 -21.72 -18.94 -13.27
N LEU A 86 -22.25 -18.88 -12.05
CA LEU A 86 -23.70 -18.95 -11.86
C LEU A 86 -24.39 -17.77 -12.51
N ILE A 87 -23.85 -16.57 -12.29
CA ILE A 87 -24.42 -15.35 -12.81
C ILE A 87 -24.25 -15.28 -14.31
N GLN A 88 -23.00 -15.46 -14.72
CA GLN A 88 -22.55 -15.17 -16.06
C GLN A 88 -22.98 -16.24 -17.04
N SER A 89 -22.80 -17.50 -16.68
CA SER A 89 -23.17 -18.64 -17.56
C SER A 89 -24.57 -19.21 -17.33
N TYR A 90 -25.15 -19.01 -16.15
CA TYR A 90 -26.44 -19.62 -15.80
C TYR A 90 -27.58 -18.64 -15.44
N GLY A 91 -27.34 -17.33 -15.53
CA GLY A 91 -28.40 -16.30 -15.40
C GLY A 91 -29.07 -16.20 -14.03
N VAL A 92 -28.29 -16.53 -13.01
CA VAL A 92 -28.77 -16.60 -11.64
C VAL A 92 -28.90 -15.16 -11.10
N LYS A 93 -30.01 -14.87 -10.43
CA LYS A 93 -30.38 -13.49 -10.06
C LYS A 93 -30.33 -13.24 -8.56
N ASN A 94 -30.62 -14.25 -7.76
CA ASN A 94 -30.68 -14.10 -6.33
C ASN A 94 -29.85 -15.20 -5.63
N LEU A 95 -28.86 -14.77 -4.85
CA LEU A 95 -27.85 -15.67 -4.25
C LEU A 95 -27.79 -15.46 -2.75
N ILE A 96 -28.19 -16.47 -1.97
CA ILE A 96 -28.14 -16.36 -0.51
C ILE A 96 -27.19 -17.37 0.10
N ARG A 97 -26.12 -16.84 0.68
CA ARG A 97 -25.16 -17.62 1.45
C ARG A 97 -25.74 -17.91 2.84
N VAL A 98 -25.81 -19.20 3.17
CA VAL A 98 -26.19 -19.61 4.51
C VAL A 98 -24.99 -20.38 5.04
N GLY A 99 -24.42 -19.89 6.14
CA GLY A 99 -23.19 -20.43 6.65
C GLY A 99 -23.04 -20.15 8.11
N THR A 100 -21.81 -20.26 8.58
CA THR A 100 -21.43 -20.03 9.97
C THR A 100 -20.32 -18.96 10.03
N CYS A 101 -20.03 -18.48 11.24
CA CYS A 101 -19.01 -17.47 11.48
C CYS A 101 -18.50 -17.57 12.92
N GLY A 102 -17.33 -16.97 13.16
CA GLY A 102 -16.77 -16.87 14.50
C GLY A 102 -16.93 -15.46 15.01
N ALA A 103 -17.58 -15.31 16.17
CA ALA A 103 -17.79 -14.00 16.78
C ALA A 103 -16.48 -13.33 17.15
N ILE A 104 -16.36 -12.04 16.88
CA ILE A 104 -15.16 -11.27 17.22
C ILE A 104 -15.43 -10.05 18.12
N GLN A 105 -16.71 -9.81 18.40
CA GLN A 105 -17.19 -8.71 19.22
C GLN A 105 -17.59 -9.36 20.55
N LYS A 106 -17.24 -8.70 21.65
CA LYS A 106 -17.21 -9.31 23.00
C LYS A 106 -18.53 -9.83 23.58
N ASP A 107 -19.64 -9.22 23.16
CA ASP A 107 -20.97 -9.58 23.62
C ASP A 107 -21.84 -10.24 22.56
N VAL A 108 -21.28 -10.54 21.38
CA VAL A 108 -21.94 -11.42 20.41
C VAL A 108 -21.85 -12.84 20.96
N LYS A 109 -22.92 -13.62 20.80
CA LYS A 109 -23.07 -14.93 21.44
C LYS A 109 -23.12 -16.05 20.41
N VAL A 110 -22.64 -17.24 20.78
CA VAL A 110 -22.82 -18.39 19.90
C VAL A 110 -24.33 -18.62 19.74
N ARG A 111 -24.68 -19.12 18.55
CA ARG A 111 -26.07 -19.28 18.05
C ARG A 111 -26.79 -17.99 17.62
N ASP A 112 -26.15 -16.83 17.81
CA ASP A 112 -26.61 -15.60 17.18
C ASP A 112 -26.60 -15.79 15.67
N VAL A 113 -27.59 -15.22 15.00
CA VAL A 113 -27.58 -15.25 13.54
C VAL A 113 -27.32 -13.85 13.01
N ILE A 114 -26.28 -13.75 12.20
CA ILE A 114 -25.86 -12.47 11.65
C ILE A 114 -26.23 -12.33 10.18
N ILE A 115 -26.83 -11.18 9.86
CA ILE A 115 -27.24 -10.81 8.52
C ILE A 115 -26.30 -9.69 8.13
N ALA A 116 -25.45 -9.96 7.16
CA ALA A 116 -24.32 -9.13 6.84
C ALA A 116 -24.78 -7.98 5.94
N MET A 117 -24.67 -6.78 6.49
CA MET A 117 -25.07 -5.57 5.84
C MET A 117 -23.97 -5.22 4.80
N THR A 118 -22.72 -5.48 5.18
CA THR A 118 -21.52 -5.27 4.36
C THR A 118 -20.42 -6.12 4.97
N ALA A 119 -19.24 -6.09 4.34
CA ALA A 119 -18.10 -6.87 4.77
C ALA A 119 -16.77 -6.12 4.68
N CYS A 120 -16.01 -6.19 5.78
CA CYS A 120 -14.60 -5.84 5.83
C CYS A 120 -13.83 -7.00 5.24
N THR A 121 -12.59 -6.73 4.83
CA THR A 121 -11.74 -7.81 4.33
C THR A 121 -10.23 -7.54 4.44
N ASP A 122 -9.47 -8.63 4.56
CA ASP A 122 -8.02 -8.64 4.42
C ASP A 122 -7.59 -9.17 3.04
N SER A 123 -8.57 -9.44 2.18
CA SER A 123 -8.34 -9.82 0.80
C SER A 123 -7.89 -8.60 -0.01
N ASN A 124 -7.05 -8.85 -1.02
CA ASN A 124 -6.61 -7.82 -1.95
C ASN A 124 -7.57 -7.70 -3.17
N MET A 125 -8.63 -8.52 -3.21
CA MET A 125 -9.42 -8.62 -4.42
C MET A 125 -9.94 -7.26 -4.90
N ASN A 126 -10.49 -6.47 -3.98
CA ASN A 126 -11.04 -5.17 -4.34
C ASN A 126 -9.99 -4.08 -4.52
N ARG A 127 -8.88 -4.16 -3.77
CA ARG A 127 -7.72 -3.28 -3.99
C ARG A 127 -7.24 -3.27 -5.44
N LEU A 128 -7.24 -4.42 -6.09
CA LEU A 128 -6.79 -4.46 -7.49
C LEU A 128 -7.81 -3.81 -8.41
N THR A 129 -9.09 -3.97 -8.10
CA THR A 129 -10.17 -3.44 -8.92
C THR A 129 -10.30 -1.91 -8.79
N PHE A 130 -9.99 -1.40 -7.61
CA PHE A 130 -10.10 0.00 -7.28
C PHE A 130 -8.88 0.53 -6.52
N PRO A 131 -7.73 0.67 -7.21
CA PRO A 131 -6.50 1.02 -6.50
C PRO A 131 -6.65 2.30 -5.69
N GLY A 132 -6.33 2.25 -4.41
CA GLY A 132 -6.37 3.43 -3.56
C GLY A 132 -7.71 3.68 -2.89
N PHE A 133 -8.67 2.78 -3.11
CA PHE A 133 -10.01 2.90 -2.53
C PHE A 133 -10.28 1.71 -1.59
N ASP A 134 -11.00 2.00 -0.50
CA ASP A 134 -11.66 0.98 0.28
C ASP A 134 -13.04 0.79 -0.36
N PHE A 135 -13.26 -0.35 -1.03
CA PHE A 135 -14.57 -0.69 -1.55
C PHE A 135 -15.36 -1.45 -0.52
N ALA A 136 -16.54 -0.94 -0.18
CA ALA A 136 -17.42 -1.56 0.80
C ALA A 136 -18.68 -2.06 0.11
N PRO A 137 -18.74 -3.36 -0.22
CA PRO A 137 -19.88 -3.95 -0.91
C PRO A 137 -21.09 -4.13 0.01
N ALA A 138 -22.26 -3.69 -0.43
CA ALA A 138 -23.48 -3.80 0.32
C ALA A 138 -24.31 -5.01 -0.10
N ALA A 139 -25.02 -5.56 0.87
CA ALA A 139 -26.07 -6.56 0.66
C ALA A 139 -27.20 -5.98 -0.15
N ASN A 140 -27.98 -6.83 -0.81
CA ASN A 140 -29.26 -6.37 -1.34
C ASN A 140 -30.21 -6.07 -0.17
N PHE A 141 -30.77 -4.87 -0.12
CA PHE A 141 -31.57 -4.47 1.02
C PHE A 141 -32.91 -5.22 1.12
N ASP A 142 -33.54 -5.50 -0.02
CA ASP A 142 -34.82 -6.21 0.00
C ASP A 142 -34.64 -7.61 0.56
N LEU A 143 -33.62 -8.34 0.13
CA LEU A 143 -33.29 -9.65 0.74
C LEU A 143 -33.01 -9.50 2.23
N LEU A 144 -32.17 -8.53 2.58
CA LEU A 144 -31.77 -8.33 3.97
C LEU A 144 -32.96 -8.07 4.89
N LYS A 145 -33.87 -7.20 4.45
CA LYS A 145 -35.05 -6.83 5.25
C LYS A 145 -36.02 -8.01 5.39
N LYS A 146 -36.24 -8.74 4.30
CA LYS A 146 -37.01 -10.00 4.38
C LYS A 146 -36.42 -11.00 5.40
N ALA A 147 -35.12 -11.23 5.30
CA ALA A 147 -34.41 -12.14 6.20
C ALA A 147 -34.51 -11.68 7.64
N TYR A 148 -34.30 -10.38 7.86
CA TYR A 148 -34.41 -9.81 9.19
C TYR A 148 -35.80 -10.03 9.77
N ASP A 149 -36.82 -9.63 9.02
CA ASP A 149 -38.22 -9.77 9.44
C ASP A 149 -38.60 -11.23 9.76
N ALA A 150 -38.25 -12.13 8.85
CA ALA A 150 -38.57 -13.56 9.01
C ALA A 150 -37.79 -14.24 10.14
N GLY A 151 -36.52 -13.89 10.29
CA GLY A 151 -35.71 -14.39 11.38
C GLY A 151 -36.24 -13.88 12.69
N THR A 152 -36.65 -12.60 12.74
CA THR A 152 -37.21 -12.09 14.01
C THR A 152 -38.50 -12.81 14.35
N GLU A 153 -39.33 -13.10 13.36
CA GLU A 153 -40.58 -13.83 13.61
C GLU A 153 -40.39 -15.24 14.19
N LYS A 154 -39.30 -15.90 13.78
CA LYS A 154 -38.93 -17.24 14.28
C LYS A 154 -38.16 -17.25 15.61
N GLY A 155 -37.92 -16.08 16.21
CA GLY A 155 -37.25 -15.97 17.49
C GLY A 155 -35.75 -16.25 17.44
N LEU A 156 -35.15 -16.07 16.25
CA LEU A 156 -33.72 -16.20 16.08
C LEU A 156 -33.02 -14.99 16.67
N HIS A 157 -31.81 -15.20 17.16
CA HIS A 157 -31.06 -14.15 17.82
C HIS A 157 -30.38 -13.31 16.75
N VAL A 158 -31.20 -12.62 15.97
CA VAL A 158 -30.72 -11.98 14.77
C VAL A 158 -30.03 -10.65 15.08
N ARG A 159 -28.87 -10.43 14.45
CA ARG A 159 -28.13 -9.16 14.47
C ARG A 159 -27.89 -8.71 13.03
N VAL A 160 -27.95 -7.40 12.79
CA VAL A 160 -27.67 -6.85 11.44
C VAL A 160 -26.45 -5.93 11.51
N GLY A 161 -25.42 -6.21 10.72
CA GLY A 161 -24.17 -5.50 10.86
C GLY A 161 -23.10 -5.87 9.87
N ASN A 162 -21.86 -5.46 10.16
CA ASN A 162 -20.71 -5.89 9.36
C ASN A 162 -19.96 -7.12 9.91
N VAL A 163 -19.34 -7.81 8.96
CA VAL A 163 -18.47 -8.92 9.22
C VAL A 163 -17.11 -8.68 8.57
N LEU A 164 -16.17 -9.54 8.93
CA LEU A 164 -14.87 -9.63 8.28
C LEU A 164 -14.84 -10.88 7.39
N THR A 165 -14.52 -10.67 6.12
CA THR A 165 -14.20 -11.77 5.21
C THR A 165 -12.68 -11.95 5.28
N ALA A 166 -12.27 -13.09 5.82
CA ALA A 166 -10.86 -13.38 6.03
C ALA A 166 -10.34 -14.34 4.98
N ASP A 167 -9.11 -14.08 4.51
CA ASP A 167 -8.35 -15.05 3.69
C ASP A 167 -7.77 -16.16 4.57
N VAL A 168 -7.47 -15.87 5.82
CA VAL A 168 -6.76 -16.85 6.64
C VAL A 168 -7.58 -17.27 7.86
N PHE A 169 -7.91 -18.56 7.88
CA PHE A 169 -8.65 -19.25 8.95
C PHE A 169 -7.73 -19.44 10.16
N TYR A 170 -6.45 -19.74 9.91
CA TYR A 170 -5.48 -19.89 10.98
C TYR A 170 -4.59 -18.66 11.00
N ARG A 171 -4.93 -17.69 11.83
CA ARG A 171 -4.24 -16.41 11.86
C ARG A 171 -3.31 -16.31 13.07
N GLU A 172 -2.05 -15.93 12.83
CA GLU A 172 -1.06 -15.92 13.91
C GLU A 172 -1.24 -14.74 14.84
N SER A 173 -1.55 -13.57 14.28
CA SER A 173 -1.80 -12.39 15.10
C SER A 173 -3.26 -12.01 15.03
N MET A 174 -3.90 -12.00 16.21
CA MET A 174 -5.32 -11.69 16.31
C MET A 174 -5.60 -10.23 16.73
N ASP A 175 -4.55 -9.42 16.90
CA ASP A 175 -4.66 -8.02 17.38
C ASP A 175 -5.65 -7.21 16.58
N MET A 176 -5.54 -7.29 15.25
CA MET A 176 -6.37 -6.46 14.38
C MET A 176 -7.81 -6.96 14.26
N VAL A 177 -8.06 -8.24 14.45
CA VAL A 177 -9.44 -8.73 14.40
C VAL A 177 -10.18 -8.43 15.73
N LYS A 178 -9.45 -8.46 16.84
CA LYS A 178 -9.93 -7.87 18.09
C LYS A 178 -10.29 -6.37 17.92
N LYS A 179 -9.40 -5.61 17.27
CA LYS A 179 -9.63 -4.21 17.01
C LYS A 179 -10.89 -3.98 16.18
N LEU A 180 -11.11 -4.80 15.16
CA LEU A 180 -12.34 -4.72 14.37
C LEU A 180 -13.56 -5.02 15.23
N GLY A 181 -13.42 -6.02 16.10
CA GLY A 181 -14.32 -6.24 17.23
C GLY A 181 -14.70 -4.98 17.97
N ASP A 182 -13.69 -4.15 18.30
CA ASP A 182 -13.87 -2.91 19.05
C ASP A 182 -14.57 -1.81 18.25
N TYR A 183 -14.62 -1.94 16.93
CA TYR A 183 -15.35 -1.00 16.05
C TYR A 183 -16.65 -1.61 15.58
N GLY A 184 -17.13 -2.64 16.28
CA GLY A 184 -18.44 -3.25 16.02
C GLY A 184 -18.54 -4.36 14.97
N VAL A 185 -17.43 -4.75 14.36
CA VAL A 185 -17.44 -5.88 13.41
C VAL A 185 -17.80 -7.14 14.22
N LEU A 186 -18.85 -7.84 13.78
CA LEU A 186 -19.54 -8.83 14.60
C LEU A 186 -18.87 -10.18 14.57
N ALA A 187 -18.43 -10.58 13.38
CA ALA A 187 -17.88 -11.89 13.19
C ALA A 187 -16.98 -12.02 11.96
N VAL A 188 -16.27 -13.14 11.93
CA VAL A 188 -15.33 -13.44 10.88
C VAL A 188 -15.85 -14.64 10.10
N GLU A 189 -15.72 -14.55 8.78
CA GLU A 189 -16.04 -15.64 7.87
C GLU A 189 -15.16 -15.45 6.60
N MET A 190 -15.40 -16.21 5.54
CA MET A 190 -14.43 -16.29 4.44
C MET A 190 -14.93 -16.07 3.03
N GLU A 191 -16.18 -15.72 2.84
CA GLU A 191 -16.74 -15.60 1.48
C GLU A 191 -17.50 -14.30 1.17
N THR A 192 -18.05 -13.62 2.17
CA THR A 192 -19.13 -12.65 1.94
C THR A 192 -18.77 -11.48 1.04
N THR A 193 -17.54 -10.96 1.18
CA THR A 193 -17.11 -9.81 0.36
C THR A 193 -17.10 -10.16 -1.13
N ALA A 194 -16.66 -11.37 -1.45
CA ALA A 194 -16.60 -11.85 -2.83
C ALA A 194 -17.99 -11.97 -3.41
N LEU A 195 -18.91 -12.61 -2.65
CA LEU A 195 -20.31 -12.71 -3.05
C LEU A 195 -20.99 -11.35 -3.25
N TYR A 196 -20.87 -10.44 -2.28
CA TYR A 196 -21.50 -9.11 -2.40
C TYR A 196 -20.89 -8.22 -3.52
N THR A 197 -19.58 -8.32 -3.72
CA THR A 197 -18.89 -7.51 -4.72
C THR A 197 -19.24 -7.96 -6.14
N LEU A 198 -19.39 -9.27 -6.33
CA LEU A 198 -19.72 -9.81 -7.64
C LEU A 198 -21.18 -9.57 -7.98
N ALA A 199 -22.05 -9.70 -6.99
CA ALA A 199 -23.47 -9.42 -7.19
C ALA A 199 -23.65 -7.97 -7.64
N ALA A 200 -22.97 -7.04 -6.95
CA ALA A 200 -22.95 -5.63 -7.33
C ALA A 200 -22.39 -5.40 -8.75
N LYS A 201 -21.26 -6.03 -9.05
CA LYS A 201 -20.70 -5.93 -10.39
C LYS A 201 -21.72 -6.25 -11.49
N TYR A 202 -22.45 -7.36 -11.32
CA TYR A 202 -23.39 -7.84 -12.33
C TYR A 202 -24.84 -7.38 -12.14
N GLY A 203 -25.09 -6.55 -11.14
CA GLY A 203 -26.44 -6.02 -10.89
C GLY A 203 -27.47 -7.04 -10.46
N VAL A 204 -27.06 -7.99 -9.61
CA VAL A 204 -27.93 -9.04 -9.09
C VAL A 204 -27.94 -8.98 -7.56
N ASN A 205 -28.77 -9.82 -6.94
CA ASN A 205 -29.10 -9.69 -5.54
C ASN A 205 -28.46 -10.74 -4.65
N ALA A 206 -27.79 -10.30 -3.58
CA ALA A 206 -27.05 -11.20 -2.68
C ALA A 206 -27.26 -10.88 -1.18
N LEU A 207 -27.14 -11.92 -0.36
CA LEU A 207 -27.21 -11.80 1.08
C LEU A 207 -26.45 -12.96 1.72
N SER A 208 -25.79 -12.66 2.84
CA SER A 208 -25.17 -13.65 3.68
C SER A 208 -25.94 -13.72 5.00
N VAL A 209 -26.38 -14.93 5.35
CA VAL A 209 -27.00 -15.17 6.63
C VAL A 209 -26.20 -16.28 7.35
N LEU A 210 -25.58 -15.91 8.46
CA LEU A 210 -24.55 -16.72 9.14
C LEU A 210 -24.93 -17.02 10.57
N THR A 211 -24.64 -18.21 11.08
CA THR A 211 -24.81 -18.43 12.51
C THR A 211 -23.46 -18.44 13.20
N VAL A 212 -23.41 -17.86 14.40
CA VAL A 212 -22.19 -17.86 15.21
C VAL A 212 -22.02 -19.28 15.76
N SER A 213 -21.00 -19.97 15.25
CA SER A 213 -20.72 -21.33 15.65
C SER A 213 -19.76 -21.34 16.84
N ASP A 214 -18.93 -20.30 16.92
CA ASP A 214 -18.02 -20.14 18.04
C ASP A 214 -17.54 -18.70 18.26
N HIS A 215 -17.04 -18.44 19.47
CA HIS A 215 -16.47 -17.14 19.82
C HIS A 215 -14.93 -17.23 19.87
N ILE A 216 -14.31 -16.45 19.01
CA ILE A 216 -12.87 -16.46 18.80
C ILE A 216 -12.03 -16.00 20.00
N PHE A 217 -12.63 -15.21 20.89
CA PHE A 217 -11.97 -14.69 22.05
C PHE A 217 -12.45 -15.28 23.36
N THR A 218 -13.76 -15.49 23.53
CA THR A 218 -14.26 -16.08 24.79
C THR A 218 -14.05 -17.58 24.83
N GLY A 219 -13.79 -18.18 23.66
CA GLY A 219 -13.62 -19.62 23.56
C GLY A 219 -14.93 -20.39 23.44
N GLU A 220 -16.06 -19.74 23.63
CA GLU A 220 -17.34 -20.44 23.54
C GLU A 220 -17.49 -21.12 22.18
N GLU A 221 -18.00 -22.34 22.20
CA GLU A 221 -18.14 -23.10 20.98
C GLU A 221 -19.42 -23.91 20.96
N THR A 222 -19.71 -24.48 19.81
CA THR A 222 -20.98 -25.09 19.57
C THR A 222 -20.78 -26.31 18.66
N THR A 223 -21.74 -27.22 18.75
CA THR A 223 -21.76 -28.46 17.99
C THR A 223 -22.66 -28.27 16.76
N SER A 224 -22.52 -29.08 15.73
CA SER A 224 -23.41 -28.90 14.57
C SER A 224 -24.86 -29.33 14.90
N GLU A 225 -25.02 -30.40 15.68
CA GLU A 225 -26.34 -30.78 16.27
C GLU A 225 -26.96 -29.64 17.05
N GLU A 226 -26.13 -28.94 17.78
CA GLU A 226 -26.52 -27.80 18.56
C GLU A 226 -27.00 -26.63 17.67
N ARG A 227 -26.43 -26.48 16.47
CA ARG A 227 -26.84 -25.41 15.54
C ARG A 227 -28.00 -25.78 14.62
N GLN A 228 -28.42 -27.03 14.64
CA GLN A 228 -29.42 -27.60 13.70
C GLN A 228 -30.77 -26.90 13.64
N THR A 229 -31.35 -26.57 14.79
CA THR A 229 -32.65 -25.90 14.83
C THR A 229 -32.58 -24.49 14.20
N THR A 230 -31.49 -23.77 14.49
CA THR A 230 -31.21 -22.45 13.92
C THR A 230 -30.97 -22.53 12.42
N PHE A 231 -30.01 -23.37 12.04
CA PHE A 231 -29.70 -23.64 10.64
C PHE A 231 -30.91 -23.98 9.76
N ASN A 232 -31.77 -24.89 10.23
CA ASN A 232 -33.03 -25.24 9.53
C ASN A 232 -34.00 -24.08 9.34
N GLU A 233 -34.13 -23.24 10.36
CA GLU A 233 -34.92 -21.99 10.23
C GLU A 233 -34.27 -21.04 9.22
N MET A 234 -32.95 -20.95 9.24
CA MET A 234 -32.24 -20.10 8.28
C MET A 234 -32.40 -20.61 6.84
N ILE A 235 -32.38 -21.92 6.63
CA ILE A 235 -32.55 -22.38 5.25
C ILE A 235 -33.96 -22.06 4.73
N GLU A 236 -34.98 -22.21 5.58
CA GLU A 236 -36.35 -21.88 5.23
C GLU A 236 -36.52 -20.39 4.95
N ILE A 237 -35.80 -19.58 5.72
CA ILE A 237 -35.82 -18.12 5.53
C ILE A 237 -35.19 -17.76 4.20
N ALA A 238 -34.04 -18.37 3.93
CA ALA A 238 -33.30 -18.11 2.70
C ALA A 238 -34.12 -18.54 1.47
N LEU A 239 -34.72 -19.72 1.55
CA LEU A 239 -35.60 -20.24 0.51
C LEU A 239 -36.79 -19.35 0.20
N ASP A 240 -37.57 -18.98 1.23
CA ASP A 240 -38.67 -18.04 1.09
C ASP A 240 -38.20 -16.74 0.47
N ALA A 241 -37.10 -16.19 0.98
CA ALA A 241 -36.57 -14.92 0.44
C ALA A 241 -36.20 -15.01 -1.03
N ALA A 242 -35.71 -16.17 -1.48
CA ALA A 242 -35.22 -16.35 -2.87
C ALA A 242 -36.32 -16.37 -3.96
N MET B 11 30.20 2.17 -25.76
CA MET B 11 30.39 2.53 -24.30
C MET B 11 29.11 2.99 -23.61
N SER B 12 28.77 2.36 -22.50
CA SER B 12 27.68 2.80 -21.64
C SER B 12 28.11 4.00 -20.76
N VAL B 13 27.18 4.51 -19.93
CA VAL B 13 27.46 5.77 -19.20
C VAL B 13 28.36 5.57 -17.99
N HIS B 14 28.36 4.37 -17.42
CA HIS B 14 29.17 4.09 -16.23
C HIS B 14 30.26 3.06 -16.44
N ILE B 15 30.40 2.57 -17.67
CA ILE B 15 31.47 1.64 -18.04
C ILE B 15 32.13 2.11 -19.35
N GLU B 16 33.45 2.25 -19.30
CA GLU B 16 34.23 2.81 -20.42
C GLU B 16 34.87 1.75 -21.33
N ALA B 17 34.36 0.52 -21.29
CA ALA B 17 34.98 -0.55 -22.02
C ALA B 17 34.66 -0.45 -23.50
N LYS B 18 35.58 -0.99 -24.30
CA LYS B 18 35.35 -1.19 -25.74
C LYS B 18 34.42 -2.38 -25.92
N GLN B 19 33.67 -2.38 -27.01
CA GLN B 19 32.92 -3.56 -27.41
C GLN B 19 33.87 -4.75 -27.54
N GLY B 20 33.45 -5.91 -27.07
CA GLY B 20 34.30 -7.11 -27.08
C GLY B 20 35.20 -7.32 -25.86
N GLU B 21 35.47 -6.28 -25.08
CA GLU B 21 36.35 -6.38 -23.89
C GLU B 21 35.72 -7.03 -22.67
N ILE B 22 34.40 -7.10 -22.60
CA ILE B 22 33.74 -7.78 -21.49
C ILE B 22 33.21 -9.15 -21.96
N ALA B 23 33.50 -10.19 -21.17
CA ALA B 23 33.08 -11.55 -21.50
C ALA B 23 31.59 -11.73 -21.28
N GLU B 24 31.04 -12.74 -21.95
CA GLU B 24 29.60 -13.07 -21.84
C GLU B 24 29.21 -13.57 -20.46
N SER B 25 30.20 -14.05 -19.71
CA SER B 25 30.02 -14.55 -18.37
C SER B 25 30.75 -13.62 -17.41
N ILE B 26 30.07 -13.22 -16.35
CA ILE B 26 30.65 -12.24 -15.45
C ILE B 26 30.24 -12.50 -14.00
N LEU B 27 31.23 -12.27 -13.11
CA LEU B 27 31.00 -12.25 -11.67
C LEU B 27 30.83 -10.80 -11.24
N LEU B 28 29.96 -10.61 -10.26
CA LEU B 28 29.53 -9.29 -9.78
C LEU B 28 29.70 -9.14 -8.27
N PRO B 29 30.93 -8.93 -7.79
CA PRO B 29 31.10 -8.61 -6.38
C PRO B 29 30.67 -7.15 -6.16
N GLY B 30 30.34 -6.78 -4.94
CA GLY B 30 29.97 -5.38 -4.65
C GLY B 30 31.17 -4.47 -4.65
N ASP B 31 32.23 -4.93 -4.00
CA ASP B 31 33.46 -4.14 -3.82
C ASP B 31 34.36 -4.23 -5.07
N PRO B 32 34.73 -3.08 -5.67
CA PRO B 32 35.70 -3.07 -6.78
C PRO B 32 37.10 -3.64 -6.45
N LEU B 33 37.50 -3.54 -5.18
CA LEU B 33 38.80 -4.04 -4.73
C LEU B 33 38.78 -5.55 -4.51
N ARG B 34 37.57 -6.06 -4.31
CA ARG B 34 37.32 -7.49 -4.27
C ARG B 34 37.29 -8.07 -5.71
N ALA B 35 36.80 -7.30 -6.68
CA ALA B 35 36.95 -7.67 -8.09
C ALA B 35 38.43 -7.74 -8.51
N LYS B 36 39.21 -6.78 -8.02
CA LYS B 36 40.66 -6.74 -8.24
C LYS B 36 41.31 -7.99 -7.68
N TYR B 37 40.94 -8.32 -6.45
CA TYR B 37 41.45 -9.51 -5.79
C TYR B 37 41.09 -10.78 -6.55
N ILE B 38 39.83 -10.89 -6.97
CA ILE B 38 39.38 -12.05 -7.72
C ILE B 38 40.20 -12.20 -9.02
N ALA B 39 40.29 -11.14 -9.83
CA ALA B 39 41.05 -11.21 -11.07
C ALA B 39 42.52 -11.60 -10.86
N GLU B 40 43.15 -11.03 -9.83
CA GLU B 40 44.57 -11.27 -9.53
C GLU B 40 44.80 -12.66 -8.98
N THR B 41 43.82 -13.16 -8.25
CA THR B 41 43.97 -14.42 -7.55
C THR B 41 43.60 -15.57 -8.45
N PHE B 42 42.63 -15.37 -9.34
CA PHE B 42 42.02 -16.47 -10.08
C PHE B 42 42.27 -16.48 -11.60
N LEU B 43 42.67 -15.35 -12.16
CA LEU B 43 42.67 -15.20 -13.61
C LEU B 43 44.10 -15.02 -14.14
N GLU B 44 44.30 -15.53 -15.36
CA GLU B 44 45.49 -15.22 -16.17
C GLU B 44 45.14 -14.17 -17.24
N ASP B 45 46.17 -13.54 -17.81
CA ASP B 45 46.01 -12.63 -18.94
C ASP B 45 44.94 -11.56 -18.69
N VAL B 46 45.05 -10.90 -17.53
CA VAL B 46 43.98 -10.01 -17.10
C VAL B 46 44.20 -8.59 -17.55
N THR B 47 43.11 -7.99 -17.99
CA THR B 47 43.04 -6.61 -18.41
C THR B 47 41.99 -5.92 -17.54
N CYS B 48 42.33 -4.71 -17.06
CA CYS B 48 41.35 -3.82 -16.42
C CYS B 48 40.69 -2.95 -17.46
N TYR B 49 39.40 -3.15 -17.70
CA TYR B 49 38.71 -2.48 -18.82
C TYR B 49 37.88 -1.23 -18.41
N ASN B 50 37.72 -0.99 -17.12
CA ASN B 50 36.93 0.12 -16.63
C ASN B 50 37.56 0.73 -15.39
N ASN B 51 37.62 2.06 -15.35
CA ASN B 51 37.93 2.77 -14.11
C ASN B 51 36.95 3.87 -13.71
N VAL B 52 35.85 3.98 -14.44
CA VAL B 52 34.85 5.01 -14.15
C VAL B 52 34.31 4.81 -12.72
N ARG B 53 34.27 5.91 -11.96
CA ARG B 53 33.87 5.94 -10.55
C ARG B 53 34.74 5.05 -9.70
N GLY B 54 35.93 4.72 -10.19
CA GLY B 54 36.74 3.66 -9.62
C GLY B 54 36.03 2.33 -9.49
N MET B 55 34.98 2.10 -10.29
CA MET B 55 34.23 0.83 -10.21
C MET B 55 34.86 -0.17 -11.17
N LEU B 56 35.97 -0.72 -10.70
CA LEU B 56 36.86 -1.59 -11.45
C LEU B 56 36.16 -2.80 -12.03
N GLY B 57 36.46 -3.07 -13.31
CA GLY B 57 36.05 -4.29 -14.00
C GLY B 57 37.24 -4.86 -14.74
N PHE B 58 37.35 -6.20 -14.74
CA PHE B 58 38.46 -6.95 -15.33
C PHE B 58 37.94 -8.08 -16.21
N THR B 59 38.70 -8.42 -17.25
CA THR B 59 38.51 -9.64 -18.02
C THR B 59 39.85 -10.37 -18.03
N GLY B 60 39.80 -11.69 -17.81
CA GLY B 60 40.99 -12.56 -17.82
C GLY B 60 40.53 -13.95 -18.20
N THR B 61 41.41 -14.95 -18.08
CA THR B 61 41.05 -16.32 -18.47
C THR B 61 41.14 -17.29 -17.29
N TYR B 62 40.12 -18.14 -17.20
CA TYR B 62 39.99 -19.14 -16.15
C TYR B 62 39.68 -20.49 -16.81
N LYS B 63 40.54 -21.47 -16.53
CA LYS B 63 40.45 -22.79 -17.17
C LYS B 63 40.19 -22.67 -18.69
N GLY B 64 41.01 -21.85 -19.34
CA GLY B 64 40.97 -21.72 -20.80
C GLY B 64 39.85 -20.86 -21.37
N LYS B 65 39.07 -20.24 -20.49
CA LYS B 65 37.84 -19.55 -20.83
C LYS B 65 37.93 -18.09 -20.42
N ARG B 66 37.55 -17.18 -21.32
CA ARG B 66 37.48 -15.76 -20.99
C ARG B 66 36.32 -15.50 -20.05
N VAL B 67 36.57 -14.67 -19.03
CA VAL B 67 35.56 -14.37 -18.05
C VAL B 67 35.86 -12.99 -17.42
N SER B 68 34.80 -12.29 -17.03
CA SER B 68 34.94 -10.98 -16.46
C SER B 68 34.52 -10.93 -14.98
N VAL B 69 34.99 -9.87 -14.31
CA VAL B 69 34.64 -9.57 -12.92
C VAL B 69 34.42 -8.07 -12.84
N GLN B 70 33.30 -7.64 -12.28
CA GLN B 70 32.89 -6.21 -12.29
C GLN B 70 32.26 -5.86 -10.92
N GLY B 71 32.85 -4.89 -10.25
CA GLY B 71 32.26 -4.24 -9.08
C GLY B 71 30.91 -3.61 -9.42
N THR B 72 29.93 -3.80 -8.53
CA THR B 72 28.57 -3.28 -8.73
C THR B 72 28.16 -2.18 -7.75
N GLY B 73 29.00 -1.94 -6.72
CA GLY B 73 28.62 -1.16 -5.56
C GLY B 73 27.52 -1.83 -4.73
N MET B 74 26.94 -1.06 -3.80
CA MET B 74 26.04 -1.59 -2.78
C MET B 74 24.60 -1.13 -3.01
N GLY B 75 23.68 -2.08 -3.00
CA GLY B 75 22.27 -1.76 -3.04
C GLY B 75 21.65 -1.92 -4.41
N VAL B 76 20.34 -2.19 -4.40
CA VAL B 76 19.52 -2.35 -5.60
C VAL B 76 19.80 -1.31 -6.69
N PRO B 77 19.80 0.00 -6.34
CA PRO B 77 19.95 1.03 -7.35
C PRO B 77 21.29 1.07 -8.05
N SER B 78 22.36 0.73 -7.34
CA SER B 78 23.71 0.65 -7.90
C SER B 78 23.86 -0.56 -8.83
N ILE B 79 23.62 -1.76 -8.31
CA ILE B 79 23.73 -2.98 -9.11
C ILE B 79 22.84 -2.90 -10.38
N SER B 80 21.66 -2.28 -10.27
CA SER B 80 20.74 -2.17 -11.42
C SER B 80 21.35 -1.37 -12.59
N ILE B 81 22.04 -0.29 -12.24
CA ILE B 81 22.78 0.51 -13.22
C ILE B 81 23.76 -0.37 -13.98
N TYR B 82 24.61 -1.10 -13.26
CA TYR B 82 25.64 -1.95 -13.84
C TYR B 82 25.11 -3.12 -14.65
N VAL B 83 24.10 -3.80 -14.13
CA VAL B 83 23.45 -4.91 -14.84
C VAL B 83 22.75 -4.48 -16.15
N ASN B 84 22.04 -3.36 -16.12
CA ASN B 84 21.42 -2.81 -17.32
C ASN B 84 22.43 -2.60 -18.43
N GLU B 85 23.55 -1.99 -18.07
CA GLU B 85 24.58 -1.61 -19.03
C GLU B 85 25.33 -2.82 -19.56
N LEU B 86 25.72 -3.75 -18.70
CA LEU B 86 26.35 -5.00 -19.11
C LEU B 86 25.49 -5.80 -20.08
N ILE B 87 24.20 -5.88 -19.78
CA ILE B 87 23.29 -6.59 -20.66
C ILE B 87 23.10 -5.82 -21.97
N GLN B 88 22.65 -4.57 -21.88
CA GLN B 88 22.18 -3.88 -23.07
C GLN B 88 23.31 -3.34 -23.94
N SER B 89 24.40 -2.88 -23.31
CA SER B 89 25.57 -2.37 -24.06
C SER B 89 26.68 -3.41 -24.32
N TYR B 90 26.79 -4.45 -23.51
CA TYR B 90 27.95 -5.36 -23.63
C TYR B 90 27.64 -6.82 -23.95
N GLY B 91 26.36 -7.16 -24.11
CA GLY B 91 25.95 -8.47 -24.62
C GLY B 91 26.16 -9.61 -23.64
N VAL B 92 26.23 -9.26 -22.36
CA VAL B 92 26.55 -10.19 -21.30
C VAL B 92 25.36 -11.12 -21.06
N LYS B 93 25.67 -12.40 -20.83
CA LYS B 93 24.67 -13.47 -20.87
C LYS B 93 24.49 -14.18 -19.55
N ASN B 94 25.59 -14.35 -18.81
CA ASN B 94 25.56 -14.97 -17.48
C ASN B 94 26.14 -14.05 -16.45
N LEU B 95 25.34 -13.75 -15.42
CA LEU B 95 25.71 -12.81 -14.38
C LEU B 95 25.57 -13.47 -13.03
N ILE B 96 26.66 -13.54 -12.29
CA ILE B 96 26.61 -14.20 -11.00
C ILE B 96 27.12 -13.24 -9.96
N ARG B 97 26.24 -12.89 -9.03
CA ARG B 97 26.64 -12.07 -7.91
C ARG B 97 27.36 -12.96 -6.86
N VAL B 98 28.49 -12.44 -6.37
CA VAL B 98 29.27 -13.10 -5.35
C VAL B 98 29.49 -12.09 -4.21
N GLY B 99 29.63 -12.58 -2.99
CA GLY B 99 29.87 -11.71 -1.85
C GLY B 99 29.54 -12.43 -0.58
N THR B 100 29.26 -11.67 0.47
CA THR B 100 28.86 -12.24 1.75
C THR B 100 27.42 -11.88 2.12
N CYS B 101 26.90 -12.57 3.14
CA CYS B 101 25.56 -12.27 3.64
C CYS B 101 25.47 -12.51 5.14
N GLY B 102 24.48 -11.89 5.78
CA GLY B 102 24.19 -12.08 7.18
C GLY B 102 23.06 -13.07 7.36
N ALA B 103 23.37 -14.19 8.03
CA ALA B 103 22.40 -15.24 8.24
C ALA B 103 21.35 -14.83 9.26
N ILE B 104 20.12 -15.26 8.99
CA ILE B 104 18.98 -14.98 9.86
C ILE B 104 18.15 -16.22 10.22
N GLN B 105 18.25 -17.31 9.45
CA GLN B 105 17.57 -18.57 9.77
C GLN B 105 18.38 -19.33 10.82
N LYS B 106 17.67 -20.04 11.71
CA LYS B 106 18.25 -20.55 12.98
C LYS B 106 19.35 -21.62 12.80
N ASP B 107 19.20 -22.45 11.79
CA ASP B 107 20.15 -23.50 11.47
C ASP B 107 21.24 -23.14 10.45
N VAL B 108 21.25 -21.90 9.96
CA VAL B 108 22.30 -21.44 9.03
C VAL B 108 23.52 -20.97 9.82
N LYS B 109 24.71 -21.38 9.37
CA LYS B 109 25.96 -21.07 10.07
C LYS B 109 26.88 -20.19 9.24
N VAL B 110 27.81 -19.54 9.94
CA VAL B 110 28.89 -18.83 9.27
C VAL B 110 29.61 -19.83 8.35
N ARG B 111 30.11 -19.31 7.22
CA ARG B 111 30.79 -20.09 6.19
C ARG B 111 29.89 -20.95 5.29
N ASP B 112 28.61 -21.11 5.62
CA ASP B 112 27.70 -21.75 4.68
C ASP B 112 27.66 -20.90 3.43
N VAL B 113 27.35 -21.54 2.30
CA VAL B 113 27.13 -20.78 1.09
C VAL B 113 25.68 -20.83 0.60
N ILE B 114 25.13 -19.64 0.48
CA ILE B 114 23.75 -19.45 0.11
C ILE B 114 23.66 -19.27 -1.40
N ILE B 115 22.85 -20.12 -2.04
CA ILE B 115 22.55 -19.99 -3.43
C ILE B 115 21.06 -19.59 -3.49
N ALA B 116 20.83 -18.34 -3.86
CA ALA B 116 19.50 -17.75 -3.82
C ALA B 116 18.63 -18.27 -4.95
N MET B 117 17.52 -18.88 -4.56
CA MET B 117 16.54 -19.37 -5.52
C MET B 117 15.63 -18.21 -5.89
N THR B 118 15.25 -17.44 -4.87
CA THR B 118 14.55 -16.14 -4.93
C THR B 118 15.04 -15.17 -3.85
N ALA B 119 14.41 -13.98 -3.85
CA ALA B 119 14.65 -12.99 -2.86
C ALA B 119 13.37 -12.29 -2.48
N CYS B 120 13.25 -12.05 -1.18
CA CYS B 120 12.30 -11.08 -0.64
C CYS B 120 12.96 -9.71 -0.68
N THR B 121 12.18 -8.66 -0.53
CA THR B 121 12.72 -7.31 -0.49
C THR B 121 11.75 -6.32 0.21
N ASP B 122 12.35 -5.31 0.84
CA ASP B 122 11.64 -4.13 1.31
C ASP B 122 11.83 -2.97 0.33
N SER B 123 12.46 -3.25 -0.82
CA SER B 123 12.54 -2.30 -1.94
C SER B 123 11.19 -2.18 -2.61
N ASN B 124 10.96 -1.00 -3.18
CA ASN B 124 9.72 -0.69 -3.89
C ASN B 124 9.86 -0.91 -5.39
N MET B 125 11.05 -1.28 -5.86
CA MET B 125 11.31 -1.36 -7.31
C MET B 125 10.25 -2.18 -8.07
N ASN B 126 9.87 -3.32 -7.50
CA ASN B 126 8.93 -4.22 -8.15
C ASN B 126 7.47 -3.93 -7.89
N ARG B 127 7.13 -3.48 -6.68
CA ARG B 127 5.76 -3.00 -6.40
C ARG B 127 5.38 -1.91 -7.40
N LEU B 128 6.33 -1.05 -7.72
CA LEU B 128 6.10 0.06 -8.63
C LEU B 128 5.77 -0.48 -10.02
N THR B 129 6.49 -1.52 -10.44
CA THR B 129 6.31 -2.15 -11.78
C THR B 129 5.04 -2.99 -11.85
N PHE B 130 4.73 -3.71 -10.75
CA PHE B 130 3.55 -4.58 -10.66
C PHE B 130 2.69 -4.14 -9.45
N PRO B 131 1.97 -3.00 -9.60
CA PRO B 131 1.13 -2.50 -8.49
C PRO B 131 0.06 -3.51 -8.09
N GLY B 132 0.00 -3.83 -6.80
CA GLY B 132 -0.93 -4.83 -6.27
C GLY B 132 -0.39 -6.25 -6.13
N PHE B 133 0.83 -6.47 -6.64
CA PHE B 133 1.43 -7.80 -6.75
C PHE B 133 2.75 -7.91 -5.95
N ASP B 134 3.00 -9.08 -5.38
CA ASP B 134 4.33 -9.46 -4.86
C ASP B 134 5.00 -10.19 -6.02
N PHE B 135 6.03 -9.59 -6.57
CA PHE B 135 6.86 -10.22 -7.58
C PHE B 135 7.96 -11.04 -6.89
N ALA B 136 8.09 -12.31 -7.30
CA ALA B 136 9.11 -13.23 -6.79
C ALA B 136 10.13 -13.52 -7.91
N PRO B 137 11.29 -12.83 -7.87
CA PRO B 137 12.30 -13.03 -8.92
C PRO B 137 12.96 -14.41 -8.82
N ALA B 138 13.13 -15.08 -9.95
CA ALA B 138 13.70 -16.41 -9.98
C ALA B 138 15.14 -16.41 -10.51
N ALA B 139 16.01 -17.13 -9.81
CA ALA B 139 17.30 -17.53 -10.34
C ALA B 139 17.12 -18.36 -11.59
N ASN B 140 18.10 -18.29 -12.49
CA ASN B 140 18.14 -19.21 -13.60
C ASN B 140 18.51 -20.60 -13.03
N PHE B 141 17.63 -21.56 -13.26
CA PHE B 141 17.77 -22.89 -12.72
C PHE B 141 19.02 -23.60 -13.23
N ASP B 142 19.35 -23.46 -14.52
CA ASP B 142 20.57 -24.07 -15.05
C ASP B 142 21.83 -23.64 -14.27
N LEU B 143 22.05 -22.32 -14.18
CA LEU B 143 23.16 -21.77 -13.41
C LEU B 143 23.13 -22.27 -11.98
N LEU B 144 21.94 -22.26 -11.38
CA LEU B 144 21.77 -22.63 -9.98
C LEU B 144 22.15 -24.10 -9.68
N LYS B 145 21.65 -25.03 -10.51
CA LYS B 145 21.99 -26.44 -10.40
C LYS B 145 23.51 -26.69 -10.60
N LYS B 146 24.11 -26.04 -11.59
CA LYS B 146 25.57 -26.14 -11.84
C LYS B 146 26.40 -25.70 -10.63
N ALA B 147 26.02 -24.58 -10.05
CA ALA B 147 26.68 -24.05 -8.87
C ALA B 147 26.48 -24.91 -7.63
N TYR B 148 25.29 -25.49 -7.50
CA TYR B 148 24.99 -26.40 -6.40
C TYR B 148 25.80 -27.71 -6.48
N ASP B 149 25.78 -28.36 -7.65
CA ASP B 149 26.58 -29.57 -7.87
C ASP B 149 28.08 -29.30 -7.64
N ALA B 150 28.59 -28.19 -8.20
CA ALA B 150 29.99 -27.81 -7.97
C ALA B 150 30.32 -27.59 -6.49
N GLY B 151 29.38 -26.99 -5.76
CA GLY B 151 29.56 -26.73 -4.34
C GLY B 151 29.51 -27.97 -3.47
N THR B 152 28.57 -28.86 -3.78
CA THR B 152 28.43 -30.11 -3.03
C THR B 152 29.57 -31.08 -3.38
N GLU B 153 30.04 -31.05 -4.62
CA GLU B 153 31.21 -31.82 -5.02
C GLU B 153 32.46 -31.40 -4.22
N LYS B 154 32.54 -30.09 -3.94
CA LYS B 154 33.67 -29.49 -3.21
C LYS B 154 33.59 -29.69 -1.69
N GLY B 155 32.42 -30.00 -1.16
CA GLY B 155 32.26 -30.21 0.26
C GLY B 155 31.66 -29.04 1.03
N LEU B 156 31.47 -27.91 0.35
CA LEU B 156 30.84 -26.74 0.95
C LEU B 156 29.43 -27.04 1.41
N HIS B 157 29.03 -26.45 2.53
CA HIS B 157 27.65 -26.51 3.00
C HIS B 157 26.83 -25.51 2.19
N VAL B 158 26.28 -25.97 1.08
CA VAL B 158 25.49 -25.07 0.28
C VAL B 158 24.03 -25.21 0.68
N ARG B 159 23.40 -24.05 0.89
CA ARG B 159 21.98 -23.98 1.19
C ARG B 159 21.31 -23.24 0.03
N VAL B 160 20.31 -23.89 -0.56
CA VAL B 160 19.47 -23.29 -1.59
C VAL B 160 18.10 -22.86 -0.98
N GLY B 161 17.79 -21.58 -1.14
CA GLY B 161 16.54 -21.06 -0.67
C GLY B 161 16.42 -19.58 -0.93
N ASN B 162 15.61 -18.90 -0.15
CA ASN B 162 15.45 -17.45 -0.34
C ASN B 162 16.31 -16.59 0.59
N VAL B 163 16.53 -15.36 0.12
CA VAL B 163 17.26 -14.34 0.87
C VAL B 163 16.40 -13.09 0.95
N LEU B 164 16.75 -12.21 1.88
CA LEU B 164 16.19 -10.88 1.92
C LEU B 164 17.17 -9.94 1.23
N THR B 165 16.73 -9.34 0.12
CA THR B 165 17.39 -8.19 -0.47
C THR B 165 16.86 -6.95 0.23
N ALA B 166 17.63 -6.50 1.22
CA ALA B 166 17.29 -5.34 2.04
C ALA B 166 17.76 -4.02 1.42
N ASP B 167 16.96 -2.98 1.66
CA ASP B 167 17.20 -1.63 1.14
C ASP B 167 17.96 -0.80 2.18
N VAL B 168 17.81 -1.16 3.46
CA VAL B 168 18.56 -0.53 4.57
C VAL B 168 19.53 -1.53 5.17
N PHE B 169 20.75 -1.05 5.41
CA PHE B 169 21.77 -1.74 6.18
C PHE B 169 21.57 -1.50 7.68
N TYR B 170 21.41 -0.24 8.07
CA TYR B 170 21.19 0.13 9.49
C TYR B 170 19.71 0.27 9.78
N ARG B 171 19.12 -0.84 10.19
CA ARG B 171 17.68 -0.92 10.34
C ARG B 171 17.29 -0.54 11.76
N GLU B 172 16.27 0.28 11.85
CA GLU B 172 15.75 0.76 13.11
C GLU B 172 15.34 -0.42 14.04
N SER B 173 14.60 -1.37 13.50
CA SER B 173 14.09 -2.51 14.24
C SER B 173 14.39 -3.80 13.48
N MET B 174 14.77 -4.85 14.20
CA MET B 174 15.08 -6.16 13.59
C MET B 174 13.91 -7.15 13.65
N ASP B 175 12.75 -6.73 14.16
CA ASP B 175 11.63 -7.66 14.37
C ASP B 175 11.11 -8.29 13.09
N MET B 176 11.10 -7.52 12.00
CA MET B 176 10.61 -8.05 10.73
C MET B 176 11.62 -9.01 10.09
N VAL B 177 12.91 -8.70 10.16
CA VAL B 177 13.93 -9.61 9.61
C VAL B 177 14.06 -10.88 10.49
N LYS B 178 13.90 -10.74 11.79
CA LYS B 178 13.71 -11.88 12.65
C LYS B 178 12.51 -12.75 12.21
N LYS B 179 11.38 -12.13 11.93
CA LYS B 179 10.18 -12.85 11.50
C LYS B 179 10.39 -13.59 10.18
N LEU B 180 11.04 -12.94 9.21
CA LEU B 180 11.48 -13.60 7.96
C LEU B 180 12.39 -14.81 8.17
N GLY B 181 13.35 -14.70 9.09
CA GLY B 181 14.18 -15.85 9.48
C GLY B 181 13.36 -16.99 10.05
N ASP B 182 12.36 -16.65 10.88
CA ASP B 182 11.41 -17.65 11.42
C ASP B 182 10.60 -18.33 10.29
N TYR B 183 10.35 -17.61 9.19
CA TYR B 183 9.65 -18.16 8.04
C TYR B 183 10.63 -18.82 7.03
N GLY B 184 11.86 -19.07 7.47
CA GLY B 184 12.84 -19.84 6.66
C GLY B 184 13.75 -19.06 5.73
N VAL B 185 13.64 -17.74 5.72
CA VAL B 185 14.49 -16.91 4.88
C VAL B 185 15.90 -17.04 5.46
N LEU B 186 16.87 -17.31 4.59
CA LEU B 186 18.18 -17.81 5.03
C LEU B 186 19.15 -16.74 5.50
N ALA B 187 19.16 -15.62 4.80
CA ALA B 187 20.14 -14.58 5.05
C ALA B 187 19.77 -13.24 4.38
N VAL B 188 20.49 -12.18 4.76
CA VAL B 188 20.22 -10.85 4.25
C VAL B 188 21.43 -10.29 3.46
N GLU B 189 21.10 -9.62 2.35
CA GLU B 189 22.08 -8.98 1.51
C GLU B 189 21.30 -7.82 0.85
N MET B 190 21.84 -7.18 -0.16
CA MET B 190 21.26 -5.91 -0.63
C MET B 190 21.09 -5.76 -2.15
N GLU B 191 21.21 -6.86 -2.90
CA GLU B 191 21.30 -6.76 -4.37
C GLU B 191 20.52 -7.80 -5.20
N THR B 192 20.25 -9.01 -4.71
CA THR B 192 19.81 -10.05 -5.66
C THR B 192 18.45 -9.79 -6.31
N THR B 193 17.54 -9.06 -5.66
CA THR B 193 16.25 -8.77 -6.30
C THR B 193 16.46 -8.04 -7.62
N ALA B 194 17.37 -7.07 -7.61
CA ALA B 194 17.68 -6.27 -8.79
C ALA B 194 18.23 -7.12 -9.92
N LEU B 195 19.17 -8.00 -9.57
CA LEU B 195 19.86 -8.83 -10.56
C LEU B 195 18.91 -9.82 -11.19
N TYR B 196 18.10 -10.48 -10.36
CA TYR B 196 17.22 -11.55 -10.81
C TYR B 196 16.07 -11.02 -11.64
N THR B 197 15.56 -9.85 -11.26
CA THR B 197 14.44 -9.22 -11.98
C THR B 197 14.88 -8.73 -13.36
N LEU B 198 16.00 -8.02 -13.42
CA LEU B 198 16.53 -7.52 -14.69
C LEU B 198 17.01 -8.64 -15.62
N ALA B 199 17.71 -9.65 -15.09
CA ALA B 199 18.15 -10.77 -15.93
C ALA B 199 16.95 -11.42 -16.60
N ALA B 200 15.93 -11.67 -15.80
CA ALA B 200 14.68 -12.25 -16.26
C ALA B 200 13.97 -11.36 -17.30
N LYS B 201 13.94 -10.06 -17.05
CA LYS B 201 13.33 -9.14 -18.01
C LYS B 201 14.02 -9.18 -19.39
N TYR B 202 15.35 -9.22 -19.41
CA TYR B 202 16.09 -9.24 -20.67
C TYR B 202 16.39 -10.64 -21.21
N GLY B 203 15.90 -11.67 -20.53
CA GLY B 203 16.03 -13.06 -20.99
C GLY B 203 17.44 -13.61 -20.86
N VAL B 204 18.14 -13.26 -19.79
CA VAL B 204 19.52 -13.71 -19.58
C VAL B 204 19.59 -14.44 -18.25
N ASN B 205 20.75 -14.97 -17.91
CA ASN B 205 20.88 -15.90 -16.80
C ASN B 205 21.64 -15.31 -15.62
N ALA B 206 21.03 -15.42 -14.45
CA ALA B 206 21.57 -14.80 -13.25
C ALA B 206 21.52 -15.75 -12.04
N LEU B 207 22.43 -15.51 -11.10
CA LEU B 207 22.52 -16.27 -9.87
C LEU B 207 23.30 -15.48 -8.83
N SER B 208 22.99 -15.71 -7.56
CA SER B 208 23.75 -15.19 -6.44
C SER B 208 24.22 -16.33 -5.56
N VAL B 209 25.53 -16.32 -5.30
CA VAL B 209 26.19 -17.29 -4.47
C VAL B 209 26.95 -16.47 -3.45
N LEU B 210 26.61 -16.68 -2.17
CA LEU B 210 27.11 -15.82 -1.10
C LEU B 210 27.59 -16.65 0.08
N THR B 211 28.62 -16.14 0.74
CA THR B 211 29.20 -16.77 1.90
C THR B 211 28.65 -16.08 3.13
N VAL B 212 28.17 -16.86 4.09
CA VAL B 212 27.73 -16.31 5.38
C VAL B 212 28.92 -15.79 6.19
N SER B 213 28.99 -14.48 6.37
CA SER B 213 30.05 -13.84 7.15
C SER B 213 29.73 -13.85 8.65
N ASP B 214 28.46 -13.68 8.97
CA ASP B 214 28.03 -13.68 10.37
C ASP B 214 26.59 -14.10 10.48
N HIS B 215 26.18 -14.33 11.72
CA HIS B 215 24.80 -14.60 12.02
C HIS B 215 24.18 -13.47 12.86
N ILE B 216 23.18 -12.83 12.28
CA ILE B 216 22.54 -11.63 12.82
C ILE B 216 22.05 -11.84 14.25
N PHE B 217 21.47 -13.01 14.52
CA PHE B 217 20.84 -13.25 15.81
C PHE B 217 21.64 -14.06 16.82
N THR B 218 22.46 -15.00 16.38
CA THR B 218 23.36 -15.71 17.29
C THR B 218 24.58 -14.86 17.60
N GLY B 219 24.93 -13.95 16.70
CA GLY B 219 26.12 -13.13 16.90
C GLY B 219 27.40 -13.87 16.57
N GLU B 220 27.29 -15.11 16.07
CA GLU B 220 28.44 -15.80 15.50
C GLU B 220 28.94 -14.95 14.36
N GLU B 221 30.25 -14.77 14.32
CA GLU B 221 30.85 -13.91 13.36
C GLU B 221 32.22 -14.38 12.91
N THR B 222 32.64 -13.79 11.82
CA THR B 222 33.79 -14.24 11.12
C THR B 222 34.42 -13.00 10.50
N THR B 223 35.73 -12.97 10.57
CA THR B 223 36.56 -11.99 9.94
C THR B 223 36.79 -12.42 8.48
N SER B 224 37.08 -11.44 7.63
CA SER B 224 37.38 -11.69 6.23
C SER B 224 38.54 -12.67 6.01
N GLU B 225 39.60 -12.51 6.81
CA GLU B 225 40.74 -13.44 6.90
C GLU B 225 40.32 -14.86 7.35
N GLU B 226 39.46 -14.95 8.36
CA GLU B 226 39.00 -16.23 8.90
C GLU B 226 38.16 -17.07 7.94
N ARG B 227 37.52 -16.42 6.97
CA ARG B 227 36.62 -17.09 6.03
C ARG B 227 37.15 -17.08 4.59
N GLN B 228 38.44 -16.77 4.42
CA GLN B 228 39.04 -16.59 3.10
C GLN B 228 38.96 -17.82 2.19
N THR B 229 39.22 -18.99 2.77
CA THR B 229 39.25 -20.26 2.02
C THR B 229 37.88 -20.58 1.43
N THR B 230 36.85 -20.40 2.25
CA THR B 230 35.48 -20.59 1.84
C THR B 230 35.08 -19.59 0.75
N PHE B 231 35.47 -18.34 0.94
CA PHE B 231 35.19 -17.31 -0.06
C PHE B 231 35.79 -17.68 -1.41
N ASN B 232 37.04 -18.16 -1.38
CA ASN B 232 37.78 -18.55 -2.57
C ASN B 232 37.16 -19.72 -3.29
N GLU B 233 36.64 -20.68 -2.53
CA GLU B 233 35.95 -21.84 -3.10
C GLU B 233 34.61 -21.42 -3.65
N MET B 234 33.97 -20.45 -3.00
CA MET B 234 32.72 -19.89 -3.52
C MET B 234 32.96 -19.26 -4.89
N ILE B 235 34.03 -18.50 -5.04
CA ILE B 235 34.29 -17.92 -6.34
C ILE B 235 34.64 -18.99 -7.40
N GLU B 236 35.34 -20.05 -6.99
CA GLU B 236 35.64 -21.16 -7.89
C GLU B 236 34.39 -21.79 -8.47
N ILE B 237 33.41 -22.05 -7.60
CA ILE B 237 32.17 -22.69 -8.03
C ILE B 237 31.29 -21.76 -8.87
N ALA B 238 31.33 -20.47 -8.56
CA ALA B 238 30.67 -19.44 -9.38
C ALA B 238 31.32 -19.38 -10.77
N LEU B 239 32.64 -19.41 -10.82
CA LEU B 239 33.35 -19.38 -12.09
C LEU B 239 33.06 -20.62 -12.90
N ASP B 240 33.13 -21.79 -12.26
CA ASP B 240 32.83 -23.04 -12.94
C ASP B 240 31.40 -23.00 -13.49
N ALA B 241 30.42 -22.56 -12.69
CA ALA B 241 29.03 -22.47 -13.14
C ALA B 241 28.86 -21.52 -14.34
N ALA B 242 29.54 -20.38 -14.30
CA ALA B 242 29.51 -19.36 -15.35
C ALA B 242 30.03 -19.83 -16.73
N ILE B 243 31.03 -20.72 -16.76
CA ILE B 243 31.68 -21.08 -18.04
C ILE B 243 31.18 -22.39 -18.65
N HIS C 10 -19.56 34.79 -13.99
CA HIS C 10 -18.96 33.50 -13.51
C HIS C 10 -18.55 33.53 -12.03
N MET C 11 -19.13 32.59 -11.30
CA MET C 11 -18.84 32.35 -9.90
C MET C 11 -18.46 30.89 -9.78
N SER C 12 -17.59 30.54 -8.84
CA SER C 12 -17.30 29.13 -8.60
C SER C 12 -18.51 28.49 -7.85
N VAL C 13 -18.42 27.21 -7.48
CA VAL C 13 -19.57 26.60 -6.81
C VAL C 13 -19.67 26.96 -5.32
N HIS C 14 -18.55 27.22 -4.65
CA HIS C 14 -18.60 27.54 -3.24
C HIS C 14 -18.24 29.00 -2.96
N ILE C 15 -18.06 29.82 -4.01
CA ILE C 15 -17.74 31.25 -3.88
C ILE C 15 -18.63 32.06 -4.84
N GLU C 16 -19.30 33.06 -4.27
CA GLU C 16 -20.30 33.86 -5.00
C GLU C 16 -19.76 35.20 -5.49
N ALA C 17 -18.45 35.35 -5.45
CA ALA C 17 -17.78 36.55 -5.91
C ALA C 17 -17.92 36.78 -7.41
N LYS C 18 -18.00 38.07 -7.72
CA LYS C 18 -17.92 38.59 -9.07
C LYS C 18 -16.46 38.47 -9.48
N GLN C 19 -16.22 38.26 -10.77
CA GLN C 19 -14.87 38.36 -11.34
C GLN C 19 -14.26 39.70 -10.99
N GLY C 20 -13.01 39.69 -10.51
CA GLY C 20 -12.26 40.91 -10.15
C GLY C 20 -12.39 41.39 -8.71
N GLU C 21 -13.29 40.79 -7.95
CA GLU C 21 -13.54 41.14 -6.53
C GLU C 21 -12.51 40.56 -5.55
N ILE C 22 -11.81 39.50 -5.98
CA ILE C 22 -10.79 38.85 -5.18
C ILE C 22 -9.40 39.21 -5.72
N ALA C 23 -8.56 39.74 -4.85
CA ALA C 23 -7.23 40.17 -5.21
C ALA C 23 -6.37 38.95 -5.55
N GLU C 24 -5.25 39.19 -6.24
CA GLU C 24 -4.33 38.12 -6.64
C GLU C 24 -3.57 37.54 -5.45
N SER C 25 -3.49 38.30 -4.37
CA SER C 25 -2.90 37.85 -3.11
C SER C 25 -3.99 37.68 -2.05
N ILE C 26 -3.93 36.57 -1.34
CA ILE C 26 -4.97 36.19 -0.43
C ILE C 26 -4.37 35.44 0.76
N LEU C 27 -4.92 35.71 1.94
CA LEU C 27 -4.64 34.98 3.17
C LEU C 27 -5.76 33.98 3.38
N LEU C 28 -5.38 32.78 3.80
CA LEU C 28 -6.27 31.63 3.90
C LEU C 28 -6.36 31.12 5.35
N PRO C 29 -7.07 31.85 6.24
CA PRO C 29 -7.33 31.27 7.54
C PRO C 29 -8.39 30.15 7.47
N GLY C 30 -8.35 29.17 8.37
CA GLY C 30 -9.39 28.15 8.43
C GLY C 30 -10.74 28.66 8.87
N ASP C 31 -10.72 29.60 9.81
CA ASP C 31 -11.93 30.08 10.48
C ASP C 31 -12.43 31.34 9.75
N PRO C 32 -13.68 31.33 9.23
CA PRO C 32 -14.18 32.52 8.54
C PRO C 32 -14.39 33.74 9.46
N LEU C 33 -14.49 33.51 10.78
CA LEU C 33 -14.55 34.59 11.76
C LEU C 33 -13.17 35.17 12.02
N ARG C 34 -12.12 34.41 11.75
CA ARG C 34 -10.76 34.96 11.77
C ARG C 34 -10.45 35.78 10.52
N ALA C 35 -11.01 35.35 9.40
CA ALA C 35 -10.99 36.10 8.17
C ALA C 35 -11.57 37.50 8.41
N LYS C 36 -12.74 37.53 9.04
CA LYS C 36 -13.45 38.76 9.43
C LYS C 36 -12.64 39.62 10.39
N TYR C 37 -12.01 38.99 11.37
CA TYR C 37 -11.16 39.72 12.32
C TYR C 37 -9.96 40.37 11.63
N ILE C 38 -9.26 39.59 10.79
CA ILE C 38 -8.17 40.10 9.98
C ILE C 38 -8.60 41.30 9.12
N ALA C 39 -9.70 41.14 8.38
CA ALA C 39 -10.20 42.25 7.55
C ALA C 39 -10.48 43.52 8.35
N GLU C 40 -11.21 43.38 9.45
CA GLU C 40 -11.59 44.54 10.26
C GLU C 40 -10.41 45.13 11.02
N THR C 41 -9.42 44.30 11.34
CA THR C 41 -8.26 44.73 12.11
C THR C 41 -7.15 45.31 11.25
N PHE C 42 -6.90 44.76 10.06
CA PHE C 42 -5.72 45.15 9.25
C PHE C 42 -6.07 45.95 8.01
N LEU C 43 -7.31 45.83 7.52
CA LEU C 43 -7.65 46.24 6.16
C LEU C 43 -8.57 47.49 6.14
N GLU C 44 -8.38 48.35 5.14
CA GLU C 44 -9.26 49.51 4.89
C GLU C 44 -10.17 49.20 3.73
N ASP C 45 -11.33 49.88 3.65
CA ASP C 45 -12.23 49.82 2.48
C ASP C 45 -12.55 48.38 2.12
N VAL C 46 -13.07 47.66 3.11
CA VAL C 46 -13.34 46.25 2.95
C VAL C 46 -14.74 45.98 2.43
N THR C 47 -14.80 44.93 1.60
CA THR C 47 -16.00 44.37 1.05
C THR C 47 -16.00 42.87 1.35
N CYS C 48 -17.15 42.36 1.77
CA CYS C 48 -17.33 40.93 1.97
C CYS C 48 -17.91 40.34 0.69
N TYR C 49 -17.10 39.56 -0.04
CA TYR C 49 -17.49 39.09 -1.38
C TYR C 49 -18.21 37.71 -1.36
N ASN C 50 -18.22 37.07 -0.19
CA ASN C 50 -18.79 35.74 -0.10
C ASN C 50 -19.41 35.42 1.23
N ASN C 51 -20.62 34.87 1.16
CA ASN C 51 -21.33 34.36 2.32
C ASN C 51 -21.82 32.92 2.13
N VAL C 52 -21.51 32.27 1.00
CA VAL C 52 -22.02 30.91 0.82
C VAL C 52 -21.34 29.99 1.84
N ARG C 53 -22.19 29.25 2.56
CA ARG C 53 -21.81 28.37 3.67
C ARG C 53 -21.32 29.09 4.92
N GLY C 54 -21.53 30.40 4.99
CA GLY C 54 -20.90 31.22 6.03
C GLY C 54 -19.39 31.29 5.91
N MET C 55 -18.86 30.90 4.75
CA MET C 55 -17.42 30.87 4.56
C MET C 55 -16.96 32.20 3.99
N LEU C 56 -16.87 33.15 4.92
CA LEU C 56 -16.68 34.57 4.68
C LEU C 56 -15.39 34.80 3.97
N GLY C 57 -15.45 35.66 2.96
CA GLY C 57 -14.31 36.09 2.21
C GLY C 57 -14.43 37.58 1.99
N PHE C 58 -13.30 38.27 2.07
CA PHE C 58 -13.25 39.73 2.04
C PHE C 58 -12.10 40.20 1.19
N THR C 59 -12.26 41.38 0.64
CA THR C 59 -11.18 42.10 -0.01
C THR C 59 -11.11 43.50 0.60
N GLY C 60 -9.88 43.95 0.83
CA GLY C 60 -9.65 45.24 1.49
C GLY C 60 -8.32 45.75 1.02
N THR C 61 -7.85 46.83 1.62
CA THR C 61 -6.57 47.40 1.21
C THR C 61 -5.62 47.55 2.38
N TYR C 62 -4.38 47.14 2.14
CA TYR C 62 -3.32 47.14 3.13
C TYR C 62 -2.10 47.84 2.52
N LYS C 63 -1.65 48.92 3.15
CA LYS C 63 -0.51 49.67 2.66
C LYS C 63 -0.67 50.01 1.15
N GLY C 64 -1.84 50.54 0.83
CA GLY C 64 -2.18 50.92 -0.54
C GLY C 64 -2.38 49.79 -1.52
N LYS C 65 -2.38 48.53 -1.07
CA LYS C 65 -2.55 47.37 -1.97
C LYS C 65 -3.83 46.62 -1.67
N ARG C 66 -4.53 46.18 -2.70
CA ARG C 66 -5.68 45.29 -2.49
C ARG C 66 -5.17 43.88 -2.20
N VAL C 67 -5.74 43.27 -1.17
CA VAL C 67 -5.38 41.92 -0.75
C VAL C 67 -6.68 41.29 -0.25
N SER C 68 -6.83 39.97 -0.36
CA SER C 68 -8.05 39.28 0.09
C SER C 68 -7.79 38.36 1.28
N VAL C 69 -8.88 37.94 1.94
CA VAL C 69 -8.84 37.01 3.08
C VAL C 69 -10.03 36.06 3.05
N GLN C 70 -9.75 34.76 2.99
CA GLN C 70 -10.75 33.72 2.72
C GLN C 70 -10.68 32.56 3.72
N GLY C 71 -11.80 32.33 4.42
CA GLY C 71 -11.96 31.13 5.23
C GLY C 71 -11.90 29.88 4.36
N THR C 72 -11.24 28.84 4.85
CA THR C 72 -11.06 27.61 4.06
C THR C 72 -11.78 26.40 4.64
N GLY C 73 -12.26 26.52 5.87
CA GLY C 73 -12.73 25.36 6.64
C GLY C 73 -11.55 24.54 7.16
N MET C 74 -11.85 23.38 7.72
CA MET C 74 -10.82 22.52 8.29
C MET C 74 -10.58 21.25 7.45
N GLY C 75 -9.31 20.95 7.21
CA GLY C 75 -8.89 19.70 6.58
C GLY C 75 -8.60 19.83 5.10
N VAL C 76 -7.86 18.86 4.60
CA VAL C 76 -7.43 18.80 3.21
C VAL C 76 -8.58 18.96 2.20
N PRO C 77 -9.65 18.17 2.34
CA PRO C 77 -10.75 18.26 1.38
C PRO C 77 -11.43 19.63 1.31
N SER C 78 -11.54 20.30 2.45
CA SER C 78 -12.18 21.61 2.52
C SER C 78 -11.30 22.71 1.92
N ILE C 79 -10.04 22.83 2.35
CA ILE C 79 -9.14 23.84 1.78
C ILE C 79 -8.91 23.58 0.29
N SER C 80 -8.92 22.32 -0.13
CA SER C 80 -8.69 21.99 -1.55
C SER C 80 -9.78 22.50 -2.49
N ILE C 81 -11.00 22.57 -1.98
CA ILE C 81 -12.11 23.11 -2.76
C ILE C 81 -11.89 24.62 -2.98
N TYR C 82 -11.67 25.35 -1.88
CA TYR C 82 -11.51 26.79 -1.95
C TYR C 82 -10.28 27.14 -2.78
N VAL C 83 -9.17 26.46 -2.53
CA VAL C 83 -7.93 26.74 -3.26
C VAL C 83 -8.08 26.51 -4.78
N ASN C 84 -8.71 25.39 -5.15
CA ASN C 84 -9.02 25.09 -6.55
C ASN C 84 -9.81 26.21 -7.21
N GLU C 85 -10.86 26.68 -6.53
CA GLU C 85 -11.77 27.68 -7.09
C GLU C 85 -11.12 29.07 -7.14
N LEU C 86 -10.34 29.43 -6.12
CA LEU C 86 -9.60 30.70 -6.13
C LEU C 86 -8.61 30.81 -7.30
N ILE C 87 -7.93 29.71 -7.57
CA ILE C 87 -6.94 29.67 -8.64
C ILE C 87 -7.65 29.58 -10.00
N GLN C 88 -8.59 28.65 -10.13
CA GLN C 88 -9.18 28.34 -11.44
C GLN C 88 -10.20 29.36 -11.87
N SER C 89 -11.02 29.85 -10.93
CA SER C 89 -12.10 30.78 -11.28
C SER C 89 -11.77 32.25 -11.06
N TYR C 90 -10.76 32.54 -10.24
CA TYR C 90 -10.49 33.90 -9.81
C TYR C 90 -9.07 34.40 -10.08
N GLY C 91 -8.22 33.58 -10.66
CA GLY C 91 -6.87 34.02 -11.02
C GLY C 91 -6.01 34.46 -9.85
N VAL C 92 -6.26 33.89 -8.67
CA VAL C 92 -5.45 34.17 -7.50
C VAL C 92 -4.05 33.60 -7.73
N LYS C 93 -3.03 34.35 -7.33
CA LYS C 93 -1.62 34.04 -7.66
C LYS C 93 -0.69 33.73 -6.46
N ASN C 94 -0.90 34.43 -5.34
CA ASN C 94 -0.13 34.21 -4.13
C ASN C 94 -1.05 33.87 -2.95
N LEU C 95 -0.86 32.69 -2.37
CA LEU C 95 -1.81 32.16 -1.39
C LEU C 95 -1.10 31.82 -0.09
N ILE C 96 -1.45 32.54 0.97
CA ILE C 96 -0.81 32.32 2.26
C ILE C 96 -1.81 31.84 3.32
N ARG C 97 -1.61 30.58 3.72
CA ARG C 97 -2.32 29.99 4.82
C ARG C 97 -1.75 30.60 6.10
N VAL C 98 -2.66 31.12 6.92
CA VAL C 98 -2.35 31.59 8.25
C VAL C 98 -3.19 30.77 9.26
N GLY C 99 -2.66 30.61 10.46
CA GLY C 99 -3.37 29.89 11.50
C GLY C 99 -2.46 29.39 12.59
N THR C 100 -2.92 28.40 13.34
CA THR C 100 -2.13 27.90 14.45
C THR C 100 -1.68 26.47 14.21
N CYS C 101 -0.77 26.00 15.05
CA CYS C 101 -0.30 24.62 14.98
C CYS C 101 0.08 24.11 16.36
N GLY C 102 0.14 22.78 16.48
CA GLY C 102 0.59 22.11 17.70
C GLY C 102 2.00 21.60 17.49
N ALA C 103 2.90 22.04 18.38
CA ALA C 103 4.31 21.70 18.30
C ALA C 103 4.53 20.24 18.67
N ILE C 104 5.39 19.57 17.89
CA ILE C 104 5.76 18.19 18.19
C ILE C 104 7.27 17.97 18.29
N GLN C 105 8.07 18.90 17.78
CA GLN C 105 9.50 18.84 17.94
C GLN C 105 9.86 19.37 19.35
N LYS C 106 10.84 18.73 19.98
CA LYS C 106 11.08 18.91 21.42
C LYS C 106 11.53 20.32 21.82
N ASP C 107 12.18 21.04 20.92
CA ASP C 107 12.65 22.43 21.12
C ASP C 107 11.70 23.53 20.62
N VAL C 108 10.58 23.18 19.99
CA VAL C 108 9.67 24.21 19.49
C VAL C 108 8.85 24.71 20.68
N LYS C 109 8.52 26.01 20.69
CA LYS C 109 7.84 26.63 21.83
C LYS C 109 6.53 27.26 21.39
N VAL C 110 5.58 27.35 22.32
CA VAL C 110 4.41 28.20 22.09
C VAL C 110 4.86 29.59 21.69
N ARG C 111 4.09 30.20 20.79
CA ARG C 111 4.35 31.56 20.27
C ARG C 111 5.38 31.62 19.15
N ASP C 112 6.10 30.52 18.92
CA ASP C 112 6.99 30.44 17.78
C ASP C 112 6.13 30.47 16.54
N VAL C 113 6.72 30.97 15.46
CA VAL C 113 6.07 30.92 14.17
C VAL C 113 6.84 30.00 13.22
N ILE C 114 6.06 29.07 12.65
CA ILE C 114 6.54 28.02 11.82
C ILE C 114 6.24 28.44 10.40
N ILE C 115 7.27 28.43 9.56
CA ILE C 115 7.09 28.58 8.11
C ILE C 115 7.43 27.23 7.47
N ALA C 116 6.41 26.58 6.89
CA ALA C 116 6.52 25.21 6.33
C ALA C 116 7.27 25.19 4.98
N MET C 117 8.43 24.56 5.00
CA MET C 117 9.19 24.29 3.80
C MET C 117 8.47 23.20 2.96
N THR C 118 8.05 22.14 3.65
CA THR C 118 7.23 21.05 3.09
C THR C 118 6.22 20.59 4.13
N ALA C 119 5.39 19.63 3.76
CA ALA C 119 4.51 18.96 4.70
C ALA C 119 4.56 17.44 4.48
N CYS C 120 4.62 16.70 5.59
CA CYS C 120 4.33 15.27 5.62
C CYS C 120 2.82 15.16 5.75
N THR C 121 2.27 13.99 5.43
CA THR C 121 0.85 13.78 5.62
C THR C 121 0.42 12.29 5.72
N ASP C 122 -0.67 12.06 6.45
CA ASP C 122 -1.42 10.79 6.42
C ASP C 122 -2.66 10.88 5.51
N SER C 123 -2.75 11.95 4.74
CA SER C 123 -3.78 12.09 3.73
C SER C 123 -3.44 11.25 2.52
N ASN C 124 -4.47 10.71 1.85
CA ASN C 124 -4.30 9.93 0.62
C ASN C 124 -4.15 10.80 -0.61
N MET C 125 -4.20 12.10 -0.47
CA MET C 125 -4.38 12.93 -1.64
C MET C 125 -3.32 12.75 -2.76
N ASN C 126 -2.05 12.60 -2.40
CA ASN C 126 -1.00 12.46 -3.42
C ASN C 126 -0.76 11.02 -3.88
N ARG C 127 -1.32 10.05 -3.15
CA ARG C 127 -1.17 8.63 -3.44
C ARG C 127 -1.99 8.16 -4.63
N LEU C 128 -3.20 8.69 -4.77
CA LEU C 128 -3.92 8.58 -6.04
C LEU C 128 -3.21 9.27 -7.23
N THR C 129 -2.58 10.42 -6.98
CA THR C 129 -1.98 11.20 -8.07
C THR C 129 -0.65 10.64 -8.58
N PHE C 130 0.18 10.15 -7.65
CA PHE C 130 1.48 9.56 -7.97
C PHE C 130 1.60 8.25 -7.24
N PRO C 131 0.88 7.20 -7.71
CA PRO C 131 0.91 5.90 -7.08
C PRO C 131 2.32 5.35 -7.08
N GLY C 132 2.72 4.82 -5.92
CA GLY C 132 4.06 4.27 -5.67
C GLY C 132 5.11 5.27 -5.25
N PHE C 133 4.77 6.56 -5.28
CA PHE C 133 5.70 7.63 -4.96
C PHE C 133 5.36 8.34 -3.66
N ASP C 134 6.38 8.85 -2.97
CA ASP C 134 6.18 9.90 -1.95
C ASP C 134 6.34 11.27 -2.64
N PHE C 135 5.25 12.01 -2.78
CA PHE C 135 5.31 13.41 -3.26
C PHE C 135 5.53 14.38 -2.08
N ALA C 136 6.56 15.20 -2.21
CA ALA C 136 6.97 16.16 -1.20
C ALA C 136 6.64 17.52 -1.76
N PRO C 137 5.51 18.11 -1.33
CA PRO C 137 5.09 19.41 -1.86
C PRO C 137 5.92 20.54 -1.22
N ALA C 138 6.47 21.42 -2.06
CA ALA C 138 7.36 22.49 -1.63
C ALA C 138 6.65 23.85 -1.61
N ALA C 139 7.05 24.69 -0.65
CA ALA C 139 6.59 26.07 -0.64
C ALA C 139 7.25 26.81 -1.77
N ASN C 140 6.63 27.92 -2.18
CA ASN C 140 7.34 28.87 -3.05
C ASN C 140 8.44 29.53 -2.24
N PHE C 141 9.66 29.39 -2.74
CA PHE C 141 10.84 29.88 -2.05
C PHE C 141 10.89 31.41 -1.90
N ASP C 142 10.49 32.14 -2.95
CA ASP C 142 10.46 33.61 -2.88
C ASP C 142 9.57 34.09 -1.74
N LEU C 143 8.36 33.56 -1.64
CA LEU C 143 7.46 33.92 -0.54
C LEU C 143 8.03 33.52 0.80
N LEU C 144 8.59 32.32 0.84
CA LEU C 144 9.13 31.76 2.06
C LEU C 144 10.22 32.67 2.63
N LYS C 145 11.11 33.10 1.74
CA LYS C 145 12.22 34.00 2.06
C LYS C 145 11.74 35.40 2.54
N LYS C 146 10.81 36.01 1.80
CA LYS C 146 10.19 37.29 2.21
C LYS C 146 9.57 37.23 3.62
N ALA C 147 8.84 36.16 3.91
CA ALA C 147 8.19 36.01 5.20
C ALA C 147 9.20 35.72 6.32
N TYR C 148 10.17 34.86 6.05
CA TYR C 148 11.25 34.64 6.99
C TYR C 148 12.00 35.93 7.31
N ASP C 149 12.39 36.69 6.27
CA ASP C 149 13.09 37.95 6.50
C ASP C 149 12.23 38.95 7.29
N ALA C 150 10.98 39.10 6.92
CA ALA C 150 10.08 40.01 7.66
C ALA C 150 9.83 39.54 9.11
N GLY C 151 9.80 38.23 9.32
CA GLY C 151 9.59 37.65 10.63
C GLY C 151 10.73 37.92 11.58
N THR C 152 11.94 37.73 11.08
CA THR C 152 13.15 37.89 11.87
C THR C 152 13.45 39.38 12.17
N GLU C 153 13.14 40.26 11.22
CA GLU C 153 13.20 41.71 11.42
C GLU C 153 12.24 42.16 12.51
N LYS C 154 11.08 41.52 12.57
CA LYS C 154 10.07 41.83 13.57
C LYS C 154 10.44 41.26 14.94
N GLY C 155 11.35 40.29 15.00
CA GLY C 155 11.77 39.70 16.27
C GLY C 155 11.12 38.38 16.64
N LEU C 156 10.26 37.87 15.76
CA LEU C 156 9.57 36.61 15.98
C LEU C 156 10.57 35.44 15.93
N HIS C 157 10.35 34.41 16.76
CA HIS C 157 11.14 33.19 16.71
C HIS C 157 10.60 32.34 15.55
N VAL C 158 11.14 32.58 14.36
CA VAL C 158 10.64 31.89 13.17
C VAL C 158 11.47 30.64 12.87
N ARG C 159 10.78 29.56 12.55
CA ARG C 159 11.40 28.25 12.32
C ARG C 159 10.93 27.73 10.99
N VAL C 160 11.90 27.31 10.18
CA VAL C 160 11.67 26.86 8.83
C VAL C 160 11.99 25.38 8.81
N GLY C 161 11.02 24.58 8.40
CA GLY C 161 11.18 23.14 8.40
C GLY C 161 9.92 22.49 7.88
N ASN C 162 9.80 21.18 8.09
CA ASN C 162 8.57 20.47 7.75
C ASN C 162 7.51 20.45 8.84
N VAL C 163 6.29 20.16 8.40
CA VAL C 163 5.12 20.04 9.26
C VAL C 163 4.37 18.78 8.89
N LEU C 164 3.54 18.30 9.82
CA LEU C 164 2.59 17.25 9.55
C LEU C 164 1.27 17.90 9.19
N THR C 165 0.75 17.57 8.00
CA THR C 165 -0.63 17.84 7.64
C THR C 165 -1.43 16.57 8.00
N ALA C 166 -2.09 16.63 9.17
CA ALA C 166 -2.88 15.54 9.68
C ALA C 166 -4.30 15.52 9.09
N ASP C 167 -4.76 14.31 8.83
CA ASP C 167 -6.12 14.11 8.36
C ASP C 167 -7.07 13.93 9.53
N VAL C 168 -6.52 13.72 10.73
CA VAL C 168 -7.31 13.44 11.93
C VAL C 168 -6.82 14.25 13.11
N PHE C 169 -7.74 15.06 13.67
CA PHE C 169 -7.51 15.87 14.85
C PHE C 169 -7.47 14.97 16.08
N TYR C 170 -8.47 14.11 16.21
CA TYR C 170 -8.53 13.18 17.36
C TYR C 170 -7.93 11.82 16.98
N ARG C 171 -6.67 11.62 17.34
CA ARG C 171 -5.91 10.45 16.91
C ARG C 171 -5.86 9.44 18.03
N GLU C 172 -6.14 8.17 17.75
CA GLU C 172 -6.16 7.19 18.83
C GLU C 172 -4.78 6.99 19.45
N SER C 173 -3.77 6.85 18.62
CA SER C 173 -2.41 6.68 19.07
C SER C 173 -1.57 7.86 18.61
N MET C 174 -0.77 8.42 19.51
CA MET C 174 0.20 9.45 19.16
C MET C 174 1.63 8.97 18.85
N ASP C 175 1.83 7.64 18.73
CA ASP C 175 3.16 7.07 18.51
C ASP C 175 3.86 7.61 17.25
N MET C 176 3.11 7.68 16.14
CA MET C 176 3.68 8.14 14.86
C MET C 176 3.96 9.62 14.84
N VAL C 177 3.08 10.43 15.42
CA VAL C 177 3.36 11.87 15.48
C VAL C 177 4.51 12.17 16.47
N LYS C 178 4.66 11.35 17.51
CA LYS C 178 5.84 11.44 18.34
C LYS C 178 7.10 11.14 17.52
N LYS C 179 7.08 10.06 16.73
CA LYS C 179 8.21 9.69 15.89
C LYS C 179 8.56 10.75 14.85
N LEU C 180 7.57 11.34 14.23
CA LEU C 180 7.80 12.43 13.28
C LEU C 180 8.48 13.61 13.93
N GLY C 181 8.05 13.98 15.13
CA GLY C 181 8.69 15.02 15.94
C GLY C 181 10.11 14.66 16.32
N ASP C 182 10.33 13.39 16.65
CA ASP C 182 11.68 12.85 16.86
C ASP C 182 12.56 13.00 15.63
N TYR C 183 11.96 12.87 14.44
CA TYR C 183 12.64 13.16 13.16
C TYR C 183 12.56 14.64 12.72
N GLY C 184 12.38 15.55 13.67
CA GLY C 184 12.46 17.00 13.38
C GLY C 184 11.25 17.66 12.73
N VAL C 185 10.15 16.93 12.59
CA VAL C 185 8.92 17.55 12.10
C VAL C 185 8.46 18.49 13.21
N LEU C 186 8.17 19.74 12.82
CA LEU C 186 8.09 20.84 13.77
C LEU C 186 6.73 20.87 14.46
N ALA C 187 5.67 20.72 13.67
CA ALA C 187 4.35 20.88 14.23
C ALA C 187 3.30 20.13 13.40
N VAL C 188 2.09 20.06 13.95
CA VAL C 188 0.95 19.41 13.29
C VAL C 188 -0.18 20.40 13.01
N GLU C 189 -0.77 20.26 11.83
CA GLU C 189 -1.89 21.09 11.41
C GLU C 189 -2.60 20.25 10.34
N MET C 190 -3.55 20.81 9.61
CA MET C 190 -4.45 19.95 8.81
C MET C 190 -4.69 20.39 7.36
N GLU C 191 -3.87 21.28 6.82
CA GLU C 191 -4.19 21.90 5.54
C GLU C 191 -3.05 22.06 4.53
N THR C 192 -1.79 22.19 4.96
CA THR C 192 -0.80 22.80 4.04
C THR C 192 -0.39 21.93 2.84
N THR C 193 -0.42 20.61 2.98
CA THR C 193 -0.09 19.74 1.83
C THR C 193 -1.07 19.95 0.66
N ALA C 194 -2.36 20.16 0.95
CA ALA C 194 -3.34 20.49 -0.07
C ALA C 194 -2.94 21.75 -0.80
N LEU C 195 -2.63 22.79 -0.02
CA LEU C 195 -2.30 24.09 -0.58
C LEU C 195 -1.04 24.06 -1.46
N TYR C 196 -0.02 23.40 -0.95
CA TYR C 196 1.29 23.32 -1.63
C TYR C 196 1.22 22.50 -2.90
N THR C 197 0.46 21.42 -2.85
CA THR C 197 0.34 20.51 -3.98
C THR C 197 -0.43 21.18 -5.13
N LEU C 198 -1.56 21.80 -4.79
CA LEU C 198 -2.41 22.45 -5.79
C LEU C 198 -1.76 23.70 -6.37
N ALA C 199 -1.08 24.48 -5.54
CA ALA C 199 -0.26 25.60 -6.02
C ALA C 199 0.80 25.17 -7.03
N ALA C 200 1.52 24.11 -6.69
CA ALA C 200 2.46 23.43 -7.59
C ALA C 200 1.79 22.94 -8.90
N LYS C 201 0.66 22.25 -8.77
CA LYS C 201 -0.13 21.81 -9.93
C LYS C 201 -0.47 22.94 -10.90
N TYR C 202 -0.83 24.10 -10.37
CA TYR C 202 -1.31 25.21 -11.18
C TYR C 202 -0.26 26.30 -11.44
N GLY C 203 0.95 26.11 -10.93
CA GLY C 203 2.05 27.03 -11.13
C GLY C 203 1.91 28.37 -10.41
N VAL C 204 1.33 28.36 -9.22
CA VAL C 204 1.17 29.59 -8.46
C VAL C 204 1.96 29.44 -7.13
N ASN C 205 1.98 30.51 -6.33
CA ASN C 205 2.88 30.59 -5.17
C ASN C 205 2.13 30.46 -3.85
N ALA C 206 2.61 29.55 -2.99
CA ALA C 206 1.97 29.24 -1.70
C ALA C 206 2.97 29.25 -0.57
N LEU C 207 2.46 29.48 0.63
CA LEU C 207 3.22 29.44 1.85
C LEU C 207 2.23 29.27 3.00
N SER C 208 2.65 28.53 4.04
CA SER C 208 1.95 28.44 5.30
C SER C 208 2.82 29.05 6.38
N VAL C 209 2.25 29.96 7.14
CA VAL C 209 2.93 30.52 8.30
C VAL C 209 2.00 30.47 9.51
N LEU C 210 2.50 29.79 10.54
CA LEU C 210 1.69 29.28 11.64
C LEU C 210 2.22 29.71 12.98
N THR C 211 1.30 30.08 13.86
CA THR C 211 1.66 30.36 15.23
C THR C 211 1.49 29.09 16.07
N VAL C 212 2.49 28.74 16.87
CA VAL C 212 2.33 27.60 17.78
C VAL C 212 1.37 27.98 18.91
N SER C 213 0.25 27.24 18.98
CA SER C 213 -0.73 27.43 20.06
C SER C 213 -0.40 26.62 21.34
N ASP C 214 0.13 25.42 21.15
CA ASP C 214 0.47 24.56 22.26
C ASP C 214 1.48 23.50 21.82
N HIS C 215 2.10 22.86 22.80
CA HIS C 215 3.02 21.78 22.53
C HIS C 215 2.36 20.49 22.97
N ILE C 216 2.20 19.61 21.98
CA ILE C 216 1.42 18.40 22.13
C ILE C 216 2.00 17.43 23.17
N PHE C 217 3.34 17.39 23.27
CA PHE C 217 4.01 16.47 24.19
C PHE C 217 4.47 17.07 25.50
N THR C 218 4.82 18.34 25.56
CA THR C 218 5.19 18.91 26.85
C THR C 218 3.97 19.41 27.61
N GLY C 219 2.85 19.57 26.94
CA GLY C 219 1.64 20.08 27.57
C GLY C 219 1.51 21.59 27.60
N GLU C 220 2.56 22.34 27.24
CA GLU C 220 2.44 23.80 27.18
C GLU C 220 1.32 24.20 26.22
N GLU C 221 0.44 25.05 26.72
CA GLU C 221 -0.76 25.51 26.01
C GLU C 221 -0.84 27.03 26.11
N THR C 222 -1.51 27.61 25.15
CA THR C 222 -1.74 29.02 25.16
C THR C 222 -3.20 29.21 24.79
N THR C 223 -3.81 30.22 25.36
CA THR C 223 -5.15 30.66 24.97
C THR C 223 -5.05 31.58 23.73
N SER C 224 -6.11 31.67 22.93
CA SER C 224 -6.09 32.58 21.77
C SER C 224 -5.84 34.05 22.17
N GLU C 225 -6.43 34.46 23.29
CA GLU C 225 -6.17 35.77 23.90
C GLU C 225 -4.70 35.92 24.30
N GLU C 226 -4.14 34.89 24.95
CA GLU C 226 -2.71 34.88 25.33
C GLU C 226 -1.71 35.05 24.18
N ARG C 227 -2.10 34.65 22.97
CA ARG C 227 -1.23 34.72 21.78
C ARG C 227 -1.71 35.71 20.69
N GLN C 228 -2.64 36.60 21.02
CA GLN C 228 -3.19 37.51 20.00
C GLN C 228 -2.12 38.39 19.38
N THR C 229 -1.15 38.81 20.18
CA THR C 229 -0.15 39.73 19.67
C THR C 229 0.81 39.06 18.71
N THR C 230 1.31 37.87 19.06
CA THR C 230 2.09 37.04 18.12
C THR C 230 1.30 36.75 16.84
N PHE C 231 0.07 36.30 16.98
CA PHE C 231 -0.80 36.07 15.81
C PHE C 231 -0.98 37.32 14.94
N ASN C 232 -1.19 38.48 15.54
CA ASN C 232 -1.36 39.71 14.75
C ASN C 232 -0.10 40.07 13.96
N GLU C 233 1.04 39.84 14.58
CA GLU C 233 2.33 40.05 13.94
C GLU C 233 2.61 39.04 12.86
N MET C 234 2.20 37.80 13.05
CA MET C 234 2.24 36.79 11.99
C MET C 234 1.43 37.26 10.76
N ILE C 235 0.24 37.78 11.03
CA ILE C 235 -0.62 38.33 9.98
C ILE C 235 0.09 39.44 9.22
N GLU C 236 0.78 40.33 9.93
CA GLU C 236 1.46 41.44 9.25
C GLU C 236 2.51 40.91 8.29
N ILE C 237 3.34 39.97 8.76
CA ILE C 237 4.41 39.42 7.91
C ILE C 237 3.84 38.59 6.74
N ALA C 238 2.73 37.88 6.94
CA ALA C 238 2.03 37.20 5.83
C ALA C 238 1.48 38.20 4.79
N LEU C 239 0.92 39.30 5.27
CA LEU C 239 0.46 40.38 4.39
C LEU C 239 1.63 41.06 3.66
N ASP C 240 2.73 41.29 4.35
CA ASP C 240 3.89 41.87 3.71
C ASP C 240 4.45 40.92 2.64
N ALA C 241 4.62 39.64 2.97
CA ALA C 241 5.12 38.66 1.99
C ALA C 241 4.20 38.61 0.76
N ALA C 242 2.89 38.62 1.00
CA ALA C 242 1.88 38.43 -0.04
C ALA C 242 1.79 39.56 -1.09
N ILE C 243 1.90 40.81 -0.67
CA ILE C 243 1.64 41.94 -1.58
C ILE C 243 2.88 42.41 -2.35
N HIS D 10 -7.49 -36.99 18.47
CA HIS D 10 -7.39 -35.62 17.90
C HIS D 10 -7.59 -35.65 16.38
N MET D 11 -8.57 -34.88 15.93
CA MET D 11 -8.77 -34.62 14.52
C MET D 11 -8.64 -33.13 14.32
N SER D 12 -8.27 -32.71 13.12
CA SER D 12 -8.31 -31.28 12.80
C SER D 12 -9.74 -30.88 12.50
N VAL D 13 -10.01 -29.60 12.31
CA VAL D 13 -11.42 -29.19 12.13
C VAL D 13 -12.01 -29.58 10.76
N HIS D 14 -11.18 -29.79 9.74
CA HIS D 14 -11.67 -30.12 8.38
C HIS D 14 -11.28 -31.51 7.89
N ILE D 15 -10.55 -32.26 8.70
CA ILE D 15 -10.11 -33.60 8.35
C ILE D 15 -10.46 -34.56 9.51
N GLU D 16 -11.11 -35.68 9.18
CA GLU D 16 -11.64 -36.58 10.22
C GLU D 16 -10.74 -37.79 10.49
N ALA D 17 -9.47 -37.71 10.11
CA ALA D 17 -8.53 -38.82 10.26
C ALA D 17 -8.07 -39.02 11.70
N LYS D 18 -7.77 -40.28 12.05
CA LYS D 18 -7.05 -40.56 13.30
C LYS D 18 -5.59 -40.22 13.14
N GLN D 19 -4.94 -39.92 14.25
CA GLN D 19 -3.51 -39.76 14.26
C GLN D 19 -2.84 -40.96 13.60
N GLY D 20 -1.89 -40.69 12.70
CA GLY D 20 -1.13 -41.74 12.01
C GLY D 20 -1.75 -42.33 10.76
N GLU D 21 -3.05 -42.09 10.53
CA GLU D 21 -3.67 -42.51 9.27
C GLU D 21 -3.08 -41.79 8.02
N ILE D 22 -2.54 -40.59 8.17
CA ILE D 22 -2.01 -39.86 7.00
C ILE D 22 -0.48 -39.98 6.96
N ALA D 23 0.07 -40.34 5.80
CA ALA D 23 1.50 -40.53 5.66
C ALA D 23 2.25 -39.19 5.71
N GLU D 24 3.56 -39.26 5.94
CA GLU D 24 4.41 -38.07 6.03
C GLU D 24 4.62 -37.41 4.69
N SER D 25 4.41 -38.16 3.62
CA SER D 25 4.49 -37.63 2.26
C SER D 25 3.11 -37.67 1.64
N ILE D 26 2.76 -36.58 0.98
CA ILE D 26 1.39 -36.37 0.51
C ILE D 26 1.33 -35.57 -0.80
N LEU D 27 0.46 -36.01 -1.70
CA LEU D 27 0.17 -35.27 -2.91
C LEU D 27 -1.14 -34.52 -2.73
N LEU D 28 -1.16 -33.32 -3.31
CA LEU D 28 -2.21 -32.38 -3.03
C LEU D 28 -2.82 -31.88 -4.32
N PRO D 29 -3.69 -32.69 -4.97
CA PRO D 29 -4.50 -32.12 -6.06
C PRO D 29 -5.61 -31.22 -5.49
N GLY D 30 -6.11 -30.29 -6.30
CA GLY D 30 -7.23 -29.45 -5.87
C GLY D 30 -8.53 -30.24 -5.81
N ASP D 31 -8.69 -31.14 -6.79
CA ASP D 31 -9.92 -31.90 -6.99
C ASP D 31 -9.90 -33.23 -6.20
N PRO D 32 -10.88 -33.44 -5.28
CA PRO D 32 -11.09 -34.69 -4.52
C PRO D 32 -11.34 -35.93 -5.38
N LEU D 33 -12.02 -35.75 -6.52
CA LEU D 33 -12.22 -36.85 -7.45
C LEU D 33 -10.92 -37.17 -8.19
N ARG D 34 -10.03 -36.19 -8.29
CA ARG D 34 -8.66 -36.45 -8.78
C ARG D 34 -7.78 -37.19 -7.72
N ALA D 35 -7.94 -36.86 -6.45
CA ALA D 35 -7.30 -37.62 -5.38
C ALA D 35 -7.73 -39.09 -5.44
N LYS D 36 -9.04 -39.32 -5.61
CA LYS D 36 -9.62 -40.67 -5.75
C LYS D 36 -9.02 -41.44 -6.94
N TYR D 37 -8.94 -40.75 -8.08
CA TYR D 37 -8.34 -41.33 -9.27
C TYR D 37 -6.90 -41.77 -8.98
N ILE D 38 -6.10 -40.89 -8.39
CA ILE D 38 -4.70 -41.19 -8.06
C ILE D 38 -4.56 -42.38 -7.11
N ALA D 39 -5.30 -42.36 -6.01
CA ALA D 39 -5.32 -43.46 -5.07
C ALA D 39 -5.70 -44.80 -5.74
N GLU D 40 -6.85 -44.83 -6.39
CA GLU D 40 -7.31 -46.05 -7.08
C GLU D 40 -6.35 -46.57 -8.16
N THR D 41 -5.62 -45.67 -8.81
CA THR D 41 -4.86 -46.00 -10.01
C THR D 41 -3.39 -46.34 -9.73
N PHE D 42 -2.78 -45.61 -8.78
CA PHE D 42 -1.35 -45.72 -8.50
C PHE D 42 -1.02 -46.40 -7.15
N LEU D 43 -2.02 -46.56 -6.29
CA LEU D 43 -1.80 -47.00 -4.92
C LEU D 43 -2.37 -48.40 -4.65
N GLU D 44 -1.69 -49.12 -3.76
CA GLU D 44 -2.12 -50.41 -3.23
C GLU D 44 -2.59 -50.25 -1.80
N ASP D 45 -3.45 -51.15 -1.33
CA ASP D 45 -3.88 -51.24 0.07
C ASP D 45 -4.43 -49.90 0.55
N VAL D 46 -5.39 -49.36 -0.18
CA VAL D 46 -5.78 -47.98 0.06
C VAL D 46 -6.94 -47.85 1.02
N THR D 47 -6.84 -46.82 1.85
CA THR D 47 -7.84 -46.49 2.84
C THR D 47 -8.23 -45.02 2.59
N CYS D 48 -9.54 -44.75 2.59
CA CYS D 48 -10.06 -43.39 2.55
C CYS D 48 -10.23 -42.91 3.97
N TYR D 49 -9.45 -41.90 4.39
CA TYR D 49 -9.42 -41.46 5.81
C TYR D 49 -10.29 -40.21 6.05
N ASN D 50 -10.78 -39.60 4.99
CA ASN D 50 -11.60 -38.39 5.13
C ASN D 50 -12.62 -38.19 4.03
N ASN D 51 -13.86 -37.89 4.38
CA ASN D 51 -14.63 -37.06 3.47
C ASN D 51 -15.50 -35.97 4.07
N VAL D 52 -15.00 -35.30 5.10
CA VAL D 52 -15.66 -34.07 5.53
C VAL D 52 -15.58 -33.08 4.37
N ARG D 53 -16.70 -32.40 4.13
CA ARG D 53 -16.93 -31.57 2.94
C ARG D 53 -16.78 -32.30 1.61
N GLY D 54 -16.83 -33.63 1.61
CA GLY D 54 -16.45 -34.40 0.44
C GLY D 54 -15.03 -34.17 -0.06
N MET D 55 -14.13 -33.66 0.81
CA MET D 55 -12.74 -33.40 0.42
C MET D 55 -11.89 -34.62 0.75
N LEU D 56 -12.05 -35.59 -0.14
CA LEU D 56 -11.54 -36.94 -0.01
C LEU D 56 -10.04 -37.00 0.20
N GLY D 57 -9.62 -37.84 1.14
CA GLY D 57 -8.22 -38.11 1.39
C GLY D 57 -7.97 -39.60 1.56
N PHE D 58 -6.89 -40.07 0.96
CA PHE D 58 -6.54 -41.49 0.96
C PHE D 58 -5.07 -41.71 1.39
N THR D 59 -4.81 -42.88 1.98
CA THR D 59 -3.46 -43.38 2.22
C THR D 59 -3.35 -44.78 1.61
N GLY D 60 -2.23 -45.02 0.96
CA GLY D 60 -2.04 -46.27 0.26
C GLY D 60 -0.58 -46.54 0.23
N THR D 61 -0.18 -47.54 -0.54
CA THR D 61 1.24 -47.80 -0.62
C THR D 61 1.76 -47.81 -2.05
N TYR D 62 2.94 -47.24 -2.18
CA TYR D 62 3.54 -47.02 -3.47
C TYR D 62 5.02 -47.39 -3.38
N LYS D 63 5.40 -48.43 -4.11
CA LYS D 63 6.76 -48.93 -4.12
C LYS D 63 7.22 -49.27 -2.70
N GLY D 64 6.33 -49.89 -1.93
CA GLY D 64 6.63 -50.35 -0.58
C GLY D 64 6.62 -49.27 0.49
N LYS D 65 6.06 -48.11 0.15
CA LYS D 65 6.05 -46.98 1.07
C LYS D 65 4.71 -46.36 1.20
N ARG D 66 4.37 -45.95 2.42
CA ARG D 66 3.08 -45.31 2.65
C ARG D 66 3.11 -43.89 2.14
N VAL D 67 2.05 -43.53 1.43
CA VAL D 67 1.90 -42.22 0.85
C VAL D 67 0.41 -41.89 0.82
N SER D 68 0.12 -40.60 0.95
CA SER D 68 -1.24 -40.10 1.01
C SER D 68 -1.54 -39.15 -0.14
N VAL D 69 -2.83 -38.97 -0.43
CA VAL D 69 -3.31 -38.02 -1.45
C VAL D 69 -4.56 -37.31 -0.92
N GLN D 70 -4.54 -35.98 -0.95
CA GLN D 70 -5.60 -35.19 -0.32
C GLN D 70 -6.09 -34.02 -1.20
N GLY D 71 -7.38 -34.00 -1.54
CA GLY D 71 -7.99 -32.82 -2.14
C GLY D 71 -7.82 -31.59 -1.26
N THR D 72 -7.56 -30.44 -1.90
CA THR D 72 -7.30 -29.18 -1.20
C THR D 72 -8.33 -28.11 -1.53
N GLY D 73 -9.09 -28.28 -2.61
CA GLY D 73 -9.96 -27.21 -3.07
C GLY D 73 -9.16 -26.12 -3.75
N MET D 74 -9.84 -25.06 -4.17
CA MET D 74 -9.25 -24.03 -5.00
C MET D 74 -9.01 -22.72 -4.24
N GLY D 75 -7.83 -22.14 -4.49
CA GLY D 75 -7.47 -20.83 -3.96
C GLY D 75 -6.64 -20.91 -2.70
N VAL D 76 -5.88 -19.83 -2.45
CA VAL D 76 -5.00 -19.71 -1.30
C VAL D 76 -5.69 -20.04 0.05
N PRO D 77 -6.89 -19.45 0.33
CA PRO D 77 -7.52 -19.73 1.64
C PRO D 77 -7.95 -21.22 1.87
N SER D 78 -8.37 -21.92 0.81
CA SER D 78 -8.76 -23.32 0.92
C SER D 78 -7.49 -24.21 1.15
N ILE D 79 -6.54 -24.16 0.22
CA ILE D 79 -5.28 -24.89 0.41
C ILE D 79 -4.53 -24.55 1.74
N SER D 80 -4.55 -23.29 2.21
CA SER D 80 -3.98 -22.90 3.53
C SER D 80 -4.60 -23.64 4.71
N ILE D 81 -5.92 -23.85 4.67
CA ILE D 81 -6.62 -24.57 5.72
C ILE D 81 -6.08 -25.99 5.79
N TYR D 82 -6.12 -26.71 4.68
CA TYR D 82 -5.69 -28.12 4.63
C TYR D 82 -4.21 -28.30 4.95
N VAL D 83 -3.37 -27.42 4.41
CA VAL D 83 -1.93 -27.52 4.64
C VAL D 83 -1.56 -27.26 6.09
N ASN D 84 -2.14 -26.24 6.71
CA ASN D 84 -2.01 -26.02 8.15
C ASN D 84 -2.29 -27.24 9.01
N GLU D 85 -3.44 -27.87 8.75
CA GLU D 85 -3.94 -28.99 9.49
C GLU D 85 -3.11 -30.24 9.21
N LEU D 86 -2.77 -30.47 7.94
CA LEU D 86 -1.89 -31.56 7.61
C LEU D 86 -0.55 -31.50 8.38
N ILE D 87 0.12 -30.35 8.36
CA ILE D 87 1.40 -30.16 9.06
C ILE D 87 1.23 -30.19 10.57
N GLN D 88 0.32 -29.37 11.11
CA GLN D 88 0.20 -29.19 12.54
C GLN D 88 -0.52 -30.35 13.21
N SER D 89 -1.57 -30.88 12.59
CA SER D 89 -2.38 -31.94 13.23
C SER D 89 -1.92 -33.35 12.89
N TYR D 90 -1.33 -33.55 11.72
CA TYR D 90 -1.02 -34.88 11.26
C TYR D 90 0.47 -35.12 10.96
N GLY D 91 1.34 -34.17 11.31
CA GLY D 91 2.81 -34.37 11.17
C GLY D 91 3.37 -34.63 9.77
N VAL D 92 2.66 -34.19 8.73
CA VAL D 92 3.09 -34.38 7.35
C VAL D 92 4.35 -33.55 7.12
N LYS D 93 5.22 -34.04 6.25
CA LYS D 93 6.58 -33.51 6.10
C LYS D 93 6.97 -33.08 4.69
N ASN D 94 6.57 -33.85 3.69
CA ASN D 94 6.73 -33.48 2.27
C ASN D 94 5.37 -33.38 1.59
N LEU D 95 5.14 -32.28 0.87
CA LEU D 95 3.82 -31.96 0.31
C LEU D 95 3.99 -31.49 -1.11
N ILE D 96 3.41 -32.22 -2.06
CA ILE D 96 3.53 -31.86 -3.46
C ILE D 96 2.16 -31.60 -4.11
N ARG D 97 1.98 -30.37 -4.54
CA ARG D 97 0.81 -29.98 -5.29
C ARG D 97 1.01 -30.47 -6.74
N VAL D 98 -0.01 -31.17 -7.22
CA VAL D 98 -0.11 -31.61 -8.60
C VAL D 98 -1.35 -30.94 -9.16
N GLY D 99 -1.24 -30.39 -10.35
CA GLY D 99 -2.34 -29.62 -10.90
C GLY D 99 -2.11 -29.15 -12.31
N THR D 100 -3.02 -28.29 -12.74
CA THR D 100 -2.93 -27.66 -14.04
C THR D 100 -2.73 -26.16 -13.86
N CYS D 101 -2.34 -25.50 -14.95
CA CYS D 101 -2.12 -24.06 -14.95
C CYS D 101 -2.36 -23.49 -16.35
N GLY D 102 -2.51 -22.17 -16.41
CA GLY D 102 -2.65 -21.44 -17.68
C GLY D 102 -1.35 -20.73 -18.00
N ALA D 103 -0.84 -20.92 -19.22
CA ALA D 103 0.42 -20.31 -19.63
C ALA D 103 0.21 -18.83 -19.93
N ILE D 104 1.15 -18.00 -19.48
CA ILE D 104 1.07 -16.55 -19.66
C ILE D 104 2.32 -15.99 -20.32
N GLN D 105 3.29 -16.85 -20.62
CA GLN D 105 4.54 -16.48 -21.25
C GLN D 105 4.44 -16.97 -22.68
N LYS D 106 4.90 -16.15 -23.62
CA LYS D 106 4.71 -16.37 -25.06
C LYS D 106 5.30 -17.67 -25.63
N ASP D 107 6.34 -18.21 -25.02
CA ASP D 107 6.98 -19.45 -25.49
C ASP D 107 6.58 -20.72 -24.71
N VAL D 108 5.75 -20.57 -23.67
CA VAL D 108 5.26 -21.72 -22.93
C VAL D 108 4.11 -22.37 -23.71
N LYS D 109 4.12 -23.69 -23.76
CA LYS D 109 3.14 -24.43 -24.55
C LYS D 109 2.26 -25.29 -23.68
N VAL D 110 1.05 -25.57 -24.14
CA VAL D 110 0.17 -26.54 -23.43
C VAL D 110 0.86 -27.91 -23.35
N ARG D 111 0.63 -28.60 -22.22
CA ARG D 111 1.26 -29.88 -21.86
C ARG D 111 2.70 -29.75 -21.32
N ASP D 112 3.23 -28.55 -21.30
CA ASP D 112 4.45 -28.27 -20.52
C ASP D 112 4.17 -28.58 -19.05
N VAL D 113 5.17 -29.09 -18.33
CA VAL D 113 5.04 -29.25 -16.88
C VAL D 113 5.98 -28.27 -16.16
N ILE D 114 5.35 -27.40 -15.39
CA ILE D 114 6.02 -26.33 -14.71
C ILE D 114 6.36 -26.81 -13.32
N ILE D 115 7.64 -26.69 -12.97
CA ILE D 115 8.09 -26.91 -11.60
C ILE D 115 8.43 -25.53 -11.03
N ALA D 116 7.65 -25.14 -10.02
CA ALA D 116 7.70 -23.80 -9.50
C ALA D 116 8.81 -23.65 -8.48
N MET D 117 9.82 -22.86 -8.85
CA MET D 117 10.83 -22.37 -7.93
C MET D 117 10.23 -21.47 -6.86
N THR D 118 9.42 -20.50 -7.28
CA THR D 118 8.73 -19.55 -6.41
C THR D 118 7.43 -19.23 -7.05
N ALA D 119 6.64 -18.42 -6.33
CA ALA D 119 5.39 -17.83 -6.81
C ALA D 119 5.31 -16.32 -6.58
N CYS D 120 4.91 -15.59 -7.63
CA CYS D 120 4.37 -14.24 -7.50
C CYS D 120 2.97 -14.34 -6.97
N THR D 121 2.43 -13.25 -6.42
CA THR D 121 1.02 -13.26 -6.06
C THR D 121 0.24 -11.95 -6.10
N ASP D 122 -1.05 -12.19 -6.23
CA ASP D 122 -2.18 -11.28 -6.16
C ASP D 122 -2.69 -11.09 -4.74
N SER D 123 -2.51 -12.16 -3.95
CA SER D 123 -2.96 -12.25 -2.58
C SER D 123 -2.28 -11.23 -1.65
N ASN D 124 -3.03 -10.78 -0.64
CA ASN D 124 -2.57 -9.93 0.45
C ASN D 124 -2.05 -10.76 1.64
N MET D 125 -2.11 -12.09 1.50
CA MET D 125 -1.75 -13.04 2.59
C MET D 125 -0.41 -12.72 3.24
N ASN D 126 0.60 -12.49 2.40
CA ASN D 126 1.95 -12.27 2.88
C ASN D 126 2.24 -10.82 3.19
N ARG D 127 1.62 -9.89 2.46
CA ARG D 127 1.70 -8.45 2.79
C ARG D 127 1.19 -8.11 4.19
N LEU D 128 0.14 -8.80 4.62
CA LEU D 128 -0.34 -8.70 6.00
C LEU D 128 0.71 -9.14 7.01
N THR D 129 1.39 -10.25 6.72
CA THR D 129 2.38 -10.83 7.62
C THR D 129 3.67 -10.02 7.67
N PHE D 130 4.06 -9.47 6.51
CA PHE D 130 5.29 -8.70 6.37
C PHE D 130 5.02 -7.36 5.71
N PRO D 131 4.44 -6.40 6.47
CA PRO D 131 4.10 -5.11 5.91
C PRO D 131 5.30 -4.38 5.29
N GLY D 132 5.13 -3.93 4.06
CA GLY D 132 6.19 -3.21 3.36
C GLY D 132 7.19 -4.09 2.62
N PHE D 133 7.04 -5.42 2.75
CA PHE D 133 7.96 -6.39 2.13
C PHE D 133 7.25 -7.20 1.06
N ASP D 134 7.96 -7.45 -0.04
CA ASP D 134 7.60 -8.53 -0.99
C ASP D 134 8.21 -9.82 -0.48
N PHE D 135 7.38 -10.74 -0.02
CA PHE D 135 7.80 -12.07 0.40
C PHE D 135 7.77 -13.07 -0.75
N ALA D 136 8.91 -13.69 -1.04
CA ALA D 136 9.05 -14.65 -2.15
C ALA D 136 9.36 -16.06 -1.61
N PRO D 137 8.34 -16.92 -1.51
CA PRO D 137 8.56 -18.24 -0.85
C PRO D 137 9.21 -19.24 -1.79
N ALA D 138 10.11 -20.07 -1.31
CA ALA D 138 10.86 -20.96 -2.18
C ALA D 138 10.42 -22.42 -1.99
N ALA D 139 10.33 -23.14 -3.10
CA ALA D 139 10.20 -24.60 -3.10
C ALA D 139 11.34 -25.21 -2.29
N ASN D 140 11.10 -26.40 -1.75
CA ASN D 140 12.19 -27.22 -1.23
C ASN D 140 13.02 -27.66 -2.42
N PHE D 141 14.30 -27.33 -2.38
CA PHE D 141 15.16 -27.59 -3.53
C PHE D 141 15.42 -29.07 -3.79
N ASP D 142 15.52 -29.88 -2.75
CA ASP D 142 15.80 -31.31 -2.95
C ASP D 142 14.63 -31.96 -3.68
N LEU D 143 13.41 -31.62 -3.28
CA LEU D 143 12.22 -32.10 -3.96
C LEU D 143 12.22 -31.64 -5.44
N LEU D 144 12.59 -30.37 -5.65
CA LEU D 144 12.54 -29.73 -6.95
C LEU D 144 13.53 -30.37 -7.95
N LYS D 145 14.77 -30.53 -7.49
CA LYS D 145 15.82 -31.24 -8.24
C LYS D 145 15.38 -32.67 -8.60
N LYS D 146 14.85 -33.42 -7.62
CA LYS D 146 14.27 -34.77 -7.84
C LYS D 146 13.22 -34.82 -8.94
N ALA D 147 12.21 -33.93 -8.84
CA ALA D 147 11.13 -33.85 -9.82
C ALA D 147 11.65 -33.52 -11.21
N TYR D 148 12.54 -32.55 -11.28
CA TYR D 148 13.15 -32.13 -12.53
C TYR D 148 13.86 -33.30 -13.24
N ASP D 149 14.76 -33.98 -12.54
CA ASP D 149 15.46 -35.14 -13.13
C ASP D 149 14.50 -36.27 -13.60
N ALA D 150 13.55 -36.63 -12.76
CA ALA D 150 12.57 -37.65 -13.04
C ALA D 150 11.67 -37.26 -14.23
N GLY D 151 11.25 -36.02 -14.26
CA GLY D 151 10.42 -35.51 -15.34
C GLY D 151 11.13 -35.43 -16.68
N THR D 152 12.39 -34.96 -16.68
CA THR D 152 13.15 -34.94 -17.93
C THR D 152 13.39 -36.38 -18.41
N GLU D 153 13.64 -37.34 -17.51
CA GLU D 153 13.83 -38.76 -17.90
C GLU D 153 12.60 -39.39 -18.54
N LYS D 154 11.40 -38.99 -18.08
CA LYS D 154 10.14 -39.47 -18.67
C LYS D 154 9.73 -38.67 -19.92
N GLY D 155 10.58 -37.74 -20.36
CA GLY D 155 10.30 -36.97 -21.55
C GLY D 155 9.22 -35.92 -21.43
N LEU D 156 8.96 -35.47 -20.22
CA LEU D 156 8.03 -34.37 -20.02
C LEU D 156 8.69 -33.08 -20.46
N HIS D 157 7.86 -32.11 -20.86
CA HIS D 157 8.35 -30.80 -21.27
C HIS D 157 8.45 -29.93 -20.03
N VAL D 158 9.52 -30.16 -19.28
CA VAL D 158 9.71 -29.55 -17.98
C VAL D 158 10.35 -28.18 -18.10
N ARG D 159 9.81 -27.21 -17.36
CA ARG D 159 10.35 -25.87 -17.25
C ARG D 159 10.48 -25.54 -15.76
N VAL D 160 11.55 -24.85 -15.39
CA VAL D 160 11.75 -24.51 -13.98
C VAL D 160 11.75 -22.99 -13.87
N GLY D 161 10.87 -22.45 -13.04
CA GLY D 161 10.68 -21.00 -12.98
C GLY D 161 9.64 -20.52 -12.01
N ASN D 162 9.31 -19.24 -12.12
CA ASN D 162 8.27 -18.67 -11.28
C ASN D 162 6.88 -18.77 -11.91
N VAL D 163 5.88 -18.74 -11.03
CA VAL D 163 4.50 -18.78 -11.41
C VAL D 163 3.81 -17.64 -10.70
N LEU D 164 2.60 -17.36 -11.15
CA LEU D 164 1.72 -16.41 -10.50
C LEU D 164 0.65 -17.19 -9.74
N THR D 165 0.53 -16.92 -8.45
CA THR D 165 -0.62 -17.38 -7.67
C THR D 165 -1.69 -16.27 -7.61
N ALA D 166 -2.81 -16.54 -8.28
CA ALA D 166 -3.92 -15.60 -8.42
C ALA D 166 -5.05 -15.91 -7.44
N ASP D 167 -5.66 -14.84 -6.91
CA ASP D 167 -6.91 -14.94 -6.16
C ASP D 167 -8.06 -14.97 -7.09
N VAL D 168 -7.88 -14.44 -8.32
CA VAL D 168 -8.99 -14.36 -9.28
C VAL D 168 -8.74 -15.18 -10.53
N PHE D 169 -9.68 -16.11 -10.79
CA PHE D 169 -9.74 -16.90 -12.02
C PHE D 169 -10.27 -16.07 -13.17
N TYR D 170 -11.35 -15.31 -12.94
CA TYR D 170 -11.94 -14.44 -13.98
C TYR D 170 -11.47 -12.98 -13.81
N ARG D 171 -10.29 -12.67 -14.34
CA ARG D 171 -9.74 -11.34 -14.21
C ARG D 171 -10.34 -10.46 -15.31
N GLU D 172 -10.69 -9.22 -14.97
CA GLU D 172 -11.22 -8.30 -16.00
C GLU D 172 -10.13 -7.87 -16.96
N SER D 173 -9.01 -7.39 -16.44
CA SER D 173 -7.90 -7.00 -17.30
C SER D 173 -6.77 -8.00 -17.17
N MET D 174 -6.16 -8.35 -18.30
CA MET D 174 -5.04 -9.28 -18.32
C MET D 174 -3.69 -8.59 -18.51
N ASP D 175 -3.64 -7.28 -18.33
CA ASP D 175 -2.46 -6.49 -18.65
C ASP D 175 -1.26 -6.72 -17.73
N MET D 176 -1.51 -6.89 -16.44
CA MET D 176 -0.42 -7.16 -15.50
C MET D 176 0.10 -8.60 -15.60
N VAL D 177 -0.78 -9.57 -15.81
CA VAL D 177 -0.34 -10.95 -15.96
C VAL D 177 0.45 -11.08 -17.27
N LYS D 178 0.08 -10.26 -18.25
CA LYS D 178 0.80 -10.18 -19.50
C LYS D 178 2.20 -9.65 -19.27
N LYS D 179 2.30 -8.62 -18.44
CA LYS D 179 3.58 -7.99 -18.11
C LYS D 179 4.45 -8.90 -17.28
N LEU D 180 3.81 -9.61 -16.36
CA LEU D 180 4.47 -10.63 -15.55
C LEU D 180 5.12 -11.70 -16.45
N GLY D 181 4.37 -12.16 -17.43
CA GLY D 181 4.88 -13.04 -18.47
C GLY D 181 6.07 -12.51 -19.25
N ASP D 182 6.03 -11.22 -19.63
CA ASP D 182 7.19 -10.51 -20.21
C ASP D 182 8.41 -10.56 -19.32
N TYR D 183 8.21 -10.54 -17.99
CA TYR D 183 9.31 -10.71 -17.01
C TYR D 183 9.66 -12.19 -16.68
N GLY D 184 9.20 -13.11 -17.51
CA GLY D 184 9.59 -14.52 -17.39
C GLY D 184 8.71 -15.40 -16.54
N VAL D 185 7.64 -14.88 -15.94
CA VAL D 185 6.73 -15.79 -15.21
C VAL D 185 5.89 -16.62 -16.18
N LEU D 186 5.79 -17.91 -15.88
CA LEU D 186 5.52 -18.97 -16.88
C LEU D 186 4.04 -19.23 -17.05
N ALA D 187 3.36 -19.28 -15.91
CA ALA D 187 1.95 -19.62 -15.88
C ALA D 187 1.26 -19.13 -14.61
N VAL D 188 -0.06 -19.24 -14.64
CA VAL D 188 -0.91 -18.80 -13.56
C VAL D 188 -1.65 -20.00 -12.95
N GLU D 189 -1.68 -20.02 -11.63
CA GLU D 189 -2.42 -21.02 -10.88
C GLU D 189 -2.91 -20.32 -9.60
N MET D 190 -3.40 -21.06 -8.62
CA MET D 190 -4.12 -20.41 -7.52
C MET D 190 -3.72 -20.85 -6.12
N GLU D 191 -2.67 -21.64 -5.96
CA GLU D 191 -2.41 -22.24 -4.64
C GLU D 191 -0.97 -22.16 -4.09
N THR D 192 0.04 -22.11 -4.95
CA THR D 192 1.40 -22.43 -4.51
C THR D 192 2.09 -21.42 -3.58
N THR D 193 1.72 -20.16 -3.60
CA THR D 193 2.33 -19.25 -2.62
C THR D 193 1.92 -19.61 -1.18
N ALA D 194 0.69 -20.10 -1.03
CA ALA D 194 0.21 -20.60 0.26
C ALA D 194 0.95 -21.85 0.72
N LEU D 195 1.11 -22.82 -0.20
CA LEU D 195 1.76 -24.08 0.08
C LEU D 195 3.24 -23.86 0.45
N TYR D 196 3.93 -23.02 -0.33
CA TYR D 196 5.36 -22.75 -0.11
C TYR D 196 5.65 -21.91 1.15
N THR D 197 4.81 -20.93 1.40
CA THR D 197 4.90 -20.08 2.56
C THR D 197 4.68 -20.85 3.85
N LEU D 198 3.59 -21.64 3.90
CA LEU D 198 3.29 -22.39 5.13
C LEU D 198 4.31 -23.49 5.34
N ALA D 199 4.74 -24.14 4.26
CA ALA D 199 5.74 -25.19 4.37
C ALA D 199 7.01 -24.63 5.01
N ALA D 200 7.45 -23.50 4.52
CA ALA D 200 8.66 -22.85 5.01
C ALA D 200 8.51 -22.36 6.44
N LYS D 201 7.37 -21.75 6.73
CA LYS D 201 7.01 -21.40 8.10
C LYS D 201 7.16 -22.57 9.09
N TYR D 202 6.68 -23.75 8.71
CA TYR D 202 6.73 -24.91 9.62
C TYR D 202 7.95 -25.80 9.43
N GLY D 203 8.86 -25.39 8.55
CA GLY D 203 10.11 -26.07 8.36
C GLY D 203 10.01 -27.38 7.62
N VAL D 204 9.03 -27.50 6.72
CA VAL D 204 8.80 -28.75 6.00
C VAL D 204 8.94 -28.51 4.50
N ASN D 205 8.70 -29.55 3.71
CA ASN D 205 9.11 -29.57 2.31
C ASN D 205 7.96 -29.57 1.31
N ALA D 206 8.00 -28.60 0.40
CA ALA D 206 6.92 -28.41 -0.54
C ALA D 206 7.41 -28.24 -1.97
N LEU D 207 6.56 -28.68 -2.89
CA LEU D 207 6.79 -28.43 -4.28
C LEU D 207 5.44 -28.40 -5.00
N SER D 208 5.41 -27.69 -6.12
CA SER D 208 4.28 -27.66 -7.00
C SER D 208 4.77 -28.06 -8.38
N VAL D 209 4.13 -29.07 -8.95
CA VAL D 209 4.43 -29.53 -10.29
C VAL D 209 3.10 -29.44 -11.04
N LEU D 210 3.11 -28.74 -12.18
CA LEU D 210 1.87 -28.29 -12.84
C LEU D 210 1.90 -28.56 -14.34
N THR D 211 0.82 -29.11 -14.88
CA THR D 211 0.68 -29.23 -16.34
C THR D 211 -0.08 -28.04 -16.93
N VAL D 212 0.46 -27.43 -17.98
CA VAL D 212 -0.22 -26.34 -18.68
C VAL D 212 -1.39 -26.92 -19.46
N SER D 213 -2.60 -26.49 -19.10
CA SER D 213 -3.83 -26.95 -19.75
C SER D 213 -4.26 -26.01 -20.87
N ASP D 214 -3.94 -24.73 -20.75
CA ASP D 214 -4.26 -23.77 -21.79
C ASP D 214 -3.32 -22.59 -21.75
N HIS D 215 -3.35 -21.80 -22.81
CA HIS D 215 -2.50 -20.62 -22.92
C HIS D 215 -3.38 -19.40 -22.90
N ILE D 216 -3.11 -18.51 -21.97
CA ILE D 216 -4.00 -17.39 -21.69
C ILE D 216 -4.11 -16.42 -22.88
N PHE D 217 -3.02 -16.24 -23.61
CA PHE D 217 -2.99 -15.25 -24.69
C PHE D 217 -3.14 -15.81 -26.10
N THR D 218 -2.54 -16.95 -26.40
CA THR D 218 -2.76 -17.58 -27.70
C THR D 218 -4.14 -18.24 -27.80
N GLY D 219 -4.71 -18.63 -26.66
CA GLY D 219 -5.97 -19.36 -26.63
C GLY D 219 -5.89 -20.86 -26.89
N GLU D 220 -4.69 -21.40 -27.09
CA GLU D 220 -4.53 -22.86 -27.26
C GLU D 220 -5.05 -23.53 -26.00
N GLU D 221 -5.82 -24.59 -26.23
CA GLU D 221 -6.58 -25.29 -25.21
C GLU D 221 -6.23 -26.75 -25.26
N THR D 222 -6.61 -27.45 -24.21
CA THR D 222 -6.32 -28.84 -24.17
C THR D 222 -7.50 -29.53 -23.46
N THR D 223 -7.84 -30.71 -23.97
CA THR D 223 -8.82 -31.63 -23.37
C THR D 223 -8.19 -32.36 -22.17
N SER D 224 -8.97 -32.86 -21.23
CA SER D 224 -8.41 -33.65 -20.11
C SER D 224 -7.89 -35.02 -20.56
N GLU D 225 -8.53 -35.62 -21.57
CA GLU D 225 -7.98 -36.75 -22.34
C GLU D 225 -6.60 -36.49 -22.93
N GLU D 226 -6.45 -35.36 -23.62
CA GLU D 226 -5.18 -34.92 -24.19
C GLU D 226 -4.07 -34.68 -23.16
N ARG D 227 -4.47 -34.34 -21.94
CA ARG D 227 -3.54 -34.16 -20.82
C ARG D 227 -3.18 -35.45 -20.07
N GLN D 228 -3.93 -36.53 -20.27
CA GLN D 228 -3.85 -37.66 -19.34
C GLN D 228 -2.52 -38.42 -19.30
N THR D 229 -1.89 -38.70 -20.44
CA THR D 229 -0.58 -39.35 -20.43
C THR D 229 0.48 -38.50 -19.73
N THR D 230 0.38 -37.17 -19.91
CA THR D 230 1.32 -36.24 -19.30
C THR D 230 1.04 -36.11 -17.80
N PHE D 231 -0.24 -35.97 -17.46
CA PHE D 231 -0.62 -35.92 -16.07
C PHE D 231 -0.25 -37.19 -15.31
N ASN D 232 -0.45 -38.35 -15.93
CA ASN D 232 -0.08 -39.64 -15.31
C ASN D 232 1.39 -39.76 -14.98
N GLU D 233 2.23 -39.25 -15.88
CA GLU D 233 3.67 -39.28 -15.65
C GLU D 233 4.01 -38.31 -14.54
N MET D 234 3.37 -37.15 -14.58
CA MET D 234 3.57 -36.11 -13.58
C MET D 234 3.26 -36.63 -12.16
N ILE D 235 2.20 -37.43 -12.03
CA ILE D 235 1.82 -38.05 -10.76
C ILE D 235 2.90 -38.97 -10.24
N GLU D 236 3.39 -39.83 -11.12
CA GLU D 236 4.46 -40.77 -10.79
C GLU D 236 5.74 -40.08 -10.32
N ILE D 237 6.17 -39.04 -11.00
CA ILE D 237 7.40 -38.34 -10.60
C ILE D 237 7.22 -37.63 -9.26
N ALA D 238 5.99 -37.19 -8.99
CA ALA D 238 5.66 -36.55 -7.71
C ALA D 238 5.65 -37.57 -6.54
N LEU D 239 5.08 -38.76 -6.79
CA LEU D 239 5.14 -39.87 -5.84
C LEU D 239 6.60 -40.27 -5.60
N ASP D 240 7.33 -40.47 -6.69
CA ASP D 240 8.77 -40.79 -6.59
C ASP D 240 9.51 -39.76 -5.76
N ALA D 241 9.29 -38.49 -6.04
CA ALA D 241 9.99 -37.42 -5.33
C ALA D 241 9.60 -37.33 -3.85
N ALA D 242 8.35 -37.66 -3.54
CA ALA D 242 7.85 -37.59 -2.16
C ALA D 242 8.34 -38.71 -1.25
N ILE D 243 8.50 -39.92 -1.78
CA ILE D 243 8.94 -41.07 -0.99
C ILE D 243 10.46 -41.27 -0.85
N GLN D 244 11.26 -40.62 -1.69
CA GLN D 244 12.72 -40.85 -1.73
C GLN D 244 13.49 -40.19 -0.60
N MET E 11 35.82 2.93 14.62
CA MET E 11 35.90 2.52 13.17
C MET E 11 34.60 1.88 12.70
N SER E 12 33.97 2.46 11.69
CA SER E 12 32.71 1.93 11.18
C SER E 12 32.98 0.77 10.21
N VAL E 13 31.95 0.10 9.71
CA VAL E 13 32.20 -1.10 8.89
C VAL E 13 32.65 -0.78 7.45
N HIS E 14 32.30 0.39 6.92
CA HIS E 14 32.62 0.73 5.52
C HIS E 14 33.63 1.87 5.38
N ILE E 15 34.07 2.42 6.52
CA ILE E 15 35.05 3.49 6.57
C ILE E 15 36.16 3.12 7.58
N GLU E 16 37.41 3.19 7.15
CA GLU E 16 38.54 2.73 7.98
C GLU E 16 39.26 3.83 8.75
N ALA E 17 38.67 5.03 8.75
CA ALA E 17 39.27 6.18 9.42
C ALA E 17 39.38 5.96 10.92
N LYS E 18 40.44 6.50 11.51
CA LYS E 18 40.55 6.46 12.97
C LYS E 18 39.73 7.64 13.51
N GLN E 19 39.28 7.54 14.75
CA GLN E 19 38.50 8.63 15.37
C GLN E 19 39.28 9.93 15.30
N GLY E 20 38.62 10.98 14.81
CA GLY E 20 39.23 12.30 14.74
C GLY E 20 39.82 12.64 13.38
N GLU E 21 39.92 11.65 12.49
CA GLU E 21 40.47 11.89 11.15
C GLU E 21 39.45 12.50 10.16
N ILE E 22 38.17 12.46 10.51
CA ILE E 22 37.09 13.04 9.69
C ILE E 22 36.57 14.31 10.39
N ALA E 23 36.53 15.42 9.66
CA ALA E 23 36.00 16.69 10.15
C ALA E 23 34.48 16.70 10.40
N GLU E 24 34.07 17.65 11.24
CA GLU E 24 32.64 17.96 11.53
C GLU E 24 31.77 18.16 10.30
N SER E 25 32.36 18.77 9.28
CA SER E 25 31.70 19.15 8.03
C SER E 25 32.31 18.41 6.83
N ILE E 26 31.43 17.93 5.96
CA ILE E 26 31.83 17.04 4.89
C ILE E 26 31.08 17.34 3.59
N LEU E 27 31.83 17.36 2.48
CA LEU E 27 31.21 17.41 1.16
C LEU E 27 31.01 15.98 0.68
N LEU E 28 29.89 15.76 0.01
CA LEU E 28 29.56 14.46 -0.57
C LEU E 28 29.45 14.60 -2.10
N PRO E 29 30.61 14.52 -2.80
CA PRO E 29 30.61 14.72 -4.26
C PRO E 29 30.14 13.52 -5.10
N GLY E 30 29.82 12.38 -4.45
CA GLY E 30 29.43 11.16 -5.14
C GLY E 30 30.66 10.38 -5.57
N ASP E 31 30.90 10.29 -6.87
CA ASP E 31 32.11 9.69 -7.43
C ASP E 31 33.37 9.95 -6.56
N PRO E 32 34.06 8.87 -6.12
CA PRO E 32 35.32 9.04 -5.37
C PRO E 32 36.42 9.84 -6.10
N LEU E 33 36.41 9.81 -7.43
CA LEU E 33 37.35 10.60 -8.21
C LEU E 33 37.02 12.09 -8.17
N ARG E 34 35.77 12.46 -7.92
CA ARG E 34 35.42 13.88 -7.64
C ARG E 34 35.89 14.34 -6.23
N ALA E 35 35.82 13.45 -5.25
CA ALA E 35 36.33 13.74 -3.92
C ALA E 35 37.83 14.04 -3.93
N LYS E 36 38.55 13.27 -4.73
CA LYS E 36 39.99 13.42 -4.91
C LYS E 36 40.26 14.74 -5.63
N TYR E 37 39.50 15.00 -6.70
CA TYR E 37 39.53 16.32 -7.37
C TYR E 37 39.33 17.49 -6.40
N ILE E 38 38.31 17.41 -5.55
CA ILE E 38 38.03 18.49 -4.62
C ILE E 38 39.17 18.65 -3.60
N ALA E 39 39.64 17.55 -3.00
CA ALA E 39 40.73 17.62 -2.04
C ALA E 39 41.96 18.29 -2.65
N GLU E 40 42.39 17.79 -3.81
CA GLU E 40 43.65 18.23 -4.41
C GLU E 40 43.61 19.68 -4.90
N THR E 41 42.46 20.10 -5.40
CA THR E 41 42.31 21.42 -6.02
C THR E 41 42.00 22.53 -5.00
N PHE E 42 41.25 22.18 -3.94
CA PHE E 42 40.78 23.19 -2.95
C PHE E 42 41.39 23.10 -1.56
N LEU E 43 41.89 21.93 -1.18
CA LEU E 43 42.30 21.72 0.20
C LEU E 43 43.81 21.79 0.29
N GLU E 44 44.31 22.06 1.50
CA GLU E 44 45.73 21.96 1.82
C GLU E 44 45.90 20.96 2.94
N ASP E 45 47.10 20.41 3.07
CA ASP E 45 47.42 19.45 4.14
C ASP E 45 46.43 18.29 4.18
N VAL E 46 46.25 17.68 3.02
CA VAL E 46 45.22 16.66 2.89
C VAL E 46 45.79 15.27 3.18
N THR E 47 45.03 14.52 3.97
CA THR E 47 45.25 13.11 4.14
C THR E 47 44.07 12.39 3.52
N CYS E 48 44.35 11.20 2.98
CA CYS E 48 43.31 10.28 2.59
C CYS E 48 43.02 9.31 3.74
N TYR E 49 41.87 9.45 4.38
CA TYR E 49 41.53 8.61 5.55
C TYR E 49 40.83 7.25 5.22
N ASN E 50 40.43 7.05 3.98
CA ASN E 50 39.68 5.85 3.61
C ASN E 50 39.93 5.42 2.16
N ASN E 51 40.24 4.13 1.99
CA ASN E 51 40.32 3.52 0.66
C ASN E 51 39.46 2.26 0.61
N VAL E 52 38.67 1.98 1.65
CA VAL E 52 37.86 0.77 1.61
C VAL E 52 36.76 0.89 0.55
N ARG E 53 36.65 -0.19 -0.23
CA ARG E 53 35.92 -0.25 -1.49
C ARG E 53 36.35 0.80 -2.53
N GLY E 54 37.55 1.36 -2.37
CA GLY E 54 37.98 2.51 -3.18
C GLY E 54 37.08 3.74 -3.02
N MET E 55 36.34 3.80 -1.92
CA MET E 55 35.40 4.87 -1.73
C MET E 55 36.11 5.95 -0.93
N LEU E 56 36.89 6.73 -1.69
CA LEU E 56 37.92 7.62 -1.17
C LEU E 56 37.36 8.76 -0.36
N GLY E 57 38.00 8.98 0.79
CA GLY E 57 37.66 10.05 1.70
C GLY E 57 38.92 10.77 2.10
N PHE E 58 38.85 12.10 2.15
CA PHE E 58 39.98 12.97 2.46
C PHE E 58 39.60 13.99 3.50
N THR E 59 40.61 14.47 4.21
CA THR E 59 40.50 15.61 5.12
C THR E 59 41.69 16.56 4.87
N GLY E 60 41.37 17.85 4.72
CA GLY E 60 42.35 18.90 4.55
C GLY E 60 41.82 20.20 5.12
N THR E 61 42.56 21.28 4.94
CA THR E 61 42.12 22.56 5.47
C THR E 61 41.70 23.47 4.32
N TYR E 62 40.72 24.32 4.63
CA TYR E 62 40.20 25.30 3.71
C TYR E 62 40.01 26.60 4.50
N LYS E 63 40.75 27.63 4.12
CA LYS E 63 40.81 28.88 4.90
C LYS E 63 41.03 28.56 6.38
N GLY E 64 42.07 27.79 6.68
CA GLY E 64 42.43 27.47 8.08
C GLY E 64 41.55 26.49 8.84
N LYS E 65 40.48 26.01 8.21
CA LYS E 65 39.52 25.14 8.87
C LYS E 65 39.46 23.76 8.20
N ARG E 66 39.42 22.73 9.04
CA ARG E 66 39.40 21.37 8.57
C ARG E 66 38.03 21.06 7.96
N VAL E 67 38.04 20.25 6.92
CA VAL E 67 36.82 19.89 6.22
C VAL E 67 37.10 18.57 5.50
N SER E 68 36.11 17.70 5.45
CA SER E 68 36.26 16.43 4.75
C SER E 68 35.54 16.42 3.40
N VAL E 69 35.90 15.43 2.56
CA VAL E 69 35.29 15.20 1.26
C VAL E 69 35.25 13.68 1.08
N GLN E 70 34.03 13.13 1.01
CA GLN E 70 33.80 11.69 1.06
C GLN E 70 32.99 11.24 -0.13
N GLY E 71 33.61 10.42 -0.98
CA GLY E 71 32.87 9.68 -1.97
C GLY E 71 31.81 8.81 -1.34
N THR E 72 30.67 8.75 -2.01
CA THR E 72 29.60 7.83 -1.67
C THR E 72 29.18 7.14 -2.98
N GLY E 73 28.41 6.08 -2.87
CA GLY E 73 27.99 5.32 -4.06
C GLY E 73 26.68 5.83 -4.62
N MET E 74 26.17 5.15 -5.64
CA MET E 74 24.92 5.56 -6.26
C MET E 74 23.73 4.91 -5.58
N GLY E 75 22.72 5.72 -5.28
CA GLY E 75 21.46 5.26 -4.73
C GLY E 75 21.31 5.45 -3.24
N VAL E 76 20.06 5.45 -2.80
CA VAL E 76 19.69 5.59 -1.39
C VAL E 76 20.41 4.61 -0.45
N PRO E 77 20.37 3.29 -0.76
CA PRO E 77 20.98 2.34 0.17
C PRO E 77 22.48 2.52 0.38
N SER E 78 23.22 2.88 -0.66
CA SER E 78 24.66 3.13 -0.53
C SER E 78 24.98 4.38 0.29
N ILE E 79 24.33 5.51 -0.03
CA ILE E 79 24.62 6.76 0.67
C ILE E 79 24.14 6.67 2.13
N SER E 80 23.06 5.94 2.38
CA SER E 80 22.56 5.71 3.75
C SER E 80 23.60 5.02 4.62
N ILE E 81 24.32 4.06 4.04
CA ILE E 81 25.41 3.41 4.74
C ILE E 81 26.41 4.46 5.20
N TYR E 82 26.95 5.23 4.25
CA TYR E 82 28.03 6.15 4.51
C TYR E 82 27.60 7.27 5.42
N VAL E 83 26.39 7.79 5.23
CA VAL E 83 25.86 8.88 6.06
C VAL E 83 25.63 8.45 7.52
N ASN E 84 25.05 7.28 7.72
CA ASN E 84 24.87 6.74 9.08
C ASN E 84 26.19 6.64 9.83
N GLU E 85 27.21 6.08 9.16
CA GLU E 85 28.51 5.85 9.80
C GLU E 85 29.25 7.17 10.01
N LEU E 86 29.07 8.10 9.08
CA LEU E 86 29.61 9.45 9.19
C LEU E 86 29.11 10.16 10.46
N ILE E 87 27.80 10.14 10.66
CA ILE E 87 27.16 10.81 11.79
C ILE E 87 27.40 10.09 13.12
N GLN E 88 27.11 8.80 13.15
CA GLN E 88 27.16 8.01 14.38
C GLN E 88 28.54 7.68 14.91
N SER E 89 29.42 7.28 14.00
CA SER E 89 30.76 6.85 14.37
C SER E 89 31.77 7.98 14.38
N TYR E 90 31.54 9.03 13.59
CA TYR E 90 32.56 10.06 13.39
C TYR E 90 32.16 11.50 13.76
N GLY E 91 30.97 11.72 14.27
CA GLY E 91 30.53 13.08 14.71
C GLY E 91 30.31 14.16 13.65
N VAL E 92 29.94 13.74 12.44
CA VAL E 92 29.65 14.67 11.37
C VAL E 92 28.32 15.35 11.63
N LYS E 93 28.34 16.70 11.57
CA LYS E 93 27.18 17.56 11.89
C LYS E 93 26.65 18.30 10.66
N ASN E 94 27.49 18.47 9.63
CA ASN E 94 27.11 19.20 8.42
C ASN E 94 27.54 18.46 7.16
N LEU E 95 26.57 18.17 6.31
CA LEU E 95 26.77 17.28 5.16
C LEU E 95 26.15 17.91 3.91
N ILE E 96 26.94 18.06 2.86
CA ILE E 96 26.49 18.76 1.65
C ILE E 96 26.78 17.92 0.43
N ARG E 97 25.72 17.43 -0.19
CA ARG E 97 25.81 16.72 -1.43
C ARG E 97 26.05 17.75 -2.56
N VAL E 98 27.17 17.59 -3.26
CA VAL E 98 27.49 18.38 -4.43
C VAL E 98 27.46 17.40 -5.59
N GLY E 99 26.41 17.45 -6.40
CA GLY E 99 26.20 16.42 -7.37
C GLY E 99 25.68 16.96 -8.66
N THR E 100 25.18 16.05 -9.49
CA THR E 100 24.49 16.39 -10.73
C THR E 100 23.09 15.79 -10.74
N CYS E 101 22.30 16.15 -11.75
CA CYS E 101 20.93 15.67 -11.88
C CYS E 101 20.40 15.76 -13.33
N GLY E 102 19.30 15.06 -13.59
CA GLY E 102 18.61 15.16 -14.88
C GLY E 102 17.35 15.98 -14.76
N ALA E 103 17.22 17.00 -15.59
CA ALA E 103 16.03 17.87 -15.58
C ALA E 103 14.82 17.10 -16.09
N ILE E 104 13.70 17.26 -15.40
CA ILE E 104 12.45 16.60 -15.79
C ILE E 104 11.33 17.59 -16.05
N GLN E 105 11.64 18.88 -15.88
CA GLN E 105 10.69 19.96 -16.01
C GLN E 105 11.03 20.66 -17.32
N LYS E 106 9.99 20.96 -18.09
CA LYS E 106 10.13 21.45 -19.47
C LYS E 106 11.06 22.67 -19.67
N ASP E 107 11.10 23.59 -18.71
CA ASP E 107 11.91 24.81 -18.82
C ASP E 107 13.20 24.87 -18.01
N VAL E 108 13.50 23.82 -17.25
CA VAL E 108 14.80 23.71 -16.55
C VAL E 108 15.87 23.42 -17.61
N LYS E 109 17.04 24.03 -17.44
CA LYS E 109 18.10 23.95 -18.44
C LYS E 109 19.32 23.27 -17.88
N VAL E 110 20.11 22.65 -18.76
CA VAL E 110 21.42 22.13 -18.38
C VAL E 110 22.30 23.27 -17.90
N ARG E 111 23.17 22.97 -16.94
CA ARG E 111 23.95 23.95 -16.19
C ARG E 111 23.19 24.73 -15.11
N ASP E 112 21.87 24.57 -15.01
CA ASP E 112 21.12 25.15 -13.89
C ASP E 112 21.60 24.46 -12.63
N VAL E 113 21.71 25.21 -11.54
CA VAL E 113 21.99 24.57 -10.25
C VAL E 113 20.75 24.57 -9.32
N ILE E 114 20.37 23.35 -8.93
CA ILE E 114 19.17 23.11 -8.15
C ILE E 114 19.58 22.88 -6.70
N ILE E 115 19.02 23.70 -5.81
CA ILE E 115 19.19 23.56 -4.38
C ILE E 115 17.87 22.97 -3.90
N ALA E 116 17.93 21.77 -3.33
CA ALA E 116 16.71 21.02 -3.04
C ALA E 116 16.13 21.38 -1.69
N MET E 117 14.92 21.91 -1.69
CA MET E 117 14.19 22.14 -0.46
C MET E 117 13.72 20.81 0.15
N THR E 118 13.11 19.96 -0.70
CA THR E 118 12.71 18.59 -0.35
C THR E 118 13.06 17.64 -1.46
N ALA E 119 12.72 16.37 -1.23
CA ALA E 119 12.79 15.35 -2.26
C ALA E 119 11.53 14.49 -2.26
N CYS E 120 11.00 14.25 -3.45
CA CYS E 120 10.08 13.17 -3.73
C CYS E 120 10.86 11.88 -3.86
N THR E 121 10.17 10.75 -3.72
CA THR E 121 10.84 9.49 -3.94
C THR E 121 10.02 8.29 -4.39
N ASP E 122 10.72 7.50 -5.19
CA ASP E 122 10.51 6.09 -5.53
C ASP E 122 10.76 5.09 -4.42
N SER E 123 11.66 5.48 -3.52
CA SER E 123 12.21 4.59 -2.53
C SER E 123 11.11 4.20 -1.55
N ASN E 124 11.26 3.04 -0.92
CA ASN E 124 10.35 2.60 0.13
C ASN E 124 10.90 2.99 1.50
N MET E 125 12.10 3.58 1.56
CA MET E 125 12.78 3.79 2.85
C MET E 125 11.92 4.45 3.92
N ASN E 126 11.11 5.44 3.56
CA ASN E 126 10.29 6.16 4.54
C ASN E 126 8.92 5.53 4.83
N ARG E 127 8.46 4.67 3.93
CA ARG E 127 7.17 3.99 4.11
C ARG E 127 7.28 2.90 5.17
N LEU E 128 8.44 2.28 5.26
CA LEU E 128 8.70 1.33 6.35
C LEU E 128 8.78 2.04 7.70
N THR E 129 9.37 3.23 7.73
CA THR E 129 9.57 3.98 8.98
C THR E 129 8.32 4.65 9.52
N PHE E 130 7.51 5.15 8.58
CA PHE E 130 6.26 5.87 8.87
C PHE E 130 5.12 5.26 8.05
N PRO E 131 4.67 4.04 8.42
CA PRO E 131 3.61 3.37 7.65
C PRO E 131 2.31 4.20 7.56
N GLY E 132 1.84 4.39 6.33
CA GLY E 132 0.61 5.12 6.06
C GLY E 132 0.79 6.63 5.92
N PHE E 133 2.04 7.09 5.98
CA PHE E 133 2.40 8.49 5.91
C PHE E 133 3.27 8.77 4.70
N ASP E 134 3.12 9.96 4.14
CA ASP E 134 4.07 10.52 3.19
C ASP E 134 5.07 11.31 4.01
N PHE E 135 6.33 10.88 4.08
CA PHE E 135 7.36 11.67 4.78
C PHE E 135 8.12 12.58 3.80
N ALA E 136 8.10 13.88 4.09
CA ALA E 136 8.71 14.90 3.22
C ALA E 136 9.88 15.52 3.95
N PRO E 137 11.09 15.12 3.58
CA PRO E 137 12.28 15.51 4.33
C PRO E 137 12.77 16.92 3.97
N ALA E 138 13.13 17.72 4.97
CA ALA E 138 13.51 19.08 4.72
C ALA E 138 15.03 19.29 4.75
N ALA E 139 15.51 20.11 3.83
CA ALA E 139 16.88 20.58 3.84
C ALA E 139 17.01 21.45 5.06
N ASN E 140 18.22 21.59 5.57
CA ASN E 140 18.50 22.61 6.56
C ASN E 140 18.36 24.01 5.95
N PHE E 141 17.55 24.88 6.56
CA PHE E 141 17.26 26.18 5.97
C PHE E 141 18.43 27.15 5.93
N ASP E 142 19.23 27.20 7.00
CA ASP E 142 20.36 28.10 7.06
C ASP E 142 21.40 27.80 6.01
N LEU E 143 21.74 26.52 5.85
CA LEU E 143 22.60 26.07 4.76
C LEU E 143 21.99 26.43 3.42
N LEU E 144 20.70 26.17 3.26
CA LEU E 144 20.01 26.45 2.02
C LEU E 144 20.05 27.92 1.58
N LYS E 145 19.70 28.86 2.49
CA LYS E 145 19.71 30.29 2.12
C LYS E 145 21.12 30.80 1.84
N LYS E 146 22.08 30.33 2.65
CA LYS E 146 23.50 30.58 2.41
C LYS E 146 23.92 30.22 0.99
N ALA E 147 23.59 29.01 0.57
CA ALA E 147 23.92 28.50 -0.79
C ALA E 147 23.20 29.26 -1.90
N TYR E 148 21.92 29.55 -1.66
CA TYR E 148 21.13 30.36 -2.60
C TYR E 148 21.76 31.74 -2.81
N ASP E 149 22.11 32.43 -1.72
CA ASP E 149 22.65 33.78 -1.78
C ASP E 149 24.02 33.80 -2.46
N ALA E 150 24.89 32.88 -2.05
CA ALA E 150 26.24 32.76 -2.63
C ALA E 150 26.17 32.30 -4.09
N GLY E 151 25.25 31.36 -4.38
CA GLY E 151 25.04 30.91 -5.74
C GLY E 151 24.57 32.03 -6.68
N THR E 152 23.66 32.87 -6.19
CA THR E 152 23.14 33.95 -7.03
C THR E 152 24.16 35.04 -7.22
N GLU E 153 25.03 35.29 -6.23
CA GLU E 153 26.11 36.28 -6.38
C GLU E 153 27.17 35.87 -7.39
N LYS E 154 27.35 34.57 -7.59
CA LYS E 154 28.28 34.06 -8.59
C LYS E 154 27.69 33.90 -9.99
N GLY E 155 26.44 34.35 -10.20
CA GLY E 155 25.79 34.24 -11.51
C GLY E 155 25.46 32.84 -11.95
N LEU E 156 25.35 31.92 -10.98
CA LEU E 156 24.94 30.57 -11.27
C LEU E 156 23.45 30.60 -11.46
N HIS E 157 22.96 29.69 -12.30
CA HIS E 157 21.55 29.65 -12.70
C HIS E 157 20.78 28.86 -11.65
N VAL E 158 20.56 29.53 -10.52
CA VAL E 158 20.11 28.89 -9.29
C VAL E 158 18.59 28.71 -9.29
N ARG E 159 18.12 27.55 -8.83
CA ARG E 159 16.70 27.32 -8.64
C ARG E 159 16.54 26.59 -7.35
N VAL E 160 15.53 26.96 -6.57
CA VAL E 160 15.25 26.34 -5.28
C VAL E 160 13.91 25.61 -5.39
N GLY E 161 13.92 24.28 -5.22
CA GLY E 161 12.67 23.55 -5.32
C GLY E 161 12.78 22.11 -4.88
N ASN E 162 11.86 21.27 -5.38
CA ASN E 162 11.95 19.82 -5.10
C ASN E 162 12.54 19.03 -6.24
N VAL E 163 13.08 17.87 -5.86
CA VAL E 163 13.64 16.91 -6.76
C VAL E 163 13.03 15.55 -6.47
N LEU E 164 13.32 14.62 -7.36
CA LEU E 164 12.89 13.25 -7.28
C LEU E 164 14.14 12.47 -6.99
N THR E 165 14.14 11.74 -5.87
CA THR E 165 15.14 10.72 -5.58
C THR E 165 14.62 9.39 -6.09
N ALA E 166 15.29 8.86 -7.12
CA ALA E 166 14.86 7.64 -7.80
C ALA E 166 15.75 6.46 -7.45
N ASP E 167 15.13 5.30 -7.31
CA ASP E 167 15.85 4.05 -7.13
C ASP E 167 16.36 3.51 -8.47
N VAL E 168 15.77 3.96 -9.58
CA VAL E 168 15.97 3.34 -10.84
C VAL E 168 16.45 4.39 -11.84
N PHE E 169 17.74 4.30 -12.21
CA PHE E 169 18.37 5.14 -13.21
C PHE E 169 17.79 4.84 -14.57
N TYR E 170 17.59 3.55 -14.86
CA TYR E 170 16.99 3.10 -16.12
C TYR E 170 15.55 2.66 -15.87
N ARG E 171 14.61 3.53 -16.22
CA ARG E 171 13.21 3.30 -15.91
C ARG E 171 12.44 2.94 -17.18
N GLU E 172 11.57 1.94 -17.08
CA GLU E 172 10.68 1.54 -18.18
C GLU E 172 9.80 2.70 -18.69
N SER E 173 8.94 3.18 -17.80
CA SER E 173 7.95 4.20 -18.12
C SER E 173 8.36 5.53 -17.50
N MET E 174 8.34 6.58 -18.31
CA MET E 174 8.62 7.94 -17.85
C MET E 174 7.38 8.75 -17.52
N ASP E 175 6.22 8.10 -17.58
CA ASP E 175 4.91 8.75 -17.46
C ASP E 175 4.78 9.57 -16.19
N MET E 176 5.23 8.96 -15.10
CA MET E 176 5.04 9.49 -13.78
C MET E 176 6.10 10.56 -13.49
N VAL E 177 7.31 10.38 -14.00
CA VAL E 177 8.35 11.42 -13.84
C VAL E 177 8.02 12.65 -14.72
N LYS E 178 7.38 12.43 -15.86
CA LYS E 178 6.81 13.57 -16.60
C LYS E 178 5.72 14.30 -15.78
N LYS E 179 4.79 13.56 -15.18
CA LYS E 179 3.76 14.14 -14.33
C LYS E 179 4.31 14.89 -13.09
N LEU E 180 5.39 14.38 -12.52
CA LEU E 180 6.08 15.07 -11.43
C LEU E 180 6.67 16.43 -11.90
N GLY E 181 7.23 16.46 -13.10
CA GLY E 181 7.65 17.71 -13.72
C GLY E 181 6.54 18.73 -13.88
N ASP E 182 5.36 18.27 -14.29
CA ASP E 182 4.14 19.09 -14.42
C ASP E 182 3.63 19.62 -13.07
N TYR E 183 4.01 18.99 -11.98
CA TYR E 183 3.74 19.50 -10.62
C TYR E 183 4.94 20.22 -10.04
N GLY E 184 5.85 20.63 -10.91
CA GLY E 184 6.98 21.52 -10.58
C GLY E 184 8.27 20.87 -10.08
N VAL E 185 8.33 19.55 -10.07
CA VAL E 185 9.53 18.83 -9.70
C VAL E 185 10.57 19.06 -10.79
N LEU E 186 11.78 19.47 -10.38
CA LEU E 186 12.73 20.08 -11.29
C LEU E 186 13.60 19.08 -11.99
N ALA E 187 14.02 18.06 -11.24
CA ALA E 187 15.04 17.16 -11.70
C ALA E 187 15.05 15.86 -10.92
N VAL E 188 15.78 14.90 -11.47
CA VAL E 188 15.85 13.56 -10.87
C VAL E 188 17.31 13.27 -10.52
N GLU E 189 17.50 12.77 -9.30
CA GLU E 189 18.79 12.27 -8.84
C GLU E 189 18.52 11.02 -7.99
N MET E 190 19.51 10.57 -7.22
CA MET E 190 19.40 9.25 -6.57
C MET E 190 19.82 9.20 -5.10
N GLU E 191 19.98 10.34 -4.42
CA GLU E 191 20.46 10.32 -3.03
C GLU E 191 19.73 11.20 -1.99
N THR E 192 19.21 12.37 -2.38
CA THR E 192 18.95 13.40 -1.36
C THR E 192 17.86 13.08 -0.36
N THR E 193 16.85 12.29 -0.74
CA THR E 193 15.86 11.87 0.25
C THR E 193 16.47 11.06 1.42
N ALA E 194 17.43 10.19 1.12
CA ALA E 194 18.21 9.51 2.16
C ALA E 194 18.99 10.48 3.02
N LEU E 195 19.73 11.38 2.36
CA LEU E 195 20.56 12.36 3.04
C LEU E 195 19.74 13.22 3.99
N TYR E 196 18.66 13.80 3.47
CA TYR E 196 17.81 14.71 4.25
C TYR E 196 17.06 13.97 5.36
N THR E 197 16.56 12.78 5.06
CA THR E 197 15.88 11.97 6.06
C THR E 197 16.82 11.58 7.23
N LEU E 198 18.02 11.10 6.96
CA LEU E 198 18.93 10.69 8.04
C LEU E 198 19.47 11.86 8.84
N ALA E 199 19.69 13.00 8.19
CA ALA E 199 20.16 14.20 8.90
C ALA E 199 19.10 14.67 9.91
N ALA E 200 17.86 14.74 9.45
CA ALA E 200 16.70 15.00 10.32
C ALA E 200 16.65 14.04 11.51
N LYS E 201 16.69 12.74 11.23
CA LYS E 201 16.70 11.71 12.28
C LYS E 201 17.72 11.96 13.39
N TYR E 202 18.94 12.37 13.03
CA TYR E 202 20.04 12.54 14.00
C TYR E 202 20.24 13.97 14.45
N GLY E 203 19.38 14.87 13.99
CA GLY E 203 19.42 16.27 14.43
C GLY E 203 20.58 17.06 13.89
N VAL E 204 21.02 16.72 12.68
CA VAL E 204 22.16 17.39 12.06
C VAL E 204 21.73 18.07 10.75
N ASN E 205 22.70 18.68 10.07
CA ASN E 205 22.42 19.63 9.01
C ASN E 205 22.87 19.13 7.68
N ALA E 206 21.96 19.16 6.71
CA ALA E 206 22.22 18.64 5.39
C ALA E 206 21.63 19.51 4.29
N LEU E 207 22.27 19.45 3.12
CA LEU E 207 21.82 20.16 1.92
C LEU E 207 22.31 19.43 0.67
N SER E 208 21.50 19.48 -0.38
CA SER E 208 21.91 19.04 -1.73
C SER E 208 21.87 20.21 -2.72
N VAL E 209 22.95 20.30 -3.49
CA VAL E 209 23.18 21.33 -4.49
C VAL E 209 23.64 20.55 -5.71
N LEU E 210 22.90 20.68 -6.82
CA LEU E 210 23.05 19.78 -7.97
C LEU E 210 22.98 20.53 -9.30
N THR E 211 23.98 20.31 -10.16
CA THR E 211 23.96 20.85 -11.49
C THR E 211 23.20 19.91 -12.41
N VAL E 212 22.37 20.48 -13.27
CA VAL E 212 21.73 19.73 -14.34
C VAL E 212 22.79 19.41 -15.37
N SER E 213 23.11 18.11 -15.50
CA SER E 213 23.96 17.61 -16.60
C SER E 213 23.19 17.24 -17.86
N ASP E 214 21.92 16.86 -17.72
CA ASP E 214 21.09 16.39 -18.86
C ASP E 214 19.65 16.78 -18.69
N HIS E 215 18.94 16.85 -19.80
CA HIS E 215 17.48 16.96 -19.80
C HIS E 215 16.91 15.65 -20.26
N ILE E 216 16.19 15.03 -19.33
CA ILE E 216 15.59 13.72 -19.50
C ILE E 216 14.67 13.66 -20.73
N PHE E 217 13.99 14.77 -21.04
CA PHE E 217 12.99 14.78 -22.11
C PHE E 217 13.46 15.45 -23.41
N THR E 218 14.13 16.59 -23.33
CA THR E 218 14.60 17.25 -24.57
C THR E 218 15.86 16.59 -25.10
N GLY E 219 16.55 15.81 -24.26
CA GLY E 219 17.77 15.13 -24.68
C GLY E 219 19.06 15.93 -24.60
N GLU E 220 18.96 17.17 -24.14
CA GLU E 220 20.14 18.05 -24.05
C GLU E 220 21.09 17.46 -23.03
N GLU E 221 22.38 17.60 -23.33
CA GLU E 221 23.40 17.02 -22.46
C GLU E 221 24.55 17.96 -22.27
N THR E 222 25.39 17.61 -21.30
CA THR E 222 26.59 18.36 -21.08
C THR E 222 27.75 17.41 -20.92
N THR E 223 28.91 18.01 -21.08
CA THR E 223 30.18 17.39 -20.94
C THR E 223 30.65 17.80 -19.56
N SER E 224 31.43 16.93 -18.94
CA SER E 224 32.05 17.20 -17.66
C SER E 224 32.81 18.54 -17.67
N GLU E 225 33.49 18.81 -18.77
CA GLU E 225 34.20 20.04 -19.00
C GLU E 225 33.26 21.27 -19.09
N GLU E 226 32.14 21.15 -19.81
CA GLU E 226 31.13 22.20 -19.89
C GLU E 226 30.59 22.60 -18.52
N ARG E 227 30.54 21.64 -17.59
CA ARG E 227 30.01 21.83 -16.23
C ARG E 227 31.05 22.31 -15.22
N GLN E 228 32.31 22.36 -15.61
CA GLN E 228 33.42 22.56 -14.68
C GLN E 228 33.43 23.90 -13.91
N THR E 229 33.31 25.03 -14.64
CA THR E 229 33.28 26.36 -14.01
C THR E 229 32.14 26.49 -13.02
N THR E 230 31.01 25.87 -13.35
CA THR E 230 29.86 25.80 -12.46
C THR E 230 30.15 24.92 -11.24
N PHE E 231 30.69 23.72 -11.46
CA PHE E 231 31.09 22.78 -10.39
C PHE E 231 32.04 23.44 -9.42
N ASN E 232 33.04 24.15 -9.94
CA ASN E 232 34.02 24.82 -9.11
C ASN E 232 33.45 25.93 -8.27
N GLU E 233 32.46 26.65 -8.79
CA GLU E 233 31.79 27.65 -7.99
C GLU E 233 30.98 26.98 -6.87
N MET E 234 30.32 25.87 -7.19
CA MET E 234 29.51 25.12 -6.21
C MET E 234 30.35 24.54 -5.07
N ILE E 235 31.54 24.04 -5.42
CA ILE E 235 32.51 23.51 -4.46
C ILE E 235 32.97 24.56 -3.47
N GLU E 236 33.30 25.74 -3.97
CA GLU E 236 33.63 26.88 -3.12
C GLU E 236 32.45 27.29 -2.23
N ILE E 237 31.24 27.34 -2.79
CA ILE E 237 30.04 27.66 -1.99
C ILE E 237 29.80 26.64 -0.85
N ALA E 238 29.97 25.36 -1.17
CA ALA E 238 29.77 24.27 -0.22
C ALA E 238 30.87 24.27 0.84
N LEU E 239 32.10 24.59 0.44
CA LEU E 239 33.24 24.64 1.36
C LEU E 239 33.06 25.77 2.36
N ASP E 240 32.67 26.95 1.89
CA ASP E 240 32.42 28.09 2.78
C ASP E 240 31.33 27.79 3.79
N ALA E 241 30.20 27.26 3.30
CA ALA E 241 29.06 26.92 4.16
C ALA E 241 29.47 25.86 5.16
N ALA E 242 30.23 24.87 4.70
CA ALA E 242 30.79 23.85 5.59
C ALA E 242 31.54 24.50 6.73
N ILE E 243 32.47 25.40 6.42
CA ILE E 243 33.37 25.95 7.45
C ILE E 243 32.78 27.08 8.33
N GLN E 244 31.54 27.53 8.06
CA GLN E 244 30.98 28.72 8.73
C GLN E 244 29.90 28.46 9.77
N MET F 11 -16.68 22.33 28.05
CA MET F 11 -17.02 22.37 26.59
C MET F 11 -15.87 21.87 25.72
N SER F 12 -16.17 21.53 24.47
CA SER F 12 -15.17 20.97 23.55
C SER F 12 -14.37 22.08 22.85
N VAL F 13 -13.38 21.69 22.04
CA VAL F 13 -12.50 22.69 21.44
C VAL F 13 -13.16 23.48 20.29
N HIS F 14 -14.13 22.89 19.59
CA HIS F 14 -14.78 23.54 18.42
C HIS F 14 -16.28 23.85 18.60
N ILE F 15 -16.81 23.56 19.78
CA ILE F 15 -18.21 23.83 20.14
C ILE F 15 -18.25 24.50 21.52
N GLU F 16 -18.89 25.66 21.59
CA GLU F 16 -19.01 26.44 22.83
C GLU F 16 -20.25 26.11 23.69
N ALA F 17 -20.99 25.05 23.36
CA ALA F 17 -22.13 24.69 24.17
C ALA F 17 -21.74 24.32 25.59
N LYS F 18 -22.68 24.55 26.48
CA LYS F 18 -22.58 24.14 27.86
C LYS F 18 -23.19 22.75 27.92
N GLN F 19 -23.05 22.10 29.07
CA GLN F 19 -23.61 20.77 29.25
C GLN F 19 -25.13 20.80 29.23
N GLY F 20 -25.70 19.94 28.41
CA GLY F 20 -27.16 19.85 28.32
C GLY F 20 -27.78 20.74 27.25
N GLU F 21 -26.98 21.57 26.58
CA GLU F 21 -27.52 22.43 25.53
C GLU F 21 -27.76 21.71 24.20
N ILE F 22 -27.18 20.52 24.04
CA ILE F 22 -27.31 19.75 22.83
C ILE F 22 -28.03 18.46 23.14
N ALA F 23 -29.07 18.16 22.35
CA ALA F 23 -29.88 16.95 22.41
C ALA F 23 -29.14 15.65 22.05
N GLU F 24 -29.71 14.52 22.48
CA GLU F 24 -29.13 13.19 22.21
C GLU F 24 -29.16 12.81 20.75
N SER F 25 -30.21 13.24 20.06
CA SER F 25 -30.39 13.06 18.65
C SER F 25 -30.11 14.37 17.91
N ILE F 26 -29.47 14.25 16.76
CA ILE F 26 -28.95 15.39 16.02
C ILE F 26 -28.90 15.12 14.50
N LEU F 27 -29.26 16.13 13.74
CA LEU F 27 -29.12 16.16 12.29
C LEU F 27 -27.83 16.90 11.97
N LEU F 28 -27.11 16.39 10.99
CA LEU F 28 -25.78 16.87 10.69
C LEU F 28 -25.70 17.29 9.23
N PRO F 29 -26.20 18.48 8.88
CA PRO F 29 -25.91 19.01 7.54
C PRO F 29 -24.48 19.56 7.47
N GLY F 30 -23.95 19.68 6.26
CA GLY F 30 -22.60 20.21 6.09
C GLY F 30 -22.56 21.71 6.25
N ASP F 31 -23.58 22.35 5.65
CA ASP F 31 -23.68 23.78 5.54
C ASP F 31 -24.37 24.32 6.81
N PRO F 32 -23.70 25.23 7.53
CA PRO F 32 -24.30 25.80 8.75
C PRO F 32 -25.54 26.67 8.47
N LEU F 33 -25.63 27.21 7.26
CA LEU F 33 -26.80 27.98 6.86
C LEU F 33 -27.98 27.04 6.56
N ARG F 34 -27.70 25.79 6.19
CA ARG F 34 -28.76 24.76 6.12
C ARG F 34 -29.18 24.29 7.50
N ALA F 35 -28.28 24.27 8.47
CA ALA F 35 -28.64 23.94 9.86
C ALA F 35 -29.62 24.98 10.41
N LYS F 36 -29.35 26.25 10.11
CA LYS F 36 -30.28 27.35 10.44
C LYS F 36 -31.63 27.18 9.73
N TYR F 37 -31.59 26.94 8.42
CA TYR F 37 -32.82 26.74 7.66
C TYR F 37 -33.67 25.63 8.30
N ILE F 38 -33.03 24.49 8.58
CA ILE F 38 -33.76 23.35 9.12
C ILE F 38 -34.32 23.68 10.49
N ALA F 39 -33.52 24.32 11.36
CA ALA F 39 -33.98 24.63 12.71
C ALA F 39 -35.17 25.61 12.66
N GLU F 40 -35.04 26.68 11.89
CA GLU F 40 -36.12 27.66 11.75
C GLU F 40 -37.35 27.06 11.04
N THR F 41 -37.15 26.14 10.09
CA THR F 41 -38.27 25.60 9.32
C THR F 41 -39.04 24.52 10.07
N PHE F 42 -38.33 23.60 10.70
CA PHE F 42 -38.96 22.41 11.29
C PHE F 42 -39.13 22.46 12.79
N LEU F 43 -38.38 23.32 13.45
CA LEU F 43 -38.21 23.22 14.90
C LEU F 43 -38.87 24.38 15.63
N GLU F 44 -39.31 24.08 16.86
CA GLU F 44 -39.90 25.04 17.77
C GLU F 44 -38.96 25.35 18.91
N ASP F 45 -39.16 26.51 19.51
CA ASP F 45 -38.37 26.94 20.66
C ASP F 45 -36.87 26.76 20.43
N VAL F 46 -36.36 27.31 19.34
CA VAL F 46 -34.97 27.01 18.99
C VAL F 46 -33.99 27.95 19.69
N THR F 47 -32.93 27.35 20.17
CA THR F 47 -31.76 28.03 20.70
C THR F 47 -30.57 27.77 19.77
N CYS F 48 -29.71 28.77 19.61
CA CYS F 48 -28.43 28.60 18.96
C CYS F 48 -27.30 28.50 19.98
N TYR F 49 -26.73 27.30 20.14
CA TYR F 49 -25.75 26.99 21.21
C TYR F 49 -24.29 27.16 20.78
N ASN F 50 -24.07 27.34 19.48
CA ASN F 50 -22.73 27.46 18.93
C ASN F 50 -22.61 28.42 17.74
N ASN F 51 -21.65 29.35 17.80
CA ASN F 51 -21.23 30.14 16.63
C ASN F 51 -19.71 30.18 16.46
N VAL F 52 -19.01 29.21 17.04
CA VAL F 52 -17.56 29.12 16.80
C VAL F 52 -17.30 28.63 15.37
N ARG F 53 -16.43 29.37 14.70
CA ARG F 53 -16.17 29.24 13.26
C ARG F 53 -17.36 29.50 12.34
N GLY F 54 -18.40 30.13 12.86
CA GLY F 54 -19.67 30.25 12.16
C GLY F 54 -20.37 28.92 11.97
N MET F 55 -19.94 27.88 12.67
CA MET F 55 -20.47 26.55 12.45
C MET F 55 -21.66 26.33 13.34
N LEU F 56 -22.76 26.94 12.90
CA LEU F 56 -23.98 27.12 13.68
C LEU F 56 -24.56 25.78 14.09
N GLY F 57 -25.02 25.73 15.34
CA GLY F 57 -25.73 24.60 15.87
C GLY F 57 -26.88 25.03 16.75
N PHE F 58 -27.97 24.30 16.66
CA PHE F 58 -29.23 24.67 17.25
C PHE F 58 -29.87 23.49 17.96
N THR F 59 -30.67 23.80 18.98
CA THR F 59 -31.53 22.82 19.61
C THR F 59 -32.96 23.35 19.64
N GLY F 60 -33.92 22.51 19.30
CA GLY F 60 -35.33 22.86 19.40
C GLY F 60 -36.17 21.63 19.64
N THR F 61 -37.46 21.74 19.40
CA THR F 61 -38.35 20.59 19.49
C THR F 61 -38.99 20.27 18.15
N TYR F 62 -39.13 18.98 17.88
CA TYR F 62 -39.90 18.52 16.74
C TYR F 62 -40.96 17.58 17.27
N LYS F 63 -42.23 17.88 16.96
CA LYS F 63 -43.35 17.08 17.43
C LYS F 63 -43.19 16.85 18.94
N GLY F 64 -42.94 17.94 19.67
CA GLY F 64 -42.77 17.88 21.12
C GLY F 64 -41.47 17.31 21.64
N LYS F 65 -40.65 16.71 20.76
CA LYS F 65 -39.41 16.03 21.19
C LYS F 65 -38.13 16.82 20.83
N ARG F 66 -37.20 16.83 21.77
CA ARG F 66 -36.00 17.63 21.68
C ARG F 66 -35.00 17.05 20.67
N VAL F 67 -34.48 17.91 19.81
CA VAL F 67 -33.59 17.47 18.73
C VAL F 67 -32.65 18.63 18.42
N SER F 68 -31.46 18.32 17.93
CA SER F 68 -30.48 19.33 17.57
C SER F 68 -30.14 19.25 16.09
N VAL F 69 -29.43 20.27 15.61
CA VAL F 69 -28.96 20.38 14.22
C VAL F 69 -27.62 21.15 14.25
N GLN F 70 -26.58 20.54 13.69
CA GLN F 70 -25.22 21.06 13.74
C GLN F 70 -24.56 21.02 12.35
N GLY F 71 -24.09 22.16 11.89
CA GLY F 71 -23.17 22.22 10.75
C GLY F 71 -21.92 21.38 11.02
N THR F 72 -21.45 20.69 9.98
CA THR F 72 -20.24 19.87 10.06
C THR F 72 -19.06 20.38 9.21
N GLY F 73 -19.32 21.28 8.26
CA GLY F 73 -18.33 21.60 7.22
C GLY F 73 -18.15 20.46 6.21
N MET F 74 -17.14 20.61 5.35
CA MET F 74 -16.92 19.67 4.23
C MET F 74 -15.71 18.73 4.41
N GLY F 75 -15.93 17.47 4.06
CA GLY F 75 -14.89 16.46 4.05
C GLY F 75 -14.79 15.68 5.33
N VAL F 76 -14.15 14.54 5.25
CA VAL F 76 -13.98 13.61 6.38
C VAL F 76 -13.37 14.26 7.62
N PRO F 77 -12.26 15.00 7.46
CA PRO F 77 -11.57 15.56 8.63
C PRO F 77 -12.39 16.57 9.47
N SER F 78 -13.18 17.40 8.79
CA SER F 78 -14.03 18.39 9.44
C SER F 78 -15.20 17.72 10.18
N ILE F 79 -15.96 16.90 9.48
CA ILE F 79 -17.05 16.19 10.16
C ILE F 79 -16.55 15.32 11.33
N SER F 80 -15.36 14.73 11.18
CA SER F 80 -14.75 13.90 12.23
C SER F 80 -14.54 14.63 13.56
N ILE F 81 -14.03 15.85 13.49
CA ILE F 81 -13.85 16.73 14.66
C ILE F 81 -15.18 16.94 15.41
N TYR F 82 -16.21 17.30 14.67
CA TYR F 82 -17.53 17.55 15.25
C TYR F 82 -18.22 16.30 15.81
N VAL F 83 -18.14 15.20 15.09
CA VAL F 83 -18.70 13.95 15.58
C VAL F 83 -17.98 13.46 16.87
N ASN F 84 -16.66 13.52 16.87
CA ASN F 84 -15.88 13.15 18.07
C ASN F 84 -16.31 13.96 19.29
N GLU F 85 -16.38 15.28 19.11
CA GLU F 85 -16.77 16.21 20.17
C GLU F 85 -18.22 16.10 20.58
N LEU F 86 -19.14 15.96 19.64
CA LEU F 86 -20.58 15.74 19.96
C LEU F 86 -20.79 14.48 20.81
N ILE F 87 -20.18 13.38 20.38
CA ILE F 87 -20.23 12.11 21.11
C ILE F 87 -19.51 12.16 22.46
N GLN F 88 -18.25 12.58 22.48
CA GLN F 88 -17.45 12.49 23.71
C GLN F 88 -17.80 13.56 24.75
N SER F 89 -18.11 14.78 24.32
CA SER F 89 -18.33 15.88 25.26
C SER F 89 -19.79 16.16 25.58
N TYR F 90 -20.69 15.79 24.67
CA TYR F 90 -22.09 16.21 24.76
C TYR F 90 -23.11 15.08 24.87
N GLY F 91 -22.63 13.84 25.01
CA GLY F 91 -23.51 12.69 25.19
C GLY F 91 -24.46 12.37 24.03
N VAL F 92 -24.12 12.80 22.81
CA VAL F 92 -24.97 12.56 21.64
C VAL F 92 -24.91 11.07 21.30
N LYS F 93 -26.08 10.48 21.03
CA LYS F 93 -26.22 9.03 20.81
C LYS F 93 -26.72 8.63 19.40
N ASN F 94 -27.45 9.54 18.74
CA ASN F 94 -28.01 9.31 17.39
C ASN F 94 -27.64 10.46 16.46
N LEU F 95 -27.00 10.12 15.35
CA LEU F 95 -26.42 11.12 14.48
C LEU F 95 -26.83 10.84 13.05
N ILE F 96 -27.60 11.77 12.46
CA ILE F 96 -28.06 11.57 11.10
C ILE F 96 -27.57 12.67 10.18
N ARG F 97 -26.70 12.29 9.26
CA ARG F 97 -26.26 13.20 8.23
CA ARG F 97 -26.28 13.20 8.23
C ARG F 97 -27.40 13.37 7.25
N VAL F 98 -27.65 14.60 6.85
CA VAL F 98 -28.63 14.93 5.86
C VAL F 98 -27.94 15.89 4.88
N GLY F 99 -28.40 15.91 3.64
CA GLY F 99 -27.87 16.81 2.62
C GLY F 99 -28.09 16.28 1.22
N THR F 100 -27.21 16.65 0.30
CA THR F 100 -27.34 16.20 -1.06
C THR F 100 -26.16 15.36 -1.52
N CYS F 101 -26.32 14.73 -2.68
CA CYS F 101 -25.27 13.94 -3.29
C CYS F 101 -25.38 13.97 -4.82
N GLY F 102 -24.32 13.54 -5.49
CA GLY F 102 -24.31 13.43 -6.94
C GLY F 102 -24.41 11.97 -7.32
N ALA F 103 -25.45 11.61 -8.07
CA ALA F 103 -25.67 10.20 -8.46
C ALA F 103 -24.63 9.75 -9.47
N ILE F 104 -24.17 8.51 -9.31
CA ILE F 104 -23.22 7.91 -10.23
C ILE F 104 -23.65 6.54 -10.80
N GLN F 105 -24.70 5.94 -10.26
CA GLN F 105 -25.23 4.67 -10.76
C GLN F 105 -26.25 5.00 -11.84
N LYS F 106 -26.32 4.13 -12.84
CA LYS F 106 -26.99 4.45 -14.09
C LYS F 106 -28.49 4.68 -13.95
N ASP F 107 -29.11 4.04 -12.97
CA ASP F 107 -30.55 4.03 -12.81
C ASP F 107 -31.00 4.95 -11.66
N VAL F 108 -30.07 5.62 -11.01
CA VAL F 108 -30.39 6.53 -9.92
C VAL F 108 -30.71 7.89 -10.55
N LYS F 109 -31.69 8.58 -9.99
CA LYS F 109 -32.28 9.78 -10.58
C LYS F 109 -32.25 10.95 -9.60
N VAL F 110 -32.22 12.16 -10.13
CA VAL F 110 -32.35 13.36 -9.27
C VAL F 110 -33.65 13.24 -8.45
N ARG F 111 -33.60 13.73 -7.22
CA ARG F 111 -34.73 13.69 -6.28
C ARG F 111 -34.87 12.35 -5.53
N ASP F 112 -34.15 11.31 -5.96
CA ASP F 112 -34.08 10.05 -5.21
C ASP F 112 -33.43 10.34 -3.86
N VAL F 113 -33.86 9.65 -2.79
CA VAL F 113 -33.13 9.75 -1.53
C VAL F 113 -32.35 8.45 -1.20
N ILE F 114 -31.04 8.65 -0.98
CA ILE F 114 -30.11 7.56 -0.72
C ILE F 114 -29.97 7.43 0.78
N ILE F 115 -30.18 6.20 1.26
CA ILE F 115 -29.84 5.85 2.63
C ILE F 115 -28.63 4.90 2.54
N ALA F 116 -27.48 5.38 3.00
CA ALA F 116 -26.24 4.64 2.88
C ALA F 116 -26.17 3.49 3.87
N MET F 117 -26.14 2.27 3.36
CA MET F 117 -25.83 1.06 4.16
C MET F 117 -24.37 1.07 4.60
N THR F 118 -23.49 1.49 3.68
CA THR F 118 -22.05 1.60 3.90
C THR F 118 -21.54 2.71 3.01
N ALA F 119 -20.23 2.95 3.14
CA ALA F 119 -19.51 3.86 2.29
C ALA F 119 -18.17 3.26 1.80
N CYS F 120 -17.86 3.50 0.52
CA CYS F 120 -16.49 3.36 -0.01
C CYS F 120 -15.73 4.67 0.21
N THR F 121 -14.41 4.62 0.14
CA THR F 121 -13.65 5.86 0.21
C THR F 121 -12.26 5.76 -0.38
N ASP F 122 -11.78 6.89 -0.92
CA ASP F 122 -10.36 7.11 -1.20
C ASP F 122 -9.64 7.80 -0.02
N SER F 123 -10.37 8.14 1.04
CA SER F 123 -9.75 8.60 2.26
C SER F 123 -8.81 7.51 2.84
N ASN F 124 -7.74 7.96 3.51
CA ASN F 124 -6.78 7.06 4.12
C ASN F 124 -7.06 6.83 5.62
N MET F 125 -8.13 7.43 6.16
CA MET F 125 -8.40 7.37 7.61
C MET F 125 -8.49 5.94 8.20
N ASN F 126 -9.16 5.03 7.49
CA ASN F 126 -9.32 3.64 7.96
C ASN F 126 -8.17 2.70 7.57
N ARG F 127 -7.52 2.94 6.42
CA ARG F 127 -6.32 2.19 6.08
C ARG F 127 -5.18 2.40 7.10
N LEU F 128 -5.13 3.58 7.68
CA LEU F 128 -4.18 3.91 8.73
C LEU F 128 -4.55 3.16 10.01
N THR F 129 -5.84 3.06 10.29
CA THR F 129 -6.34 2.40 11.50
C THR F 129 -6.26 0.87 11.45
N PHE F 130 -6.54 0.30 10.28
CA PHE F 130 -6.51 -1.14 10.08
C PHE F 130 -5.61 -1.47 8.89
N PRO F 131 -4.27 -1.40 9.07
CA PRO F 131 -3.37 -1.58 7.93
C PRO F 131 -3.57 -2.96 7.27
N GLY F 132 -3.69 -2.99 5.95
CA GLY F 132 -3.88 -4.23 5.21
C GLY F 132 -5.32 -4.69 5.08
N PHE F 133 -6.24 -4.03 5.78
CA PHE F 133 -7.68 -4.36 5.73
C PHE F 133 -8.49 -3.28 4.99
N ASP F 134 -9.56 -3.70 4.33
CA ASP F 134 -10.62 -2.79 3.84
C ASP F 134 -11.67 -2.75 4.94
N PHE F 135 -11.82 -1.57 5.57
CA PHE F 135 -12.88 -1.38 6.55
C PHE F 135 -14.14 -0.90 5.87
N ALA F 136 -15.20 -1.69 6.02
CA ALA F 136 -16.52 -1.36 5.53
C ALA F 136 -17.34 -0.88 6.74
N PRO F 137 -17.50 0.45 6.89
CA PRO F 137 -18.22 0.96 8.04
C PRO F 137 -19.71 0.82 7.79
N ALA F 138 -20.49 0.55 8.82
CA ALA F 138 -21.88 0.19 8.65
C ALA F 138 -22.86 1.15 9.34
N ALA F 139 -23.96 1.44 8.65
CA ALA F 139 -25.03 2.23 9.25
C ALA F 139 -25.65 1.46 10.42
N ASN F 140 -26.12 2.17 11.44
CA ASN F 140 -27.04 1.55 12.41
C ASN F 140 -28.30 1.03 11.70
N PHE F 141 -28.56 -0.27 11.81
CA PHE F 141 -29.70 -0.87 11.10
C PHE F 141 -31.07 -0.39 11.59
N ASP F 142 -31.22 -0.23 12.91
CA ASP F 142 -32.47 0.23 13.48
C ASP F 142 -32.86 1.63 12.96
N LEU F 143 -31.90 2.54 12.97
CA LEU F 143 -32.09 3.84 12.35
C LEU F 143 -32.42 3.72 10.88
N LEU F 144 -31.69 2.85 10.18
CA LEU F 144 -31.84 2.70 8.74
C LEU F 144 -33.24 2.17 8.36
N LYS F 145 -33.71 1.16 9.09
CA LYS F 145 -35.04 0.62 8.84
C LYS F 145 -36.11 1.66 9.10
N LYS F 146 -35.94 2.44 10.19
CA LYS F 146 -36.87 3.55 10.48
C LYS F 146 -37.01 4.58 9.36
N ALA F 147 -35.86 5.05 8.84
CA ALA F 147 -35.83 5.99 7.71
C ALA F 147 -36.40 5.37 6.45
N TYR F 148 -35.96 4.16 6.13
CA TYR F 148 -36.45 3.48 4.95
C TYR F 148 -37.97 3.42 4.98
N ASP F 149 -38.52 2.91 6.10
CA ASP F 149 -39.96 2.73 6.31
C ASP F 149 -40.71 4.07 6.26
N ALA F 150 -40.14 5.12 6.85
CA ALA F 150 -40.75 6.44 6.84
C ALA F 150 -40.77 7.00 5.40
N GLY F 151 -39.67 6.83 4.69
CA GLY F 151 -39.58 7.28 3.31
C GLY F 151 -40.49 6.51 2.36
N THR F 152 -40.59 5.22 2.55
CA THR F 152 -41.44 4.41 1.68
C THR F 152 -42.92 4.72 1.92
N GLU F 153 -43.30 4.91 3.18
CA GLU F 153 -44.64 5.33 3.54
C GLU F 153 -45.02 6.66 2.90
N LYS F 154 -44.04 7.55 2.77
CA LYS F 154 -44.16 8.83 2.07
C LYS F 154 -44.19 8.76 0.53
N GLY F 155 -43.60 7.73 -0.07
CA GLY F 155 -43.61 7.58 -1.52
C GLY F 155 -42.33 8.05 -2.18
N LEU F 156 -41.32 8.38 -1.38
CA LEU F 156 -40.00 8.76 -1.88
C LEU F 156 -39.33 7.57 -2.55
N HIS F 157 -38.53 7.83 -3.57
CA HIS F 157 -37.77 6.79 -4.24
C HIS F 157 -36.47 6.64 -3.44
N VAL F 158 -36.59 5.83 -2.41
CA VAL F 158 -35.53 5.63 -1.49
C VAL F 158 -34.67 4.45 -1.97
N ARG F 159 -33.37 4.68 -2.14
CA ARG F 159 -32.43 3.65 -2.58
C ARG F 159 -31.49 3.38 -1.41
N VAL F 160 -31.47 2.13 -0.95
CA VAL F 160 -30.58 1.69 0.13
C VAL F 160 -29.39 0.94 -0.51
N GLY F 161 -28.17 1.40 -0.21
CA GLY F 161 -26.98 0.86 -0.82
C GLY F 161 -25.75 1.58 -0.36
N ASN F 162 -24.65 1.37 -1.06
CA ASN F 162 -23.39 2.08 -0.71
C ASN F 162 -23.22 3.36 -1.52
N VAL F 163 -22.39 4.23 -0.95
CA VAL F 163 -22.05 5.51 -1.53
C VAL F 163 -20.53 5.59 -1.57
N LEU F 164 -20.02 6.53 -2.34
CA LEU F 164 -18.61 6.91 -2.25
C LEU F 164 -18.48 8.17 -1.43
N THR F 165 -17.79 8.03 -0.30
CA THR F 165 -17.21 9.18 0.41
C THR F 165 -15.91 9.58 -0.29
N ALA F 166 -15.97 10.64 -1.09
CA ALA F 166 -14.79 11.15 -1.77
C ALA F 166 -13.94 12.00 -0.83
N ASP F 167 -12.62 11.85 -0.96
CA ASP F 167 -11.68 12.71 -0.25
C ASP F 167 -11.24 13.91 -1.12
N VAL F 168 -11.69 13.94 -2.39
CA VAL F 168 -11.46 15.07 -3.32
C VAL F 168 -12.72 15.45 -4.07
N PHE F 169 -13.01 16.76 -4.13
CA PHE F 169 -14.15 17.30 -4.88
C PHE F 169 -13.79 17.53 -6.36
N TYR F 170 -12.60 18.09 -6.62
CA TYR F 170 -12.15 18.36 -8.00
C TYR F 170 -11.10 17.32 -8.30
N ARG F 171 -11.58 16.24 -8.88
CA ARG F 171 -10.80 15.05 -9.15
C ARG F 171 -10.24 15.18 -10.56
N GLU F 172 -9.00 14.75 -10.78
CA GLU F 172 -8.40 14.88 -12.11
C GLU F 172 -9.00 13.95 -13.17
N SER F 173 -9.34 12.72 -12.78
CA SER F 173 -10.10 11.83 -13.65
C SER F 173 -11.33 11.26 -12.97
N MET F 174 -12.36 10.98 -13.76
CA MET F 174 -13.59 10.41 -13.25
C MET F 174 -13.74 8.90 -13.52
N ASP F 175 -12.67 8.26 -13.98
CA ASP F 175 -12.74 6.86 -14.38
C ASP F 175 -13.05 5.95 -13.21
N MET F 176 -12.47 6.25 -12.06
CA MET F 176 -12.63 5.36 -10.92
C MET F 176 -14.00 5.54 -10.30
N VAL F 177 -14.50 6.76 -10.23
CA VAL F 177 -15.86 6.98 -9.74
C VAL F 177 -16.90 6.41 -10.73
N LYS F 178 -16.60 6.46 -12.02
CA LYS F 178 -17.47 5.84 -13.03
C LYS F 178 -17.50 4.32 -12.86
N LYS F 179 -16.33 3.70 -12.64
CA LYS F 179 -16.24 2.26 -12.41
C LYS F 179 -17.00 1.83 -11.16
N LEU F 180 -16.80 2.58 -10.06
CA LEU F 180 -17.58 2.36 -8.83
C LEU F 180 -19.09 2.36 -9.08
N GLY F 181 -19.55 3.31 -9.88
CA GLY F 181 -20.96 3.39 -10.28
C GLY F 181 -21.37 2.21 -11.14
N ASP F 182 -20.45 1.71 -11.96
CA ASP F 182 -20.66 0.47 -12.71
C ASP F 182 -20.83 -0.72 -11.79
N TYR F 183 -20.20 -0.69 -10.61
CA TYR F 183 -20.34 -1.73 -9.59
C TYR F 183 -21.43 -1.41 -8.56
N GLY F 184 -22.41 -0.59 -8.95
CA GLY F 184 -23.60 -0.33 -8.15
C GLY F 184 -23.54 0.77 -7.08
N VAL F 185 -22.38 1.40 -6.88
CA VAL F 185 -22.27 2.51 -5.92
C VAL F 185 -23.19 3.65 -6.38
N LEU F 186 -24.05 4.11 -5.48
CA LEU F 186 -25.22 4.89 -5.86
C LEU F 186 -24.92 6.34 -6.13
N ALA F 187 -24.05 6.91 -5.30
CA ALA F 187 -23.84 8.36 -5.30
C ALA F 187 -22.54 8.71 -4.59
N VAL F 188 -22.09 9.95 -4.79
CA VAL F 188 -20.89 10.44 -4.14
C VAL F 188 -21.19 11.62 -3.21
N GLU F 189 -20.46 11.64 -2.12
CA GLU F 189 -20.54 12.66 -1.12
C GLU F 189 -19.16 12.64 -0.43
N MET F 190 -19.00 13.28 0.74
CA MET F 190 -17.68 13.50 1.28
C MET F 190 -17.53 13.30 2.79
N GLU F 191 -18.53 12.68 3.41
CA GLU F 191 -18.54 12.64 4.85
C GLU F 191 -18.88 11.29 5.46
N THR F 192 -19.66 10.42 4.81
CA THR F 192 -20.32 9.38 5.62
C THR F 192 -19.43 8.30 6.23
N THR F 193 -18.26 8.00 5.63
CA THR F 193 -17.42 6.96 6.24
C THR F 193 -16.90 7.46 7.57
N ALA F 194 -16.64 8.77 7.68
CA ALA F 194 -16.19 9.34 8.96
C ALA F 194 -17.24 9.13 10.05
N LEU F 195 -18.50 9.50 9.75
CA LEU F 195 -19.61 9.36 10.68
C LEU F 195 -19.83 7.90 11.12
N TYR F 196 -19.89 7.01 10.14
CA TYR F 196 -20.18 5.61 10.38
C TYR F 196 -19.06 4.95 11.17
N THR F 197 -17.83 5.33 10.87
CA THR F 197 -16.67 4.72 11.52
C THR F 197 -16.57 5.17 12.98
N LEU F 198 -16.71 6.48 13.23
CA LEU F 198 -16.65 7.00 14.60
C LEU F 198 -17.84 6.56 15.42
N ALA F 199 -19.03 6.54 14.82
CA ALA F 199 -20.22 6.07 15.54
C ALA F 199 -20.02 4.63 15.99
N ALA F 200 -19.52 3.79 15.09
CA ALA F 200 -19.18 2.41 15.42
C ALA F 200 -18.14 2.30 16.52
N LYS F 201 -17.04 3.06 16.39
CA LYS F 201 -16.00 3.10 17.41
C LYS F 201 -16.57 3.43 18.80
N TYR F 202 -17.53 4.35 18.89
CA TYR F 202 -18.06 4.79 20.19
C TYR F 202 -19.29 4.03 20.66
N GLY F 203 -19.86 3.17 19.80
CA GLY F 203 -21.04 2.39 20.17
C GLY F 203 -22.35 3.16 20.14
N VAL F 204 -22.43 4.17 19.28
CA VAL F 204 -23.62 4.99 19.08
C VAL F 204 -24.16 4.81 17.66
N ASN F 205 -25.27 5.45 17.34
CA ASN F 205 -26.06 5.14 16.16
C ASN F 205 -26.00 6.22 15.12
N ALA F 206 -25.73 5.83 13.87
CA ALA F 206 -25.49 6.76 12.78
C ALA F 206 -26.15 6.31 11.49
N LEU F 207 -26.50 7.31 10.69
CA LEU F 207 -27.13 7.12 9.40
C LEU F 207 -26.90 8.34 8.53
N SER F 208 -26.94 8.15 7.22
CA SER F 208 -26.82 9.21 6.24
C SER F 208 -27.99 9.09 5.27
N VAL F 209 -28.73 10.17 5.13
CA VAL F 209 -29.88 10.22 4.22
C VAL F 209 -29.66 11.45 3.35
N LEU F 210 -29.62 11.24 2.03
CA LEU F 210 -29.14 12.23 1.11
C LEU F 210 -30.08 12.33 -0.07
N THR F 211 -30.37 13.54 -0.53
CA THR F 211 -31.17 13.75 -1.72
C THR F 211 -30.22 13.88 -2.90
N VAL F 212 -30.54 13.22 -4.01
CA VAL F 212 -29.79 13.40 -5.26
C VAL F 212 -30.18 14.75 -5.92
N SER F 213 -29.19 15.63 -5.99
CA SER F 213 -29.31 16.95 -6.59
C SER F 213 -28.96 16.90 -8.08
N ASP F 214 -28.00 16.06 -8.44
CA ASP F 214 -27.64 15.89 -9.84
C ASP F 214 -27.09 14.51 -10.09
N HIS F 215 -27.07 14.14 -11.38
CA HIS F 215 -26.40 12.96 -11.86
C HIS F 215 -25.10 13.36 -12.56
N ILE F 216 -24.01 12.82 -12.03
CA ILE F 216 -22.65 13.15 -12.45
C ILE F 216 -22.35 12.72 -13.89
N PHE F 217 -22.99 11.65 -14.37
CA PHE F 217 -22.73 11.17 -15.73
C PHE F 217 -23.79 11.50 -16.76
N THR F 218 -25.07 11.54 -16.38
CA THR F 218 -26.11 11.92 -17.31
C THR F 218 -26.18 13.44 -17.46
N GLY F 219 -25.82 14.12 -16.38
CA GLY F 219 -25.83 15.58 -16.35
C GLY F 219 -27.17 16.17 -15.93
N GLU F 220 -28.14 15.32 -15.59
CA GLU F 220 -29.35 15.79 -14.95
C GLU F 220 -28.98 16.59 -13.74
N GLU F 221 -29.53 17.78 -13.67
CA GLU F 221 -29.32 18.62 -12.52
C GLU F 221 -30.62 19.25 -12.11
N THR F 222 -30.57 19.73 -10.90
CA THR F 222 -31.70 20.24 -10.23
C THR F 222 -31.18 21.40 -9.38
N THR F 223 -31.99 22.44 -9.34
CA THR F 223 -31.78 23.58 -8.50
C THR F 223 -32.26 23.24 -7.08
N SER F 224 -31.70 23.88 -6.06
CA SER F 224 -32.21 23.67 -4.70
C SER F 224 -33.69 24.09 -4.54
N GLU F 225 -34.12 25.11 -5.28
CA GLU F 225 -35.55 25.46 -5.37
C GLU F 225 -36.38 24.30 -5.97
N GLU F 226 -35.92 23.78 -7.11
CA GLU F 226 -36.53 22.65 -7.78
C GLU F 226 -36.72 21.42 -6.90
N ARG F 227 -35.84 21.17 -5.93
CA ARG F 227 -35.91 19.94 -5.11
C ARG F 227 -36.28 20.19 -3.65
N GLN F 228 -36.82 21.38 -3.39
CA GLN F 228 -37.12 21.77 -2.02
C GLN F 228 -38.10 20.86 -1.29
N THR F 229 -39.17 20.38 -1.94
CA THR F 229 -40.13 19.56 -1.19
C THR F 229 -39.62 18.13 -0.92
N THR F 230 -38.81 17.60 -1.83
CA THR F 230 -38.08 16.35 -1.60
C THR F 230 -37.13 16.49 -0.41
N PHE F 231 -36.32 17.54 -0.45
CA PHE F 231 -35.47 17.89 0.67
C PHE F 231 -36.24 18.02 1.98
N ASN F 232 -37.38 18.70 1.97
CA ASN F 232 -38.15 18.85 3.20
C ASN F 232 -38.61 17.50 3.73
N GLU F 233 -38.96 16.60 2.82
CA GLU F 233 -39.42 15.24 3.21
C GLU F 233 -38.29 14.34 3.71
N MET F 234 -37.09 14.51 3.14
CA MET F 234 -35.88 13.91 3.71
C MET F 234 -35.62 14.33 5.18
N ILE F 235 -35.74 15.62 5.48
CA ILE F 235 -35.56 16.14 6.83
C ILE F 235 -36.63 15.52 7.74
N GLU F 236 -37.87 15.51 7.26
CA GLU F 236 -39.00 14.87 7.95
C GLU F 236 -38.69 13.43 8.39
N ILE F 237 -38.28 12.58 7.44
CA ILE F 237 -38.04 11.16 7.73
C ILE F 237 -36.84 10.98 8.65
N ALA F 238 -35.86 11.86 8.49
CA ALA F 238 -34.64 11.84 9.31
C ALA F 238 -34.93 12.28 10.72
N LEU F 239 -35.78 13.30 10.88
CA LEU F 239 -36.30 13.68 12.21
C LEU F 239 -37.11 12.53 12.82
N ASP F 240 -38.06 11.97 12.07
CA ASP F 240 -38.84 10.83 12.57
C ASP F 240 -37.93 9.70 13.08
N ALA F 241 -36.91 9.33 12.29
CA ALA F 241 -36.02 8.23 12.65
C ALA F 241 -35.19 8.50 13.92
N ALA F 242 -34.76 9.75 14.08
CA ALA F 242 -33.93 10.14 15.23
C ALA F 242 -34.76 10.23 16.53
N ILE F 243 -35.88 10.93 16.47
CA ILE F 243 -36.77 11.07 17.63
C ILE F 243 -37.18 9.70 18.19
CL CL G . -12.83 -25.11 -3.77
CL CL H . 28.36 1.75 -3.45
CL CL I . 1.54 37.06 22.22
CL CL J . -0.98 11.34 0.01
CL CL K . 2.53 -38.53 -24.63
CL CL L . -39.11 18.17 -5.18
#